data_1XKM
#
_entry.id   1XKM
#
loop_
_entity.id
_entity.type
_entity.pdbx_description
1 polymer 'Distinctin chain A'
2 polymer 'Distinctin chain B'
#
loop_
_entity_poly.entity_id
_entity_poly.type
_entity_poly.pdbx_seq_one_letter_code
_entity_poly.pdbx_strand_id
1 'polypeptide(L)' ENREVPPGFTALIKTLRKCKII A,C
2 'polypeptide(L)' NLVSGLIEARKYLEQLHRKLKNCKV B,D
#
# COMPACT_ATOMS: atom_id res chain seq x y z
N GLU A 1 -8.06 -13.91 -6.25
CA GLU A 1 -8.50 -13.31 -4.97
C GLU A 1 -9.81 -12.50 -5.14
N ASN A 2 -10.82 -12.84 -4.34
CA ASN A 2 -12.12 -12.17 -4.35
C ASN A 2 -12.02 -10.68 -3.96
N ARG A 3 -11.36 -10.37 -2.84
CA ARG A 3 -11.26 -9.01 -2.29
C ARG A 3 -9.81 -8.54 -2.26
N GLU A 4 -9.22 -8.37 -3.46
CA GLU A 4 -7.81 -8.02 -3.59
C GLU A 4 -7.58 -6.51 -3.38
N VAL A 5 -6.58 -6.14 -2.58
CA VAL A 5 -6.22 -4.75 -2.26
C VAL A 5 -7.34 -4.10 -1.42
N PRO A 6 -7.28 -4.18 -0.08
CA PRO A 6 -8.40 -3.84 0.78
C PRO A 6 -8.48 -2.32 1.02
N PRO A 7 -9.61 -1.81 1.51
CA PRO A 7 -9.76 -0.43 1.97
C PRO A 7 -8.59 0.07 2.83
N GLY A 8 -8.04 -0.79 3.68
CA GLY A 8 -6.80 -0.54 4.44
C GLY A 8 -5.69 0.10 3.60
N PHE A 9 -5.48 -0.39 2.36
CA PHE A 9 -4.52 0.23 1.44
C PHE A 9 -4.89 1.69 1.13
N THR A 10 -6.17 1.95 0.85
CA THR A 10 -6.65 3.32 0.59
C THR A 10 -6.45 4.21 1.82
N ALA A 11 -6.80 3.70 3.00
CA ALA A 11 -6.59 4.41 4.27
C ALA A 11 -5.09 4.70 4.52
N LEU A 12 -4.22 3.70 4.30
CA LEU A 12 -2.78 3.87 4.32
C LEU A 12 -2.35 4.99 3.36
N ILE A 13 -2.65 4.86 2.07
CA ILE A 13 -2.34 5.88 1.06
C ILE A 13 -2.82 7.27 1.48
N LYS A 14 -4.07 7.40 1.91
CA LYS A 14 -4.64 8.66 2.40
C LYS A 14 -3.79 9.24 3.54
N THR A 15 -3.56 8.46 4.60
CA THR A 15 -2.73 8.90 5.72
C THR A 15 -1.28 9.20 5.33
N LEU A 16 -0.69 8.44 4.41
CA LEU A 16 0.63 8.72 3.82
C LEU A 16 0.63 10.10 3.14
N ARG A 17 -0.28 10.30 2.19
CA ARG A 17 -0.44 11.57 1.49
C ARG A 17 -0.67 12.73 2.48
N LYS A 18 -1.54 12.56 3.48
CA LYS A 18 -1.74 13.54 4.54
C LYS A 18 -0.41 13.85 5.26
N CYS A 19 0.25 12.85 5.83
CA CYS A 19 1.55 12.97 6.49
C CYS A 19 2.59 13.70 5.63
N LYS A 20 2.68 13.33 4.34
CA LYS A 20 3.52 13.98 3.35
C LYS A 20 3.10 15.44 3.07
N ILE A 21 1.80 15.73 3.10
CA ILE A 21 1.17 17.02 2.79
C ILE A 21 1.22 17.31 1.28
N ILE A 22 2.42 17.32 0.69
CA ILE A 22 2.63 17.48 -0.74
C ILE A 22 1.95 16.34 -1.52
N ASN B 1 4.70 -19.95 4.74
CA ASN B 1 3.32 -20.34 5.12
C ASN B 1 2.28 -19.27 4.74
N LEU B 2 1.21 -19.70 4.06
CA LEU B 2 0.22 -18.81 3.45
C LEU B 2 -0.42 -17.83 4.45
N VAL B 3 -1.04 -18.37 5.51
CA VAL B 3 -1.71 -17.56 6.52
C VAL B 3 -0.71 -16.69 7.29
N SER B 4 0.46 -17.22 7.64
CA SER B 4 1.55 -16.43 8.24
C SER B 4 1.90 -15.22 7.36
N GLY B 5 2.12 -15.46 6.07
CA GLY B 5 2.31 -14.41 5.08
C GLY B 5 1.18 -13.37 5.13
N LEU B 6 -0.07 -13.81 5.09
CA LEU B 6 -1.23 -12.92 5.12
C LEU B 6 -1.26 -12.05 6.39
N ILE B 7 -1.24 -12.67 7.57
CA ILE B 7 -1.28 -11.91 8.82
C ILE B 7 -0.06 -11.00 8.97
N GLU B 8 1.14 -11.44 8.55
CA GLU B 8 2.33 -10.60 8.58
C GLU B 8 2.21 -9.38 7.63
N ALA B 9 1.77 -9.61 6.38
CA ALA B 9 1.47 -8.53 5.44
C ALA B 9 0.45 -7.54 6.02
N ARG B 10 -0.64 -8.07 6.60
CA ARG B 10 -1.64 -7.26 7.30
C ARG B 10 -1.01 -6.44 8.44
N LYS B 11 -0.25 -7.08 9.34
CA LYS B 11 0.46 -6.41 10.44
C LYS B 11 1.35 -5.27 9.92
N TYR B 12 2.19 -5.56 8.93
CA TYR B 12 3.04 -4.59 8.26
C TYR B 12 2.23 -3.39 7.73
N LEU B 13 1.23 -3.66 6.89
CA LEU B 13 0.31 -2.63 6.37
C LEU B 13 -0.30 -1.80 7.50
N GLU B 14 -0.96 -2.46 8.45
CA GLU B 14 -1.59 -1.83 9.60
C GLU B 14 -0.61 -0.95 10.39
N GLN B 15 0.58 -1.47 10.72
CA GLN B 15 1.58 -0.73 11.46
C GLN B 15 2.03 0.53 10.71
N LEU B 16 2.33 0.41 9.41
CA LEU B 16 2.62 1.56 8.57
C LEU B 16 1.47 2.58 8.61
N HIS B 17 0.25 2.16 8.30
CA HIS B 17 -0.93 3.00 8.37
C HIS B 17 -1.08 3.71 9.72
N ARG B 18 -0.93 2.97 10.84
CA ARG B 18 -0.96 3.53 12.19
C ARG B 18 0.09 4.63 12.36
N LYS B 19 1.36 4.38 12.02
CA LYS B 19 2.38 5.44 12.07
C LYS B 19 2.00 6.65 11.22
N LEU B 20 1.64 6.42 9.95
CA LEU B 20 1.27 7.48 9.01
C LEU B 20 0.00 8.23 9.44
N LYS B 21 -0.90 7.58 10.17
CA LYS B 21 -2.02 8.24 10.84
C LYS B 21 -1.52 9.11 12.01
N ASN B 22 -0.75 8.50 12.93
CA ASN B 22 -0.19 9.17 14.11
C ASN B 22 0.64 10.41 13.74
N CYS B 23 1.32 10.39 12.59
CA CYS B 23 1.97 11.55 11.99
C CYS B 23 1.06 12.79 11.96
N LYS B 24 -0.23 12.61 11.67
CA LYS B 24 -1.31 13.60 11.83
C LYS B 24 -1.26 14.79 10.86
N VAL B 25 -0.15 15.54 10.82
CA VAL B 25 0.02 16.75 10.00
C VAL B 25 -0.31 16.52 8.52
N GLU C 1 3.56 -13.70 0.63
CA GLU C 1 2.11 -13.53 0.45
C GLU C 1 1.70 -13.62 -1.03
N ASN C 2 0.54 -14.24 -1.32
CA ASN C 2 0.11 -14.48 -2.71
C ASN C 2 -1.41 -14.63 -2.88
N ARG C 3 -2.20 -14.02 -1.99
CA ARG C 3 -3.67 -14.00 -2.05
C ARG C 3 -4.17 -12.56 -1.85
N GLU C 4 -4.10 -12.04 -0.62
CA GLU C 4 -4.61 -10.72 -0.23
C GLU C 4 -3.48 -9.89 0.41
N VAL C 5 -3.50 -8.57 0.21
CA VAL C 5 -2.35 -7.70 0.44
C VAL C 5 -1.16 -8.20 -0.40
N PRO C 6 -1.28 -8.16 -1.74
CA PRO C 6 -0.35 -8.84 -2.63
C PRO C 6 1.03 -8.18 -2.65
N PRO C 7 2.09 -8.90 -3.08
CA PRO C 7 3.46 -8.40 -3.16
C PRO C 7 3.60 -6.99 -3.73
N GLY C 8 2.80 -6.64 -4.74
CA GLY C 8 2.71 -5.30 -5.30
C GLY C 8 2.66 -4.18 -4.24
N PHE C 9 1.91 -4.39 -3.15
CA PHE C 9 1.86 -3.44 -2.04
C PHE C 9 3.25 -3.25 -1.39
N THR C 10 3.82 -4.34 -0.88
CA THR C 10 5.15 -4.34 -0.26
C THR C 10 6.20 -3.75 -1.22
N ALA C 11 6.15 -4.15 -2.48
CA ALA C 11 7.00 -3.63 -3.55
C ALA C 11 6.82 -2.12 -3.77
N LEU C 12 5.58 -1.63 -3.84
CA LEU C 12 5.29 -0.18 -3.87
C LEU C 12 5.97 0.52 -2.69
N ILE C 13 5.70 0.08 -1.45
CA ILE C 13 6.29 0.70 -0.26
C ILE C 13 7.83 0.66 -0.31
N LYS C 14 8.41 -0.50 -0.65
CA LYS C 14 9.86 -0.61 -0.86
C LYS C 14 10.37 0.39 -1.91
N THR C 15 9.66 0.53 -3.03
CA THR C 15 9.98 1.52 -4.06
C THR C 15 9.91 2.96 -3.51
N LEU C 16 8.87 3.26 -2.73
CA LEU C 16 8.71 4.54 -2.04
C LEU C 16 9.89 4.84 -1.09
N ARG C 17 10.33 3.84 -0.31
CA ARG C 17 11.55 3.95 0.49
C ARG C 17 12.79 4.19 -0.39
N LYS C 18 13.02 3.34 -1.39
CA LYS C 18 14.11 3.46 -2.35
C LYS C 18 14.18 4.85 -3.02
N CYS C 19 13.03 5.40 -3.42
CA CYS C 19 12.88 6.76 -3.94
C CYS C 19 13.31 7.87 -2.96
N LYS C 20 13.57 7.51 -1.69
CA LYS C 20 14.07 8.38 -0.62
C LYS C 20 12.98 9.26 -0.01
N ILE C 21 11.72 8.79 -0.04
CA ILE C 21 10.61 9.48 0.61
C ILE C 21 10.68 9.34 2.14
N ILE C 22 11.06 8.16 2.63
CA ILE C 22 11.24 7.87 4.05
C ILE C 22 12.22 6.70 4.26
N ASN D 1 -14.59 -6.79 -9.73
CA ASN D 1 -15.37 -7.84 -9.04
C ASN D 1 -16.51 -7.25 -8.17
N LEU D 2 -17.52 -8.07 -7.88
CA LEU D 2 -18.74 -7.69 -7.15
C LEU D 2 -18.46 -6.94 -5.84
N VAL D 3 -17.38 -7.30 -5.14
CA VAL D 3 -16.91 -6.62 -3.93
C VAL D 3 -16.71 -5.10 -4.10
N SER D 4 -16.47 -4.62 -5.33
CA SER D 4 -16.16 -3.24 -5.68
C SER D 4 -14.75 -2.81 -5.23
N GLY D 5 -14.30 -1.63 -5.68
CA GLY D 5 -12.97 -1.11 -5.38
C GLY D 5 -11.85 -1.78 -6.18
N LEU D 6 -11.76 -3.13 -6.11
CA LEU D 6 -10.71 -3.99 -6.64
C LEU D 6 -10.01 -3.43 -7.89
N ILE D 7 -10.72 -3.29 -9.00
CA ILE D 7 -10.15 -2.81 -10.26
C ILE D 7 -9.51 -1.42 -10.14
N GLU D 8 -10.14 -0.50 -9.41
CA GLU D 8 -9.64 0.86 -9.20
C GLU D 8 -8.44 0.85 -8.24
N ALA D 9 -8.54 0.10 -7.15
CA ALA D 9 -7.45 -0.12 -6.20
C ALA D 9 -6.22 -0.69 -6.90
N ARG D 10 -6.40 -1.73 -7.71
CA ARG D 10 -5.39 -2.33 -8.58
C ARG D 10 -4.80 -1.29 -9.54
N LYS D 11 -5.64 -0.60 -10.32
CA LYS D 11 -5.19 0.45 -11.23
C LYS D 11 -4.32 1.48 -10.53
N TYR D 12 -4.80 2.04 -9.41
CA TYR D 12 -4.06 3.00 -8.60
C TYR D 12 -2.74 2.42 -8.07
N LEU D 13 -2.79 1.23 -7.46
CA LEU D 13 -1.62 0.48 -7.00
C LEU D 13 -0.56 0.38 -8.10
N GLU D 14 -0.92 -0.17 -9.25
CA GLU D 14 -0.03 -0.27 -10.40
C GLU D 14 0.49 1.11 -10.84
N GLN D 15 -0.39 2.05 -11.15
CA GLN D 15 -0.01 3.39 -11.60
C GLN D 15 0.99 4.05 -10.63
N LEU D 16 0.67 4.04 -9.33
CA LEU D 16 1.53 4.64 -8.31
C LEU D 16 2.86 3.89 -8.19
N HIS D 17 2.83 2.55 -8.12
CA HIS D 17 4.05 1.74 -8.10
C HIS D 17 4.95 2.04 -9.31
N ARG D 18 4.38 2.13 -10.50
CA ARG D 18 5.10 2.46 -11.73
C ARG D 18 5.67 3.88 -11.68
N LYS D 19 4.86 4.88 -11.32
CA LYS D 19 5.31 6.25 -11.12
C LYS D 19 6.50 6.31 -10.13
N LEU D 20 6.35 5.67 -8.97
CA LEU D 20 7.43 5.54 -7.99
C LEU D 20 8.65 4.82 -8.60
N LYS D 21 8.48 3.71 -9.32
CA LYS D 21 9.60 3.03 -9.98
C LYS D 21 10.37 3.98 -10.90
N ASN D 22 9.66 4.82 -11.67
CA ASN D 22 10.29 5.86 -12.49
C ASN D 22 11.12 6.88 -11.70
N CYS D 23 10.95 6.99 -10.37
CA CYS D 23 11.86 7.74 -9.50
C CYS D 23 13.31 7.23 -9.60
N LYS D 24 13.50 5.95 -9.92
CA LYS D 24 14.74 5.25 -10.26
C LYS D 24 15.85 5.21 -9.19
N VAL D 25 16.18 6.34 -8.56
CA VAL D 25 17.05 6.35 -7.38
C VAL D 25 16.49 5.47 -6.26
N GLU A 1 -9.44 -6.92 -10.51
CA GLU A 1 -8.38 -7.11 -11.52
C GLU A 1 -7.38 -8.20 -11.08
N ASN A 2 -7.78 -9.47 -11.15
CA ASN A 2 -6.95 -10.65 -10.83
C ASN A 2 -6.58 -10.82 -9.34
N ARG A 3 -6.27 -9.74 -8.62
CA ARG A 3 -5.97 -9.70 -7.20
C ARG A 3 -6.85 -8.66 -6.51
N GLU A 4 -7.06 -8.78 -5.20
CA GLU A 4 -7.67 -7.72 -4.40
C GLU A 4 -6.68 -6.56 -4.14
N VAL A 5 -7.18 -5.55 -3.43
CA VAL A 5 -6.39 -4.57 -2.68
C VAL A 5 -7.25 -4.10 -1.48
N PRO A 6 -6.78 -4.26 -0.23
CA PRO A 6 -7.62 -4.01 0.94
C PRO A 6 -7.84 -2.51 1.16
N PRO A 7 -8.96 -2.10 1.77
CA PRO A 7 -9.23 -0.69 2.07
C PRO A 7 -8.14 -0.07 2.95
N GLY A 8 -7.51 -0.89 3.81
CA GLY A 8 -6.29 -0.54 4.54
C GLY A 8 -5.23 0.11 3.66
N PHE A 9 -5.05 -0.34 2.40
CA PHE A 9 -4.14 0.30 1.46
C PHE A 9 -4.58 1.73 1.14
N THR A 10 -5.84 1.93 0.74
CA THR A 10 -6.40 3.26 0.47
C THR A 10 -6.23 4.19 1.69
N ALA A 11 -6.57 3.69 2.87
CA ALA A 11 -6.39 4.41 4.14
C ALA A 11 -4.90 4.74 4.40
N LEU A 12 -4.00 3.78 4.19
CA LEU A 12 -2.55 4.01 4.22
C LEU A 12 -2.16 5.14 3.28
N ILE A 13 -2.49 5.05 1.99
CA ILE A 13 -2.20 6.09 1.00
C ILE A 13 -2.72 7.47 1.45
N LYS A 14 -3.99 7.55 1.87
CA LYS A 14 -4.57 8.79 2.39
C LYS A 14 -3.74 9.35 3.55
N THR A 15 -3.52 8.54 4.59
CA THR A 15 -2.72 8.96 5.75
C THR A 15 -1.26 9.27 5.41
N LEU A 16 -0.67 8.57 4.44
CA LEU A 16 0.66 8.86 3.90
C LEU A 16 0.69 10.25 3.29
N ARG A 17 -0.19 10.50 2.31
CA ARG A 17 -0.35 11.83 1.72
C ARG A 17 -0.54 12.91 2.81
N LYS A 18 -1.46 12.68 3.75
CA LYS A 18 -1.67 13.62 4.85
C LYS A 18 -0.36 13.89 5.62
N CYS A 19 0.22 12.84 6.22
CA CYS A 19 1.49 12.92 6.97
C CYS A 19 2.60 13.65 6.20
N LYS A 20 2.77 13.31 4.92
CA LYS A 20 3.76 13.93 4.04
C LYS A 20 3.37 15.32 3.53
N ILE A 21 2.11 15.76 3.71
CA ILE A 21 1.52 16.97 3.14
C ILE A 21 1.31 16.86 1.62
N ILE A 22 2.36 16.48 0.88
CA ILE A 22 2.31 16.14 -0.53
C ILE A 22 1.80 14.70 -0.71
N ASN B 1 7.54 -19.48 4.08
CA ASN B 1 7.05 -18.52 5.09
C ASN B 1 5.68 -17.92 4.70
N LEU B 2 4.70 -18.79 4.38
CA LEU B 2 3.45 -18.37 3.76
C LEU B 2 2.47 -17.73 4.76
N VAL B 3 1.90 -18.53 5.68
CA VAL B 3 0.96 -18.02 6.69
C VAL B 3 1.59 -16.94 7.57
N SER B 4 2.84 -17.17 7.98
CA SER B 4 3.69 -16.19 8.64
C SER B 4 3.80 -14.92 7.78
N GLY B 5 4.28 -15.03 6.54
CA GLY B 5 4.34 -13.92 5.59
C GLY B 5 3.03 -13.12 5.52
N LEU B 6 1.90 -13.81 5.36
CA LEU B 6 0.57 -13.21 5.38
C LEU B 6 0.33 -12.37 6.64
N ILE B 7 0.39 -12.97 7.83
CA ILE B 7 0.14 -12.21 9.06
C ILE B 7 1.16 -11.08 9.27
N GLU B 8 2.45 -11.32 8.99
CA GLU B 8 3.49 -10.30 8.98
C GLU B 8 3.10 -9.12 8.08
N ALA B 9 2.74 -9.38 6.82
CA ALA B 9 2.33 -8.36 5.86
C ALA B 9 1.09 -7.58 6.33
N ARG B 10 0.04 -8.28 6.78
CA ARG B 10 -1.15 -7.65 7.35
C ARG B 10 -0.80 -6.74 8.54
N LYS B 11 -0.04 -7.27 9.51
CA LYS B 11 0.42 -6.51 10.67
C LYS B 11 1.29 -5.31 10.25
N TYR B 12 2.18 -5.48 9.27
CA TYR B 12 2.98 -4.38 8.73
C TYR B 12 2.07 -3.29 8.12
N LEU B 13 1.19 -3.65 7.19
CA LEU B 13 0.17 -2.75 6.63
C LEU B 13 -0.53 -1.96 7.74
N GLU B 14 -1.11 -2.69 8.70
CA GLU B 14 -1.80 -2.12 9.85
C GLU B 14 -0.93 -1.11 10.62
N GLN B 15 0.25 -1.53 11.08
CA GLN B 15 1.16 -0.68 11.85
C GLN B 15 1.63 0.55 11.06
N LEU B 16 2.04 0.36 9.80
CA LEU B 16 2.50 1.44 8.93
C LEU B 16 1.38 2.48 8.75
N HIS B 17 0.18 2.04 8.37
CA HIS B 17 -1.00 2.91 8.32
C HIS B 17 -1.25 3.60 9.67
N ARG B 18 -1.29 2.85 10.78
CA ARG B 18 -1.49 3.40 12.12
C ARG B 18 -0.49 4.51 12.44
N LYS B 19 0.80 4.29 12.20
CA LYS B 19 1.83 5.31 12.35
C LYS B 19 1.50 6.57 11.53
N LEU B 20 1.25 6.40 10.23
CA LEU B 20 0.90 7.52 9.35
C LEU B 20 -0.41 8.22 9.76
N LYS B 21 -1.35 7.49 10.36
CA LYS B 21 -2.54 8.09 10.96
C LYS B 21 -2.16 8.94 12.18
N ASN B 22 -1.44 8.35 13.14
CA ASN B 22 -0.98 9.03 14.36
C ASN B 22 -0.09 10.25 14.06
N CYS B 23 0.69 10.22 12.98
CA CYS B 23 1.40 11.39 12.45
C CYS B 23 0.49 12.62 12.32
N LYS B 24 -0.76 12.43 11.88
CA LYS B 24 -1.86 13.40 11.94
C LYS B 24 -1.73 14.62 11.01
N VAL B 25 -0.64 15.39 11.14
CA VAL B 25 -0.42 16.63 10.41
C VAL B 25 -0.55 16.46 8.88
N GLU C 1 -7.91 -14.57 -5.99
CA GLU C 1 -8.12 -13.10 -5.97
C GLU C 1 -7.98 -12.49 -4.57
N ASN C 2 -8.53 -13.16 -3.55
CA ASN C 2 -8.53 -12.69 -2.17
C ASN C 2 -7.13 -12.86 -1.52
N ARG C 3 -6.16 -12.07 -1.97
CA ARG C 3 -4.76 -12.13 -1.50
C ARG C 3 -4.57 -11.63 -0.05
N GLU C 4 -5.58 -11.00 0.57
CA GLU C 4 -5.53 -10.29 1.85
C GLU C 4 -4.67 -9.01 1.80
N VAL C 5 -3.41 -9.13 1.35
CA VAL C 5 -2.50 -8.03 1.07
C VAL C 5 -1.60 -8.43 -0.12
N PRO C 6 -1.76 -7.79 -1.29
CA PRO C 6 -1.08 -8.23 -2.50
C PRO C 6 0.41 -7.83 -2.46
N PRO C 7 1.34 -8.67 -2.97
CA PRO C 7 2.75 -8.33 -3.13
C PRO C 7 3.00 -6.94 -3.73
N GLY C 8 2.15 -6.52 -4.67
CA GLY C 8 2.12 -5.17 -5.21
C GLY C 8 2.21 -4.07 -4.16
N PHE C 9 1.55 -4.24 -3.01
CA PHE C 9 1.67 -3.31 -1.88
C PHE C 9 3.11 -3.26 -1.36
N THR C 10 3.69 -4.41 -1.03
CA THR C 10 5.08 -4.52 -0.59
C THR C 10 6.03 -3.87 -1.60
N ALA C 11 5.84 -4.18 -2.89
CA ALA C 11 6.61 -3.58 -3.98
C ALA C 11 6.44 -2.05 -4.04
N LEU C 12 5.21 -1.55 -3.92
CA LEU C 12 4.92 -0.12 -3.76
C LEU C 12 5.72 0.46 -2.59
N ILE C 13 5.58 -0.08 -1.38
CA ILE C 13 6.32 0.37 -0.20
C ILE C 13 7.84 0.43 -0.46
N LYS C 14 8.42 -0.68 -0.94
CA LYS C 14 9.84 -0.74 -1.29
C LYS C 14 10.23 0.40 -2.26
N THR C 15 9.49 0.54 -3.37
CA THR C 15 9.76 1.60 -4.35
C THR C 15 9.49 3.02 -3.81
N LEU C 16 8.52 3.19 -2.91
CA LEU C 16 8.25 4.44 -2.20
C LEU C 16 9.44 4.85 -1.34
N ARG C 17 10.02 3.89 -0.61
CA ARG C 17 11.28 4.09 0.09
C ARG C 17 12.45 4.36 -0.86
N LYS C 18 12.62 3.58 -1.93
CA LYS C 18 13.69 3.82 -2.91
C LYS C 18 13.57 5.17 -3.63
N CYS C 19 12.34 5.66 -3.86
CA CYS C 19 12.07 7.02 -4.31
C CYS C 19 12.26 8.07 -3.20
N LYS C 20 12.69 7.65 -2.00
CA LYS C 20 13.05 8.50 -0.86
C LYS C 20 11.85 9.26 -0.27
N ILE C 21 10.65 8.65 -0.32
CA ILE C 21 9.44 9.26 0.23
C ILE C 21 9.21 8.85 1.70
N ILE C 22 9.64 7.64 2.10
CA ILE C 22 9.57 7.17 3.49
C ILE C 22 10.84 6.44 3.93
N ASN D 1 -19.33 1.19 -5.04
CA ASN D 1 -19.38 0.06 -5.98
C ASN D 1 -18.04 -0.70 -6.06
N LEU D 2 -18.00 -1.94 -5.55
CA LEU D 2 -16.85 -2.82 -5.65
C LEU D 2 -16.40 -3.04 -7.11
N VAL D 3 -17.33 -3.37 -8.01
CA VAL D 3 -17.04 -3.57 -9.44
C VAL D 3 -16.90 -2.20 -10.14
N SER D 4 -15.83 -1.50 -9.74
CA SER D 4 -15.40 -0.15 -10.13
C SER D 4 -14.28 0.26 -9.17
N GLY D 5 -14.58 0.32 -7.88
CA GLY D 5 -13.61 0.57 -6.82
C GLY D 5 -12.42 -0.38 -6.88
N LEU D 6 -12.66 -1.69 -7.01
CA LEU D 6 -11.61 -2.70 -7.14
C LEU D 6 -10.65 -2.37 -8.30
N ILE D 7 -11.16 -2.33 -9.52
CA ILE D 7 -10.35 -2.07 -10.71
C ILE D 7 -9.63 -0.71 -10.63
N GLU D 8 -10.34 0.34 -10.18
CA GLU D 8 -9.75 1.66 -9.95
C GLU D 8 -8.56 1.57 -8.97
N ALA D 9 -8.78 1.00 -7.79
CA ALA D 9 -7.75 0.83 -6.77
C ALA D 9 -6.55 0.01 -7.27
N ARG D 10 -6.80 -1.11 -7.95
CA ARG D 10 -5.76 -1.92 -8.57
C ARG D 10 -4.94 -1.13 -9.60
N LYS D 11 -5.61 -0.49 -10.56
CA LYS D 11 -4.93 0.33 -11.56
C LYS D 11 -4.14 1.46 -10.91
N TYR D 12 -4.73 2.17 -9.95
CA TYR D 12 -4.02 3.18 -9.15
C TYR D 12 -2.76 2.60 -8.49
N LEU D 13 -2.91 1.54 -7.67
CA LEU D 13 -1.80 0.81 -7.05
C LEU D 13 -0.67 0.54 -8.05
N GLU D 14 -0.99 -0.13 -9.16
CA GLU D 14 -0.02 -0.49 -10.19
C GLU D 14 0.66 0.73 -10.82
N GLN D 15 -0.10 1.75 -11.24
CA GLN D 15 0.45 2.96 -11.83
C GLN D 15 1.33 3.74 -10.84
N LEU D 16 0.86 3.91 -9.59
CA LEU D 16 1.61 4.57 -8.53
C LEU D 16 2.93 3.83 -8.26
N HIS D 17 2.86 2.51 -8.04
CA HIS D 17 4.05 1.66 -7.94
C HIS D 17 4.99 1.81 -9.15
N ARG D 18 4.46 1.74 -10.37
CA ARG D 18 5.21 1.96 -11.61
C ARG D 18 5.93 3.32 -11.61
N LYS D 19 5.24 4.40 -11.24
CA LYS D 19 5.85 5.72 -11.10
C LYS D 19 7.02 5.69 -10.11
N LEU D 20 6.81 5.17 -8.90
CA LEU D 20 7.85 5.07 -7.87
C LEU D 20 9.04 4.19 -8.31
N LYS D 21 8.74 3.05 -8.94
CA LYS D 21 9.72 2.14 -9.52
C LYS D 21 10.55 2.84 -10.61
N ASN D 22 9.90 3.68 -11.43
CA ASN D 22 10.61 4.53 -12.39
C ASN D 22 11.46 5.60 -11.68
N CYS D 23 10.92 6.24 -10.63
CA CYS D 23 11.63 7.24 -9.84
C CYS D 23 12.92 6.69 -9.21
N LYS D 24 12.80 5.79 -8.23
CA LYS D 24 13.90 5.18 -7.46
C LYS D 24 15.13 6.10 -7.25
N VAL D 25 14.91 7.38 -6.96
CA VAL D 25 15.94 8.41 -7.06
C VAL D 25 17.05 8.28 -6.01
N GLU A 1 -0.48 -11.15 -8.45
CA GLU A 1 -1.13 -9.82 -8.50
C GLU A 1 -2.65 -9.89 -8.26
N ASN A 2 -3.33 -10.96 -8.70
CA ASN A 2 -4.78 -11.10 -8.55
C ASN A 2 -5.17 -11.44 -7.09
N ARG A 3 -4.91 -10.52 -6.16
CA ARG A 3 -5.20 -10.63 -4.74
C ARG A 3 -6.21 -9.55 -4.31
N GLU A 4 -6.96 -9.78 -3.24
CA GLU A 4 -8.02 -8.85 -2.80
C GLU A 4 -7.45 -7.62 -2.09
N VAL A 5 -6.89 -6.68 -2.87
CA VAL A 5 -6.34 -5.40 -2.39
C VAL A 5 -7.25 -4.75 -1.32
N PRO A 6 -6.86 -4.73 -0.05
CA PRO A 6 -7.74 -4.31 1.04
C PRO A 6 -7.76 -2.78 1.19
N PRO A 7 -8.86 -2.21 1.71
CA PRO A 7 -8.97 -0.76 1.92
C PRO A 7 -7.89 -0.21 2.86
N GLY A 8 -7.33 -1.06 3.73
CA GLY A 8 -6.12 -0.74 4.49
C GLY A 8 -4.99 -0.15 3.63
N PHE A 9 -4.82 -0.65 2.39
CA PHE A 9 -3.87 -0.06 1.44
C PHE A 9 -4.22 1.40 1.13
N THR A 10 -5.48 1.66 0.77
CA THR A 10 -5.99 3.01 0.54
C THR A 10 -5.80 3.90 1.77
N ALA A 11 -6.11 3.39 2.96
CA ALA A 11 -5.86 4.10 4.22
C ALA A 11 -4.37 4.45 4.40
N LEU A 12 -3.48 3.47 4.22
CA LEU A 12 -2.03 3.70 4.23
C LEU A 12 -1.64 4.81 3.25
N ILE A 13 -2.00 4.69 1.97
CA ILE A 13 -1.71 5.71 0.97
C ILE A 13 -2.27 7.09 1.35
N LYS A 14 -3.55 7.16 1.74
CA LYS A 14 -4.19 8.40 2.15
C LYS A 14 -3.45 9.07 3.32
N THR A 15 -3.19 8.31 4.39
CA THR A 15 -2.42 8.82 5.54
C THR A 15 -0.99 9.21 5.14
N LEU A 16 -0.31 8.42 4.32
CA LEU A 16 0.99 8.79 3.77
C LEU A 16 0.94 10.14 3.06
N ARG A 17 0.01 10.30 2.10
CA ARG A 17 -0.22 11.55 1.40
C ARG A 17 -0.53 12.72 2.35
N LYS A 18 -1.42 12.51 3.34
CA LYS A 18 -1.66 13.48 4.41
C LYS A 18 -0.34 13.94 5.06
N CYS A 19 0.43 13.01 5.63
CA CYS A 19 1.69 13.32 6.29
C CYS A 19 2.67 14.04 5.35
N LYS A 20 2.75 13.58 4.10
CA LYS A 20 3.56 14.18 3.04
C LYS A 20 2.92 15.44 2.42
N ILE A 21 1.74 15.88 2.89
CA ILE A 21 0.91 16.94 2.31
C ILE A 21 0.31 16.54 0.95
N ILE A 22 1.16 16.19 -0.02
CA ILE A 22 0.76 15.68 -1.34
C ILE A 22 0.78 14.15 -1.38
N ASN B 1 5.23 -16.53 1.78
CA ASN B 1 4.80 -16.88 3.15
C ASN B 1 3.33 -17.35 3.19
N LEU B 2 2.40 -16.45 2.81
CA LEU B 2 0.96 -16.70 2.76
C LEU B 2 0.32 -16.95 4.14
N VAL B 3 0.64 -18.09 4.77
CA VAL B 3 -0.04 -18.58 5.98
C VAL B 3 0.15 -17.62 7.15
N SER B 4 1.37 -17.53 7.70
CA SER B 4 1.69 -16.45 8.64
C SER B 4 1.73 -15.10 7.91
N GLY B 5 2.07 -15.13 6.61
CA GLY B 5 2.08 -14.00 5.70
C GLY B 5 0.87 -13.07 5.85
N LEU B 6 -0.34 -13.63 5.86
CA LEU B 6 -1.57 -12.87 6.05
C LEU B 6 -1.51 -11.99 7.30
N ILE B 7 -1.38 -12.61 8.49
CA ILE B 7 -1.34 -11.88 9.75
C ILE B 7 -0.11 -10.95 9.85
N GLU B 8 1.06 -11.42 9.41
CA GLU B 8 2.31 -10.65 9.34
C GLU B 8 2.12 -9.35 8.54
N ALA B 9 1.70 -9.48 7.27
CA ALA B 9 1.46 -8.37 6.38
C ALA B 9 0.33 -7.46 6.89
N ARG B 10 -0.78 -8.04 7.39
CA ARG B 10 -1.87 -7.28 7.99
C ARG B 10 -1.39 -6.43 9.17
N LYS B 11 -0.64 -7.04 10.10
CA LYS B 11 -0.02 -6.35 11.22
C LYS B 11 0.86 -5.21 10.73
N TYR B 12 1.83 -5.50 9.84
CA TYR B 12 2.68 -4.47 9.23
C TYR B 12 1.85 -3.32 8.62
N LEU B 13 0.94 -3.64 7.70
CA LEU B 13 0.04 -2.71 7.04
C LEU B 13 -0.67 -1.79 8.05
N GLU B 14 -1.40 -2.39 9.00
CA GLU B 14 -2.13 -1.64 10.02
C GLU B 14 -1.19 -0.81 10.90
N GLN B 15 -0.07 -1.36 11.35
CA GLN B 15 0.93 -0.62 12.14
C GLN B 15 1.48 0.59 11.38
N LEU B 16 1.83 0.41 10.10
CA LEU B 16 2.36 1.45 9.25
C LEU B 16 1.29 2.55 9.05
N HIS B 17 0.10 2.16 8.57
CA HIS B 17 -1.09 2.99 8.52
C HIS B 17 -1.32 3.78 9.82
N ARG B 18 -1.30 3.10 10.96
CA ARG B 18 -1.50 3.70 12.27
C ARG B 18 -0.45 4.77 12.59
N LYS B 19 0.84 4.43 12.46
CA LYS B 19 1.90 5.41 12.68
C LYS B 19 1.75 6.62 11.74
N LEU B 20 1.43 6.41 10.46
CA LEU B 20 1.09 7.52 9.58
C LEU B 20 -0.10 8.33 10.09
N LYS B 21 -1.24 7.69 10.40
CA LYS B 21 -2.40 8.36 10.99
C LYS B 21 -2.01 9.22 12.21
N ASN B 22 -1.13 8.70 13.07
CA ASN B 22 -0.62 9.38 14.25
C ASN B 22 0.38 10.53 13.95
N CYS B 23 0.83 10.71 12.70
CA CYS B 23 1.80 11.77 12.36
C CYS B 23 1.29 13.17 12.73
N LYS B 24 -0.03 13.40 12.66
CA LYS B 24 -0.67 14.61 13.18
C LYS B 24 -0.68 14.60 14.72
N VAL B 25 0.51 14.68 15.34
CA VAL B 25 0.67 14.70 16.79
C VAL B 25 0.04 15.94 17.44
N GLU C 1 1.83 -10.60 -1.80
CA GLU C 1 2.25 -11.54 -0.75
C GLU C 1 1.17 -12.60 -0.51
N ASN C 2 0.04 -12.22 0.11
CA ASN C 2 -1.03 -13.13 0.53
C ASN C 2 -2.32 -12.94 -0.30
N ARG C 3 -3.39 -13.64 0.10
CA ARG C 3 -4.69 -13.61 -0.56
C ARG C 3 -5.26 -12.18 -0.70
N GLU C 4 -4.94 -11.28 0.23
CA GLU C 4 -5.38 -9.89 0.22
C GLU C 4 -4.35 -8.98 -0.49
N VAL C 5 -3.19 -8.74 0.12
CA VAL C 5 -2.21 -7.81 -0.45
C VAL C 5 -1.33 -8.48 -1.51
N PRO C 6 -1.27 -7.95 -2.74
CA PRO C 6 -0.48 -8.51 -3.84
C PRO C 6 1.01 -8.22 -3.69
N PRO C 7 1.89 -8.97 -4.37
CA PRO C 7 3.31 -8.65 -4.46
C PRO C 7 3.54 -7.18 -4.81
N GLY C 8 2.73 -6.65 -5.74
CA GLY C 8 2.61 -5.24 -6.07
C GLY C 8 2.64 -4.29 -4.86
N PHE C 9 1.97 -4.63 -3.75
CA PHE C 9 2.02 -3.80 -2.53
C PHE C 9 3.43 -3.75 -1.95
N THR C 10 4.03 -4.91 -1.68
CA THR C 10 5.42 -5.02 -1.20
C THR C 10 6.39 -4.29 -2.15
N ALA C 11 6.24 -4.53 -3.45
CA ALA C 11 7.02 -3.88 -4.49
C ALA C 11 6.84 -2.36 -4.47
N LEU C 12 5.61 -1.87 -4.38
CA LEU C 12 5.29 -0.46 -4.20
C LEU C 12 6.02 0.10 -2.96
N ILE C 13 5.85 -0.51 -1.79
CA ILE C 13 6.54 -0.09 -0.56
C ILE C 13 8.07 -0.02 -0.75
N LYS C 14 8.69 -1.08 -1.25
CA LYS C 14 10.12 -1.10 -1.58
C LYS C 14 10.50 0.07 -2.51
N THR C 15 9.76 0.23 -3.60
CA THR C 15 9.98 1.28 -4.59
C THR C 15 9.79 2.69 -3.98
N LEU C 16 8.82 2.84 -3.08
CA LEU C 16 8.62 4.05 -2.29
C LEU C 16 9.88 4.36 -1.47
N ARG C 17 10.34 3.36 -0.71
CA ARG C 17 11.58 3.48 0.07
C ARG C 17 12.75 3.93 -0.82
N LYS C 18 12.94 3.29 -1.99
CA LYS C 18 13.93 3.74 -2.97
C LYS C 18 13.72 5.20 -3.38
N CYS C 19 12.54 5.54 -3.94
CA CYS C 19 12.19 6.90 -4.36
C CYS C 19 12.49 7.96 -3.29
N LYS C 20 12.09 7.69 -2.04
CA LYS C 20 12.32 8.60 -0.92
C LYS C 20 13.70 8.43 -0.25
N ILE C 21 14.57 7.57 -0.79
CA ILE C 21 15.90 7.23 -0.25
C ILE C 21 15.81 6.45 1.09
N ILE C 22 15.25 7.07 2.13
CA ILE C 22 15.09 6.46 3.45
C ILE C 22 13.96 5.42 3.47
N ASN D 1 -22.02 -7.83 -12.26
CA ASN D 1 -21.46 -6.90 -11.25
C ASN D 1 -19.93 -6.99 -11.18
N LEU D 2 -19.24 -6.37 -12.15
CA LEU D 2 -17.78 -6.31 -12.17
C LEU D 2 -17.23 -5.58 -10.93
N VAL D 3 -16.16 -6.11 -10.32
CA VAL D 3 -15.57 -5.58 -9.09
C VAL D 3 -14.77 -4.27 -9.32
N SER D 4 -15.50 -3.24 -9.75
CA SER D 4 -15.05 -1.86 -9.98
C SER D 4 -13.98 -1.40 -8.98
N GLY D 5 -14.35 -1.34 -7.70
CA GLY D 5 -13.46 -0.98 -6.59
C GLY D 5 -12.12 -1.71 -6.63
N LEU D 6 -12.13 -3.03 -6.83
CA LEU D 6 -10.90 -3.83 -6.83
C LEU D 6 -10.03 -3.52 -8.06
N ILE D 7 -10.62 -3.54 -9.26
CA ILE D 7 -9.84 -3.20 -10.46
C ILE D 7 -9.31 -1.75 -10.40
N GLU D 8 -10.12 -0.80 -9.90
CA GLU D 8 -9.70 0.57 -9.65
C GLU D 8 -8.52 0.62 -8.65
N ALA D 9 -8.64 -0.10 -7.52
CA ALA D 9 -7.56 -0.23 -6.55
C ALA D 9 -6.26 -0.71 -7.21
N ARG D 10 -6.33 -1.80 -7.97
CA ARG D 10 -5.21 -2.32 -8.74
C ARG D 10 -4.63 -1.28 -9.73
N LYS D 11 -5.50 -0.61 -10.51
CA LYS D 11 -5.07 0.45 -11.42
C LYS D 11 -4.32 1.58 -10.70
N TYR D 12 -4.87 2.13 -9.62
CA TYR D 12 -4.16 3.19 -8.90
C TYR D 12 -2.88 2.66 -8.23
N LEU D 13 -2.91 1.45 -7.65
CA LEU D 13 -1.72 0.78 -7.13
C LEU D 13 -0.60 0.76 -8.20
N GLU D 14 -0.91 0.18 -9.36
CA GLU D 14 -0.01 0.14 -10.51
C GLU D 14 0.54 1.54 -10.85
N GLN D 15 -0.33 2.52 -11.10
CA GLN D 15 0.08 3.87 -11.48
C GLN D 15 0.96 4.54 -10.41
N LEU D 16 0.58 4.44 -9.13
CA LEU D 16 1.35 4.98 -8.02
C LEU D 16 2.73 4.31 -7.95
N HIS D 17 2.77 2.97 -7.95
CA HIS D 17 4.03 2.22 -8.03
C HIS D 17 4.87 2.64 -9.26
N ARG D 18 4.26 2.80 -10.42
CA ARG D 18 4.90 3.21 -11.66
C ARG D 18 5.51 4.62 -11.55
N LYS D 19 4.77 5.57 -10.96
CA LYS D 19 5.33 6.88 -10.62
C LYS D 19 6.53 6.74 -9.68
N LEU D 20 6.38 6.01 -8.58
CA LEU D 20 7.48 5.75 -7.65
C LEU D 20 8.67 5.02 -8.30
N LYS D 21 8.42 4.18 -9.31
CA LYS D 21 9.50 3.64 -10.13
C LYS D 21 10.20 4.78 -10.89
N ASN D 22 9.47 5.46 -11.77
CA ASN D 22 10.00 6.56 -12.60
C ASN D 22 10.72 7.66 -11.80
N CYS D 23 10.28 7.92 -10.57
CA CYS D 23 10.96 8.78 -9.59
C CYS D 23 12.48 8.54 -9.50
N LYS D 24 12.94 7.28 -9.60
CA LYS D 24 14.34 6.94 -9.33
C LYS D 24 14.87 5.72 -10.10
N VAL D 25 14.04 4.67 -10.22
CA VAL D 25 14.44 3.35 -10.71
C VAL D 25 13.53 2.88 -11.86
N GLU A 1 -2.82 -13.88 -6.59
CA GLU A 1 -4.04 -14.01 -5.75
C GLU A 1 -4.65 -12.63 -5.42
N ASN A 2 -4.78 -12.27 -4.13
CA ASN A 2 -5.36 -11.02 -3.63
C ASN A 2 -6.87 -10.85 -3.88
N ARG A 3 -7.34 -11.03 -5.12
CA ARG A 3 -8.75 -10.93 -5.52
C ARG A 3 -9.21 -9.47 -5.60
N GLU A 4 -9.06 -8.70 -4.52
CA GLU A 4 -9.33 -7.26 -4.49
C GLU A 4 -8.34 -6.49 -3.61
N VAL A 5 -7.91 -5.32 -4.07
CA VAL A 5 -7.08 -4.42 -3.27
C VAL A 5 -7.92 -3.89 -2.10
N PRO A 6 -7.54 -4.13 -0.83
CA PRO A 6 -8.38 -3.81 0.31
C PRO A 6 -8.44 -2.29 0.55
N PRO A 7 -9.55 -1.77 1.12
CA PRO A 7 -9.71 -0.35 1.41
C PRO A 7 -8.65 0.18 2.37
N GLY A 8 -8.10 -0.71 3.21
CA GLY A 8 -6.88 -0.45 3.98
C GLY A 8 -5.76 0.19 3.16
N PHE A 9 -5.60 -0.22 1.90
CA PHE A 9 -4.66 0.42 0.97
C PHE A 9 -4.99 1.90 0.77
N THR A 10 -6.23 2.22 0.41
CA THR A 10 -6.70 3.59 0.23
C THR A 10 -6.49 4.43 1.51
N ALA A 11 -6.90 3.88 2.65
CA ALA A 11 -6.71 4.51 3.96
C ALA A 11 -5.21 4.77 4.25
N LEU A 12 -4.37 3.76 4.08
CA LEU A 12 -2.91 3.86 4.16
C LEU A 12 -2.39 4.98 3.27
N ILE A 13 -2.65 4.93 1.96
CA ILE A 13 -2.22 5.95 1.00
C ILE A 13 -2.65 7.35 1.43
N LYS A 14 -3.94 7.56 1.75
CA LYS A 14 -4.45 8.82 2.25
C LYS A 14 -3.65 9.32 3.47
N THR A 15 -3.50 8.46 4.47
CA THR A 15 -2.76 8.77 5.70
C THR A 15 -1.29 9.10 5.43
N LEU A 16 -0.63 8.29 4.59
CA LEU A 16 0.75 8.51 4.14
C LEU A 16 0.89 9.87 3.46
N ARG A 17 0.04 10.15 2.46
CA ARG A 17 -0.02 11.42 1.77
C ARG A 17 -0.18 12.59 2.75
N LYS A 18 -1.10 12.47 3.72
CA LYS A 18 -1.25 13.44 4.79
C LYS A 18 0.04 13.65 5.59
N CYS A 19 0.62 12.57 6.15
CA CYS A 19 1.89 12.63 6.89
C CYS A 19 3.02 13.29 6.08
N LYS A 20 3.12 12.94 4.79
CA LYS A 20 4.08 13.50 3.84
C LYS A 20 3.71 14.94 3.41
N ILE A 21 2.58 15.50 3.86
CA ILE A 21 2.07 16.83 3.55
C ILE A 21 1.57 16.94 2.10
N ILE A 22 2.46 16.68 1.13
CA ILE A 22 2.13 16.62 -0.29
C ILE A 22 1.63 15.22 -0.70
N ASN B 1 2.03 -20.57 -4.40
CA ASN B 1 2.39 -19.78 -3.19
C ASN B 1 1.69 -20.28 -1.92
N LEU B 2 0.39 -20.56 -2.00
CA LEU B 2 -0.45 -21.22 -0.99
C LEU B 2 -0.58 -20.42 0.32
N VAL B 3 0.49 -20.36 1.11
CA VAL B 3 0.50 -19.72 2.43
C VAL B 3 1.92 -19.25 2.79
N SER B 4 2.01 -18.16 3.57
CA SER B 4 3.23 -17.69 4.21
C SER B 4 2.88 -16.62 5.27
N GLY B 5 3.60 -15.50 5.31
CA GLY B 5 3.47 -14.49 6.36
C GLY B 5 2.26 -13.56 6.20
N LEU B 6 1.06 -14.13 6.06
CA LEU B 6 -0.20 -13.39 5.96
C LEU B 6 -0.33 -12.41 7.13
N ILE B 7 -0.27 -12.95 8.35
CA ILE B 7 -0.28 -12.17 9.59
C ILE B 7 0.80 -11.07 9.59
N GLU B 8 2.03 -11.38 9.15
CA GLU B 8 3.11 -10.39 9.08
C GLU B 8 2.78 -9.27 8.09
N ALA B 9 2.27 -9.61 6.91
CA ALA B 9 1.82 -8.63 5.92
C ALA B 9 0.81 -7.65 6.52
N ARG B 10 -0.25 -8.19 7.11
CA ARG B 10 -1.29 -7.39 7.78
C ARG B 10 -0.71 -6.60 8.98
N LYS B 11 0.17 -7.22 9.77
CA LYS B 11 0.86 -6.54 10.87
C LYS B 11 1.63 -5.31 10.37
N TYR B 12 2.52 -5.46 9.38
CA TYR B 12 3.27 -4.31 8.89
C TYR B 12 2.35 -3.25 8.27
N LEU B 13 1.34 -3.65 7.49
CA LEU B 13 0.29 -2.74 7.00
C LEU B 13 -0.31 -1.92 8.16
N GLU B 14 -0.87 -2.61 9.16
CA GLU B 14 -1.48 -1.98 10.32
C GLU B 14 -0.50 -1.06 11.06
N GLN B 15 0.68 -1.57 11.43
CA GLN B 15 1.73 -0.85 12.12
C GLN B 15 2.13 0.42 11.36
N LEU B 16 2.41 0.29 10.06
CA LEU B 16 2.74 1.42 9.19
C LEU B 16 1.60 2.45 9.16
N HIS B 17 0.37 2.01 8.91
CA HIS B 17 -0.80 2.89 8.94
C HIS B 17 -0.95 3.60 10.31
N ARG B 18 -0.75 2.88 11.41
CA ARG B 18 -0.82 3.40 12.76
C ARG B 18 0.27 4.47 12.99
N LYS B 19 1.51 4.18 12.63
CA LYS B 19 2.60 5.16 12.64
C LYS B 19 2.24 6.41 11.83
N LEU B 20 1.80 6.23 10.59
CA LEU B 20 1.44 7.34 9.71
C LEU B 20 0.21 8.10 10.22
N LYS B 21 -0.71 7.45 10.94
CA LYS B 21 -1.76 8.16 11.69
C LYS B 21 -1.14 8.98 12.84
N ASN B 22 -0.29 8.35 13.66
CA ASN B 22 0.43 8.96 14.77
C ASN B 22 1.25 10.19 14.35
N CYS B 23 1.81 10.16 13.14
CA CYS B 23 2.46 11.31 12.49
C CYS B 23 1.56 12.57 12.48
N LYS B 24 0.23 12.40 12.40
CA LYS B 24 -0.78 13.41 12.67
C LYS B 24 -0.92 14.50 11.60
N VAL B 25 0.18 15.16 11.24
CA VAL B 25 0.20 16.24 10.24
C VAL B 25 -0.33 15.80 8.87
N GLU C 1 5.52 -13.71 2.56
CA GLU C 1 4.73 -12.63 3.20
C GLU C 1 3.38 -12.41 2.52
N ASN C 2 3.38 -12.03 1.25
CA ASN C 2 2.19 -11.61 0.51
C ASN C 2 1.16 -12.74 0.32
N ARG C 3 0.25 -12.86 1.28
CA ARG C 3 -1.03 -13.54 1.16
C ARG C 3 -2.13 -12.54 1.54
N GLU C 4 -3.22 -12.48 0.76
CA GLU C 4 -4.23 -11.41 0.82
C GLU C 4 -3.64 -10.05 0.42
N VAL C 5 -2.72 -9.50 1.23
CA VAL C 5 -2.00 -8.26 0.96
C VAL C 5 -1.13 -8.41 -0.31
N PRO C 6 -1.43 -7.68 -1.40
CA PRO C 6 -0.83 -7.95 -2.69
C PRO C 6 0.65 -7.55 -2.73
N PRO C 7 1.50 -8.27 -3.49
CA PRO C 7 2.91 -7.93 -3.65
C PRO C 7 3.09 -6.51 -4.20
N GLY C 8 2.16 -6.07 -5.07
CA GLY C 8 2.05 -4.68 -5.50
C GLY C 8 2.13 -3.67 -4.35
N PHE C 9 1.49 -3.95 -3.21
CA PHE C 9 1.52 -3.06 -2.05
C PHE C 9 2.93 -2.99 -1.45
N THR C 10 3.52 -4.15 -1.14
CA THR C 10 4.88 -4.26 -0.63
C THR C 10 5.89 -3.57 -1.57
N ALA C 11 5.78 -3.85 -2.88
CA ALA C 11 6.56 -3.18 -3.91
C ALA C 11 6.34 -1.66 -3.91
N LEU C 12 5.08 -1.20 -3.85
CA LEU C 12 4.77 0.22 -3.69
C LEU C 12 5.49 0.82 -2.48
N ILE C 13 5.36 0.22 -1.29
CA ILE C 13 6.10 0.67 -0.10
C ILE C 13 7.60 0.77 -0.36
N LYS C 14 8.23 -0.31 -0.86
CA LYS C 14 9.66 -0.31 -1.16
C LYS C 14 10.06 0.81 -2.13
N THR C 15 9.39 0.87 -3.28
CA THR C 15 9.66 1.88 -4.30
C THR C 15 9.37 3.31 -3.81
N LEU C 16 8.32 3.52 -3.01
CA LEU C 16 8.03 4.80 -2.36
C LEU C 16 9.18 5.20 -1.43
N ARG C 17 9.50 4.33 -0.46
CA ARG C 17 10.62 4.49 0.46
C ARG C 17 11.90 4.89 -0.30
N LYS C 18 12.25 4.14 -1.34
CA LYS C 18 13.40 4.45 -2.19
C LYS C 18 13.25 5.82 -2.87
N CYS C 19 12.24 5.98 -3.74
CA CYS C 19 11.97 7.21 -4.49
C CYS C 19 12.05 8.48 -3.64
N LYS C 20 11.37 8.46 -2.50
CA LYS C 20 11.30 9.61 -1.59
C LYS C 20 12.50 9.72 -0.64
N ILE C 21 13.40 8.72 -0.60
CA ILE C 21 14.48 8.57 0.39
C ILE C 21 13.93 8.28 1.79
N ILE C 22 13.04 9.14 2.29
CA ILE C 22 12.19 8.93 3.48
C ILE C 22 10.77 8.61 3.02
N ASN D 1 -13.98 -4.60 -4.29
CA ASN D 1 -14.84 -5.77 -4.60
C ASN D 1 -15.48 -5.68 -6.00
N LEU D 2 -16.44 -4.77 -6.17
CA LEU D 2 -17.15 -4.57 -7.44
C LEU D 2 -16.17 -4.25 -8.58
N VAL D 3 -16.44 -4.75 -9.79
CA VAL D 3 -15.57 -4.66 -10.97
C VAL D 3 -14.93 -3.27 -11.16
N SER D 4 -15.74 -2.21 -11.11
CA SER D 4 -15.28 -0.82 -11.18
C SER D 4 -14.19 -0.54 -10.13
N GLY D 5 -14.59 -0.58 -8.85
CA GLY D 5 -13.71 -0.42 -7.70
C GLY D 5 -12.43 -1.26 -7.84
N LEU D 6 -12.58 -2.56 -8.10
CA LEU D 6 -11.49 -3.50 -8.38
C LEU D 6 -10.51 -2.95 -9.42
N ILE D 7 -10.95 -2.75 -10.67
CA ILE D 7 -10.03 -2.32 -11.72
C ILE D 7 -9.41 -0.96 -11.41
N GLU D 8 -10.21 0.02 -10.97
CA GLU D 8 -9.70 1.34 -10.63
C GLU D 8 -8.63 1.26 -9.52
N ALA D 9 -8.93 0.59 -8.40
CA ALA D 9 -7.99 0.39 -7.31
C ALA D 9 -6.72 -0.33 -7.76
N ARG D 10 -6.86 -1.42 -8.53
CA ARG D 10 -5.72 -2.20 -9.00
C ARG D 10 -4.84 -1.42 -10.00
N LYS D 11 -5.47 -0.74 -10.97
CA LYS D 11 -4.75 0.19 -11.86
C LYS D 11 -4.04 1.28 -11.07
N TYR D 12 -4.73 1.96 -10.14
CA TYR D 12 -4.15 2.98 -9.28
C TYR D 12 -2.93 2.44 -8.51
N LEU D 13 -3.09 1.34 -7.77
CA LEU D 13 -2.01 0.61 -7.11
C LEU D 13 -0.81 0.39 -8.04
N GLU D 14 -1.03 -0.32 -9.16
CA GLU D 14 0.06 -0.68 -10.06
C GLU D 14 0.68 0.54 -10.76
N GLN D 15 -0.11 1.55 -11.11
CA GLN D 15 0.43 2.78 -11.71
C GLN D 15 1.26 3.59 -10.70
N LEU D 16 0.81 3.70 -9.44
CA LEU D 16 1.65 4.27 -8.38
C LEU D 16 2.96 3.49 -8.26
N HIS D 17 2.88 2.18 -8.00
CA HIS D 17 4.04 1.28 -7.97
C HIS D 17 4.98 1.51 -9.16
N ARG D 18 4.46 1.45 -10.38
CA ARG D 18 5.17 1.70 -11.63
C ARG D 18 5.88 3.06 -11.62
N LYS D 19 5.15 4.15 -11.39
CA LYS D 19 5.70 5.50 -11.37
C LYS D 19 6.82 5.63 -10.31
N LEU D 20 6.58 5.13 -9.10
CA LEU D 20 7.56 5.14 -8.02
C LEU D 20 8.81 4.34 -8.40
N LYS D 21 8.64 3.12 -8.91
CA LYS D 21 9.75 2.34 -9.47
C LYS D 21 10.53 3.17 -10.52
N ASN D 22 9.81 3.83 -11.42
CA ASN D 22 10.38 4.71 -12.45
C ASN D 22 11.21 5.87 -11.87
N CYS D 23 11.10 6.22 -10.58
CA CYS D 23 12.03 7.16 -9.96
C CYS D 23 13.48 6.67 -10.05
N LYS D 24 13.70 5.35 -9.96
CA LYS D 24 15.00 4.68 -9.96
C LYS D 24 15.83 4.96 -8.70
N VAL D 25 16.06 6.23 -8.37
CA VAL D 25 16.79 6.67 -7.17
C VAL D 25 16.18 6.15 -5.87
N GLU A 1 -14.01 -3.36 0.16
CA GLU A 1 -12.94 -4.26 -0.29
C GLU A 1 -13.34 -5.03 -1.56
N ASN A 2 -12.80 -4.60 -2.71
CA ASN A 2 -12.96 -5.23 -4.02
C ASN A 2 -12.21 -6.56 -4.15
N ARG A 3 -12.33 -7.43 -3.13
CA ARG A 3 -11.60 -8.68 -2.95
C ARG A 3 -10.11 -8.45 -2.69
N GLU A 4 -9.41 -7.81 -3.63
CA GLU A 4 -7.96 -7.63 -3.59
C GLU A 4 -7.50 -6.45 -2.73
N VAL A 5 -8.03 -5.24 -2.97
CA VAL A 5 -7.51 -4.01 -2.35
C VAL A 5 -8.33 -3.65 -1.08
N PRO A 6 -7.71 -3.62 0.11
CA PRO A 6 -8.42 -3.43 1.37
C PRO A 6 -8.68 -1.95 1.67
N PRO A 7 -9.64 -1.62 2.55
CA PRO A 7 -9.87 -0.25 3.03
C PRO A 7 -8.59 0.33 3.64
N GLY A 8 -7.81 -0.53 4.30
CA GLY A 8 -6.47 -0.22 4.77
C GLY A 8 -5.59 0.48 3.73
N PHE A 9 -5.68 0.07 2.45
CA PHE A 9 -4.92 0.72 1.39
C PHE A 9 -5.35 2.18 1.23
N THR A 10 -6.64 2.43 1.03
CA THR A 10 -7.20 3.77 0.96
C THR A 10 -6.83 4.63 2.18
N ALA A 11 -7.06 4.09 3.38
CA ALA A 11 -6.72 4.74 4.64
C ALA A 11 -5.23 5.10 4.73
N LEU A 12 -4.36 4.12 4.47
CA LEU A 12 -2.91 4.31 4.43
C LEU A 12 -2.52 5.38 3.41
N ILE A 13 -2.93 5.24 2.15
CA ILE A 13 -2.69 6.21 1.09
C ILE A 13 -3.08 7.63 1.54
N LYS A 14 -4.32 7.81 2.01
CA LYS A 14 -4.78 9.11 2.52
C LYS A 14 -3.87 9.64 3.64
N THR A 15 -3.65 8.82 4.68
CA THR A 15 -2.82 9.19 5.83
C THR A 15 -1.38 9.55 5.42
N LEU A 16 -0.81 8.76 4.50
CA LEU A 16 0.53 8.96 3.95
C LEU A 16 0.60 10.26 3.15
N ARG A 17 -0.33 10.43 2.21
CA ARG A 17 -0.45 11.64 1.40
C ARG A 17 -0.54 12.89 2.29
N LYS A 18 -1.35 12.84 3.35
CA LYS A 18 -1.37 13.88 4.38
C LYS A 18 0.01 14.03 5.07
N CYS A 19 0.52 12.97 5.71
CA CYS A 19 1.82 12.93 6.40
C CYS A 19 2.95 13.58 5.60
N LYS A 20 3.08 13.19 4.33
CA LYS A 20 4.13 13.68 3.43
C LYS A 20 3.73 14.96 2.68
N ILE A 21 2.52 15.49 2.88
CA ILE A 21 1.92 16.61 2.14
C ILE A 21 1.63 16.26 0.67
N ILE A 22 2.66 15.84 -0.09
CA ILE A 22 2.53 15.37 -1.47
C ILE A 22 2.00 13.94 -1.53
N ASN B 1 2.38 -21.68 3.31
CA ASN B 1 2.59 -20.33 3.87
C ASN B 1 1.26 -19.57 4.04
N LEU B 2 0.69 -19.13 2.90
CA LEU B 2 -0.57 -18.40 2.76
C LEU B 2 -0.94 -17.46 3.93
N VAL B 3 -1.65 -17.98 4.93
CA VAL B 3 -2.05 -17.23 6.12
C VAL B 3 -0.86 -16.52 6.79
N SER B 4 0.31 -17.16 6.80
CA SER B 4 1.55 -16.60 7.35
C SER B 4 1.90 -15.28 6.64
N GLY B 5 2.05 -15.35 5.31
CA GLY B 5 2.23 -14.18 4.45
C GLY B 5 1.14 -13.12 4.71
N LEU B 6 -0.13 -13.53 4.72
CA LEU B 6 -1.24 -12.62 4.99
C LEU B 6 -1.06 -11.86 6.32
N ILE B 7 -0.89 -12.58 7.45
CA ILE B 7 -0.73 -11.91 8.75
C ILE B 7 0.55 -11.05 8.81
N GLU B 8 1.68 -11.49 8.24
CA GLU B 8 2.87 -10.66 8.18
C GLU B 8 2.65 -9.38 7.35
N ALA B 9 2.06 -9.50 6.16
CA ALA B 9 1.68 -8.37 5.33
C ALA B 9 0.70 -7.43 6.05
N ARG B 10 -0.27 -8.00 6.78
CA ARG B 10 -1.16 -7.24 7.65
C ARG B 10 -0.41 -6.54 8.78
N LYS B 11 0.60 -7.18 9.39
CA LYS B 11 1.46 -6.57 10.39
C LYS B 11 2.26 -5.39 9.81
N TYR B 12 2.82 -5.54 8.60
CA TYR B 12 3.43 -4.45 7.84
C TYR B 12 2.44 -3.29 7.64
N LEU B 13 1.28 -3.58 7.04
CA LEU B 13 0.16 -2.64 6.86
C LEU B 13 -0.20 -1.90 8.16
N GLU B 14 -0.37 -2.65 9.25
CA GLU B 14 -0.71 -2.16 10.59
C GLU B 14 0.37 -1.25 11.18
N GLN B 15 1.64 -1.68 11.14
CA GLN B 15 2.76 -0.83 11.57
C GLN B 15 2.79 0.48 10.77
N LEU B 16 2.64 0.40 9.44
CA LEU B 16 2.52 1.58 8.60
C LEU B 16 1.35 2.48 9.05
N HIS B 17 0.14 1.94 9.26
CA HIS B 17 -0.95 2.72 9.86
C HIS B 17 -0.50 3.40 11.16
N ARG B 18 -0.04 2.62 12.14
CA ARG B 18 0.37 3.10 13.45
C ARG B 18 1.41 4.23 13.37
N LYS B 19 2.39 4.11 12.48
CA LYS B 19 3.39 5.15 12.24
C LYS B 19 2.76 6.39 11.56
N LEU B 20 2.13 6.20 10.40
CA LEU B 20 1.60 7.29 9.59
C LEU B 20 0.51 8.09 10.31
N LYS B 21 -0.34 7.43 11.10
CA LYS B 21 -1.29 8.10 11.99
C LYS B 21 -0.59 8.92 13.09
N ASN B 22 0.62 8.52 13.50
CA ASN B 22 1.42 9.28 14.46
C ASN B 22 2.07 10.50 13.79
N CYS B 23 2.48 10.38 12.53
CA CYS B 23 2.93 11.50 11.70
C CYS B 23 1.79 12.48 11.45
N LYS B 24 0.78 12.06 10.68
CA LYS B 24 -0.45 12.78 10.38
C LYS B 24 -0.26 14.13 9.67
N VAL B 25 0.22 15.16 10.40
CA VAL B 25 0.23 16.57 10.00
C VAL B 25 -0.94 16.97 9.08
N GLU C 1 -11.12 -14.11 7.09
CA GLU C 1 -9.77 -13.61 6.76
C GLU C 1 -9.58 -12.12 7.08
N ASN C 2 -10.54 -11.27 6.70
CA ASN C 2 -10.43 -9.80 6.72
C ASN C 2 -9.39 -9.31 5.69
N ARG C 3 -9.14 -7.99 5.64
CA ARG C 3 -8.17 -7.27 4.80
C ARG C 3 -7.19 -8.17 4.01
N GLU C 4 -7.45 -8.41 2.72
CA GLU C 4 -6.46 -8.96 1.80
C GLU C 4 -5.31 -7.95 1.66
N VAL C 5 -4.05 -8.41 1.55
CA VAL C 5 -2.88 -7.54 1.45
C VAL C 5 -1.97 -8.03 0.30
N PRO C 6 -2.15 -7.54 -0.94
CA PRO C 6 -1.47 -8.09 -2.09
C PRO C 6 0.01 -7.67 -2.14
N PRO C 7 0.91 -8.51 -2.66
CA PRO C 7 2.35 -8.22 -2.72
C PRO C 7 2.63 -6.93 -3.49
N GLY C 8 1.81 -6.62 -4.50
CA GLY C 8 1.84 -5.33 -5.19
C GLY C 8 1.83 -4.13 -4.24
N PHE C 9 1.01 -4.17 -3.18
CA PHE C 9 1.00 -3.12 -2.16
C PHE C 9 2.34 -3.07 -1.41
N THR C 10 2.81 -4.23 -0.93
CA THR C 10 4.10 -4.34 -0.25
C THR C 10 5.22 -3.70 -1.08
N ALA C 11 5.28 -4.08 -2.36
CA ALA C 11 6.20 -3.55 -3.37
C ALA C 11 6.00 -2.04 -3.61
N LEU C 12 4.75 -1.58 -3.76
CA LEU C 12 4.43 -0.16 -3.82
C LEU C 12 5.10 0.59 -2.66
N ILE C 13 4.83 0.18 -1.42
CA ILE C 13 5.44 0.79 -0.25
C ILE C 13 6.97 0.76 -0.30
N LYS C 14 7.59 -0.39 -0.63
CA LYS C 14 9.04 -0.45 -0.84
C LYS C 14 9.52 0.64 -1.83
N THR C 15 8.91 0.72 -3.02
CA THR C 15 9.26 1.74 -4.00
C THR C 15 8.96 3.17 -3.50
N LEU C 16 7.90 3.36 -2.73
CA LEU C 16 7.57 4.63 -2.09
C LEU C 16 8.71 5.08 -1.17
N ARG C 17 9.12 4.20 -0.25
CA ARG C 17 10.25 4.46 0.65
C ARG C 17 11.54 4.69 -0.15
N LYS C 18 11.85 3.87 -1.14
CA LYS C 18 12.96 4.11 -2.06
C LYS C 18 12.92 5.54 -2.64
N CYS C 19 11.76 5.95 -3.18
CA CYS C 19 11.58 7.25 -3.80
C CYS C 19 11.71 8.42 -2.82
N LYS C 20 10.93 8.40 -1.74
CA LYS C 20 10.84 9.51 -0.78
C LYS C 20 11.94 9.49 0.30
N ILE C 21 12.55 8.34 0.57
CA ILE C 21 13.49 8.11 1.69
C ILE C 21 12.76 8.12 3.04
N ILE C 22 12.16 9.26 3.39
CA ILE C 22 11.33 9.39 4.59
C ILE C 22 10.01 8.59 4.46
N ASN D 1 -12.27 1.51 -7.87
CA ASN D 1 -13.00 1.86 -6.63
C ASN D 1 -12.88 0.77 -5.56
N LEU D 2 -12.92 1.19 -4.29
CA LEU D 2 -12.69 0.31 -3.14
C LEU D 2 -13.65 -0.89 -3.05
N VAL D 3 -14.94 -0.69 -3.33
CA VAL D 3 -15.98 -1.69 -3.05
C VAL D 3 -16.14 -2.75 -4.15
N SER D 4 -15.89 -2.39 -5.40
CA SER D 4 -16.13 -3.25 -6.57
C SER D 4 -14.95 -3.29 -7.55
N GLY D 5 -14.38 -2.13 -7.86
CA GLY D 5 -13.46 -1.94 -8.98
C GLY D 5 -12.04 -2.45 -8.71
N LEU D 6 -11.90 -3.78 -8.55
CA LEU D 6 -10.63 -4.49 -8.43
C LEU D 6 -9.65 -4.00 -9.50
N ILE D 7 -10.04 -4.10 -10.77
CA ILE D 7 -9.24 -3.62 -11.90
C ILE D 7 -8.85 -2.14 -11.79
N GLU D 8 -9.78 -1.26 -11.41
CA GLU D 8 -9.52 0.18 -11.26
C GLU D 8 -8.48 0.43 -10.18
N ALA D 9 -8.73 -0.09 -8.97
CA ALA D 9 -7.83 0.04 -7.83
C ALA D 9 -6.45 -0.56 -8.14
N ARG D 10 -6.42 -1.76 -8.74
CA ARG D 10 -5.19 -2.40 -9.19
C ARG D 10 -4.45 -1.54 -10.22
N LYS D 11 -5.13 -0.99 -11.23
CA LYS D 11 -4.52 -0.07 -12.18
C LYS D 11 -3.91 1.16 -11.49
N TYR D 12 -4.65 1.82 -10.59
CA TYR D 12 -4.11 2.93 -9.78
C TYR D 12 -2.85 2.49 -9.03
N LEU D 13 -2.95 1.42 -8.24
CA LEU D 13 -1.85 0.83 -7.47
C LEU D 13 -0.62 0.57 -8.36
N GLU D 14 -0.81 -0.22 -9.43
CA GLU D 14 0.18 -0.55 -10.43
C GLU D 14 0.89 0.70 -10.98
N GLN D 15 0.13 1.67 -11.50
CA GLN D 15 0.69 2.90 -12.05
C GLN D 15 1.47 3.70 -10.98
N LEU D 16 0.88 3.90 -9.79
CA LEU D 16 1.56 4.57 -8.69
C LEU D 16 2.89 3.88 -8.34
N HIS D 17 2.86 2.57 -8.09
CA HIS D 17 4.04 1.73 -7.88
C HIS D 17 5.08 1.89 -9.01
N ARG D 18 4.65 1.77 -10.27
CA ARG D 18 5.47 1.94 -11.46
C ARG D 18 6.16 3.32 -11.49
N LYS D 19 5.43 4.41 -11.21
CA LYS D 19 6.04 5.73 -11.11
C LYS D 19 7.03 5.82 -9.93
N LEU D 20 6.64 5.35 -8.74
CA LEU D 20 7.52 5.30 -7.57
C LEU D 20 8.76 4.42 -7.80
N LYS D 21 8.67 3.40 -8.65
CA LYS D 21 9.83 2.65 -9.12
C LYS D 21 10.70 3.54 -10.03
N ASN D 22 10.10 4.09 -11.10
CA ASN D 22 10.76 4.97 -12.07
C ASN D 22 11.47 6.16 -11.41
N CYS D 23 10.94 6.66 -10.28
CA CYS D 23 11.58 7.65 -9.42
C CYS D 23 13.07 7.36 -9.13
N LYS D 24 13.49 6.09 -9.16
CA LYS D 24 14.91 5.73 -9.24
C LYS D 24 15.52 6.12 -10.60
N VAL D 25 15.58 7.42 -10.89
CA VAL D 25 16.13 7.95 -12.14
C VAL D 25 17.65 7.75 -12.25
N GLU A 1 -7.81 -13.29 -7.21
CA GLU A 1 -9.12 -12.64 -7.46
C GLU A 1 -9.76 -12.06 -6.18
N ASN A 2 -9.31 -12.48 -4.99
CA ASN A 2 -9.90 -12.06 -3.72
C ASN A 2 -9.47 -10.63 -3.34
N ARG A 3 -9.97 -9.66 -4.10
CA ARG A 3 -9.74 -8.21 -3.96
C ARG A 3 -8.31 -7.76 -4.32
N GLU A 4 -7.29 -8.50 -3.88
CA GLU A 4 -5.87 -8.17 -4.05
C GLU A 4 -5.45 -6.96 -3.20
N VAL A 5 -6.06 -5.79 -3.43
CA VAL A 5 -5.65 -4.51 -2.82
C VAL A 5 -6.51 -4.20 -1.57
N PRO A 6 -5.98 -4.31 -0.35
CA PRO A 6 -6.77 -4.11 0.87
C PRO A 6 -7.02 -2.61 1.13
N PRO A 7 -8.21 -2.23 1.62
CA PRO A 7 -8.51 -0.86 2.07
C PRO A 7 -7.41 -0.26 2.97
N GLY A 8 -6.81 -1.08 3.84
CA GLY A 8 -5.66 -0.70 4.65
C GLY A 8 -4.55 -0.01 3.84
N PHE A 9 -4.25 -0.51 2.64
CA PHE A 9 -3.30 0.12 1.73
C PHE A 9 -3.80 1.48 1.23
N THR A 10 -5.06 1.54 0.77
CA THR A 10 -5.69 2.78 0.35
C THR A 10 -5.56 3.86 1.44
N ALA A 11 -5.93 3.48 2.68
CA ALA A 11 -5.80 4.31 3.87
C ALA A 11 -4.34 4.69 4.15
N LEU A 12 -3.40 3.72 4.11
CA LEU A 12 -1.98 3.98 4.22
C LEU A 12 -1.56 5.11 3.25
N ILE A 13 -1.84 4.97 1.96
CA ILE A 13 -1.54 6.02 0.97
C ILE A 13 -2.19 7.35 1.32
N LYS A 14 -3.50 7.38 1.59
CA LYS A 14 -4.20 8.63 1.93
C LYS A 14 -3.56 9.34 3.14
N THR A 15 -3.41 8.60 4.26
CA THR A 15 -2.78 9.11 5.47
C THR A 15 -1.33 9.54 5.23
N LEU A 16 -0.54 8.74 4.52
CA LEU A 16 0.83 9.08 4.10
C LEU A 16 0.87 10.41 3.34
N ARG A 17 0.02 10.54 2.31
CA ARG A 17 -0.10 11.79 1.56
C ARG A 17 -0.46 12.96 2.49
N LYS A 18 -1.51 12.82 3.30
CA LYS A 18 -1.88 13.87 4.26
C LYS A 18 -0.72 14.26 5.18
N CYS A 19 -0.07 13.28 5.82
CA CYS A 19 1.14 13.46 6.62
C CYS A 19 2.20 14.28 5.89
N LYS A 20 2.53 13.90 4.65
CA LYS A 20 3.50 14.61 3.82
C LYS A 20 2.99 15.94 3.23
N ILE A 21 1.67 16.17 3.17
CA ILE A 21 1.00 17.33 2.56
C ILE A 21 1.10 17.31 1.03
N ILE A 22 2.31 17.20 0.48
CA ILE A 22 2.59 17.05 -0.95
C ILE A 22 2.67 15.57 -1.34
N ASN B 1 5.56 -17.36 -1.86
CA ASN B 1 4.13 -17.07 -1.65
C ASN B 1 3.91 -16.09 -0.49
N LEU B 2 3.43 -14.88 -0.77
CA LEU B 2 3.19 -13.82 0.21
C LEU B 2 2.15 -14.19 1.30
N VAL B 3 1.36 -15.25 1.11
CA VAL B 3 0.54 -15.84 2.17
C VAL B 3 1.42 -16.30 3.36
N SER B 4 2.70 -16.63 3.13
CA SER B 4 3.66 -17.06 4.15
C SER B 4 3.94 -15.96 5.19
N GLY B 5 2.97 -15.75 6.09
CA GLY B 5 2.97 -14.67 7.08
C GLY B 5 1.86 -13.64 6.83
N LEU B 6 0.78 -14.01 6.13
CA LEU B 6 -0.40 -13.20 5.85
C LEU B 6 -0.79 -12.26 7.02
N ILE B 7 -1.07 -12.85 8.18
CA ILE B 7 -1.43 -12.09 9.38
C ILE B 7 -0.35 -11.08 9.78
N GLU B 8 0.93 -11.46 9.73
CA GLU B 8 2.03 -10.56 10.04
C GLU B 8 2.09 -9.41 9.03
N ALA B 9 1.98 -9.71 7.73
CA ALA B 9 1.91 -8.71 6.68
C ALA B 9 0.76 -7.71 6.91
N ARG B 10 -0.44 -8.20 7.25
CA ARG B 10 -1.60 -7.35 7.52
C ARG B 10 -1.45 -6.54 8.82
N LYS B 11 -0.94 -7.14 9.91
CA LYS B 11 -0.58 -6.38 11.12
C LYS B 11 0.44 -5.28 10.80
N TYR B 12 1.52 -5.61 10.10
CA TYR B 12 2.49 -4.63 9.59
C TYR B 12 1.81 -3.51 8.81
N LEU B 13 1.04 -3.84 7.77
CA LEU B 13 0.27 -2.89 6.98
C LEU B 13 -0.54 -1.94 7.88
N GLU B 14 -1.38 -2.51 8.75
CA GLU B 14 -2.19 -1.74 9.68
C GLU B 14 -1.34 -0.84 10.60
N GLN B 15 -0.26 -1.36 11.17
CA GLN B 15 0.64 -0.57 12.02
C GLN B 15 1.28 0.60 11.24
N LEU B 16 1.77 0.32 10.02
CA LEU B 16 2.37 1.33 9.15
C LEU B 16 1.33 2.43 8.84
N HIS B 17 0.16 2.04 8.33
CA HIS B 17 -1.02 2.89 8.20
C HIS B 17 -1.27 3.72 9.48
N ARG B 18 -1.38 3.06 10.64
CA ARG B 18 -1.63 3.69 11.92
C ARG B 18 -0.60 4.78 12.27
N LYS B 19 0.69 4.55 12.00
CA LYS B 19 1.71 5.59 12.15
C LYS B 19 1.41 6.82 11.27
N LEU B 20 1.24 6.63 9.96
CA LEU B 20 0.91 7.74 9.06
C LEU B 20 -0.43 8.40 9.39
N LYS B 21 -1.39 7.65 9.93
CA LYS B 21 -2.61 8.22 10.48
C LYS B 21 -2.28 9.14 11.67
N ASN B 22 -1.66 8.57 12.71
CA ASN B 22 -1.25 9.29 13.93
C ASN B 22 -0.44 10.56 13.61
N CYS B 23 0.39 10.54 12.57
CA CYS B 23 1.10 11.73 12.08
C CYS B 23 0.18 12.95 11.92
N LYS B 24 -0.96 12.82 11.24
CA LYS B 24 -1.73 14.00 10.83
C LYS B 24 -3.21 13.73 10.47
N VAL B 25 -3.81 12.66 11.00
CA VAL B 25 -5.22 12.33 10.83
C VAL B 25 -5.82 11.85 12.17
N GLU C 1 -10.71 -10.26 5.05
CA GLU C 1 -10.15 -8.99 4.53
C GLU C 1 -9.06 -9.26 3.49
N ASN C 2 -9.41 -9.34 2.20
CA ASN C 2 -8.50 -9.51 1.06
C ASN C 2 -7.75 -10.86 1.03
N ARG C 3 -6.98 -11.20 2.07
CA ARG C 3 -6.21 -12.44 2.21
C ARG C 3 -5.01 -12.51 1.26
N GLU C 4 -5.24 -12.42 -0.05
CA GLU C 4 -4.20 -12.37 -1.07
C GLU C 4 -3.34 -11.10 -0.92
N VAL C 5 -2.24 -11.16 -0.17
CA VAL C 5 -1.27 -10.08 -0.02
C VAL C 5 -0.62 -9.73 -1.38
N PRO C 6 -0.85 -8.54 -1.93
CA PRO C 6 -0.53 -8.26 -3.33
C PRO C 6 0.95 -7.91 -3.52
N PRO C 7 1.67 -8.53 -4.47
CA PRO C 7 3.08 -8.24 -4.73
C PRO C 7 3.29 -6.77 -5.12
N GLY C 8 2.30 -6.17 -5.78
CA GLY C 8 2.27 -4.73 -6.05
C GLY C 8 2.53 -3.88 -4.79
N PHE C 9 2.00 -4.27 -3.63
CA PHE C 9 2.28 -3.55 -2.38
C PHE C 9 3.78 -3.64 -2.03
N THR C 10 4.33 -4.86 -2.01
CA THR C 10 5.76 -5.08 -1.78
C THR C 10 6.62 -4.23 -2.74
N ALA C 11 6.31 -4.30 -4.04
CA ALA C 11 6.97 -3.51 -5.06
C ALA C 11 6.87 -1.99 -4.79
N LEU C 12 5.66 -1.50 -4.49
CA LEU C 12 5.44 -0.11 -4.09
C LEU C 12 6.31 0.27 -2.89
N ILE C 13 6.25 -0.49 -1.79
CA ILE C 13 7.07 -0.24 -0.60
C ILE C 13 8.57 -0.19 -0.97
N LYS C 14 9.08 -1.19 -1.70
CA LYS C 14 10.47 -1.20 -2.13
C LYS C 14 10.84 0.04 -2.97
N THR C 15 10.08 0.30 -4.03
CA THR C 15 10.33 1.45 -4.91
C THR C 15 10.18 2.79 -4.17
N LEU C 16 9.23 2.91 -3.25
CA LEU C 16 9.09 4.06 -2.34
C LEU C 16 10.35 4.22 -1.50
N ARG C 17 10.76 3.15 -0.80
CA ARG C 17 12.00 3.13 -0.02
C ARG C 17 13.21 3.54 -0.86
N LYS C 18 13.32 3.04 -2.10
CA LYS C 18 14.34 3.49 -3.04
C LYS C 18 14.24 5.00 -3.30
N CYS C 19 13.08 5.46 -3.80
CA CYS C 19 12.77 6.87 -4.09
C CYS C 19 13.13 7.82 -2.94
N LYS C 20 12.81 7.43 -1.70
CA LYS C 20 13.15 8.19 -0.49
C LYS C 20 14.65 8.16 -0.15
N ILE C 21 15.43 7.23 -0.71
CA ILE C 21 16.88 7.07 -0.53
C ILE C 21 17.25 6.57 0.87
N ILE C 22 16.81 7.26 1.93
CA ILE C 22 17.00 6.81 3.31
C ILE C 22 16.35 5.43 3.56
N ASN D 1 -13.61 -4.27 3.47
CA ASN D 1 -14.47 -4.29 2.27
C ASN D 1 -14.94 -5.72 1.93
N LEU D 2 -16.08 -5.82 1.25
CA LEU D 2 -16.67 -7.05 0.72
C LEU D 2 -16.92 -6.91 -0.79
N VAL D 3 -17.65 -5.87 -1.19
CA VAL D 3 -17.93 -5.52 -2.58
C VAL D 3 -16.66 -5.50 -3.44
N SER D 4 -15.59 -4.90 -2.93
CA SER D 4 -14.24 -4.98 -3.52
C SER D 4 -14.12 -4.29 -4.89
N GLY D 5 -13.78 -2.99 -4.90
CA GLY D 5 -13.47 -2.25 -6.12
C GLY D 5 -12.14 -2.65 -6.75
N LEU D 6 -12.04 -3.92 -7.19
CA LEU D 6 -10.83 -4.57 -7.68
C LEU D 6 -10.07 -3.71 -8.71
N ILE D 7 -10.68 -3.45 -9.87
CA ILE D 7 -10.02 -2.75 -10.95
C ILE D 7 -9.59 -1.32 -10.56
N GLU D 8 -10.44 -0.60 -9.81
CA GLU D 8 -10.15 0.73 -9.30
C GLU D 8 -8.92 0.70 -8.39
N ALA D 9 -8.96 -0.15 -7.37
CA ALA D 9 -7.88 -0.31 -6.40
C ALA D 9 -6.57 -0.77 -7.08
N ARG D 10 -6.67 -1.71 -8.02
CA ARG D 10 -5.53 -2.12 -8.85
C ARG D 10 -4.95 -0.96 -9.67
N LYS D 11 -5.78 -0.19 -10.39
CA LYS D 11 -5.32 1.00 -11.09
C LYS D 11 -4.63 2.00 -10.15
N TYR D 12 -5.26 2.31 -9.02
CA TYR D 12 -4.68 3.18 -7.97
C TYR D 12 -3.29 2.67 -7.55
N LEU D 13 -3.22 1.42 -7.04
CA LEU D 13 -1.97 0.76 -6.67
C LEU D 13 -0.93 0.82 -7.79
N GLU D 14 -1.27 0.36 -8.99
CA GLU D 14 -0.36 0.31 -10.12
C GLU D 14 0.18 1.69 -10.52
N GLN D 15 -0.68 2.72 -10.60
CA GLN D 15 -0.22 4.07 -10.89
C GLN D 15 0.79 4.55 -9.83
N LEU D 16 0.48 4.39 -8.55
CA LEU D 16 1.39 4.76 -7.47
C LEU D 16 2.72 3.99 -7.57
N HIS D 17 2.65 2.65 -7.61
CA HIS D 17 3.80 1.78 -7.86
C HIS D 17 4.65 2.26 -9.03
N ARG D 18 4.02 2.47 -10.20
CA ARG D 18 4.66 2.97 -11.40
C ARG D 18 5.36 4.32 -11.16
N LYS D 19 4.69 5.27 -10.50
CA LYS D 19 5.30 6.54 -10.14
C LYS D 19 6.55 6.36 -9.27
N LEU D 20 6.44 5.63 -8.15
CA LEU D 20 7.58 5.37 -7.28
C LEU D 20 8.70 4.59 -7.98
N LYS D 21 8.35 3.67 -8.88
CA LYS D 21 9.32 3.01 -9.75
C LYS D 21 10.04 4.02 -10.66
N ASN D 22 9.27 4.85 -11.36
CA ASN D 22 9.77 5.90 -12.26
C ASN D 22 10.69 6.90 -11.53
N CYS D 23 10.39 7.23 -10.26
CA CYS D 23 11.28 8.03 -9.42
C CYS D 23 12.72 7.48 -9.43
N LYS D 24 12.87 6.16 -9.32
CA LYS D 24 14.10 5.40 -9.62
C LYS D 24 15.27 5.60 -8.66
N VAL D 25 15.74 6.85 -8.49
CA VAL D 25 16.92 7.19 -7.68
C VAL D 25 16.81 6.72 -6.22
N GLU A 1 -4.21 -7.25 -5.48
CA GLU A 1 -4.81 -7.81 -6.69
C GLU A 1 -5.33 -9.25 -6.50
N ASN A 2 -4.55 -10.10 -5.83
CA ASN A 2 -4.96 -11.45 -5.50
C ASN A 2 -6.25 -11.45 -4.64
N ARG A 3 -7.36 -11.93 -5.22
CA ARG A 3 -8.71 -11.87 -4.64
C ARG A 3 -9.25 -10.42 -4.54
N GLU A 4 -8.54 -9.53 -3.84
CA GLU A 4 -8.90 -8.13 -3.70
C GLU A 4 -7.67 -7.20 -3.54
N VAL A 5 -7.93 -5.92 -3.28
CA VAL A 5 -6.96 -4.93 -2.80
C VAL A 5 -7.49 -4.40 -1.45
N PRO A 6 -6.72 -4.43 -0.35
CA PRO A 6 -7.24 -4.05 0.95
C PRO A 6 -7.47 -2.54 1.06
N PRO A 7 -8.62 -2.06 1.58
CA PRO A 7 -8.85 -0.63 1.78
C PRO A 7 -7.81 -0.01 2.71
N GLY A 8 -7.21 -0.82 3.60
CA GLY A 8 -6.00 -0.47 4.34
C GLY A 8 -4.93 0.20 3.47
N PHE A 9 -4.71 -0.26 2.23
CA PHE A 9 -3.80 0.39 1.30
C PHE A 9 -4.23 1.84 1.01
N THR A 10 -5.48 2.03 0.61
CA THR A 10 -6.07 3.36 0.37
C THR A 10 -5.93 4.26 1.61
N ALA A 11 -6.29 3.74 2.79
CA ALA A 11 -6.13 4.43 4.06
C ALA A 11 -4.66 4.82 4.32
N LEU A 12 -3.74 3.88 4.16
CA LEU A 12 -2.29 4.14 4.24
C LEU A 12 -1.88 5.26 3.29
N ILE A 13 -2.24 5.18 2.00
CA ILE A 13 -1.96 6.23 1.02
C ILE A 13 -2.50 7.60 1.48
N LYS A 14 -3.78 7.68 1.86
CA LYS A 14 -4.38 8.93 2.33
C LYS A 14 -3.65 9.49 3.56
N THR A 15 -3.48 8.66 4.60
CA THR A 15 -2.78 9.06 5.82
C THR A 15 -1.32 9.46 5.56
N LEU A 16 -0.60 8.74 4.69
CA LEU A 16 0.72 9.12 4.21
C LEU A 16 0.69 10.50 3.56
N ARG A 17 -0.18 10.69 2.56
CA ARG A 17 -0.36 11.97 1.89
C ARG A 17 -0.64 13.11 2.88
N LYS A 18 -1.49 12.87 3.89
CA LYS A 18 -1.72 13.83 4.96
C LYS A 18 -0.43 14.10 5.75
N CYS A 19 0.11 13.06 6.40
CA CYS A 19 1.34 13.09 7.20
C CYS A 19 2.50 13.85 6.53
N LYS A 20 2.75 13.57 5.25
CA LYS A 20 3.81 14.19 4.47
C LYS A 20 3.48 15.61 3.97
N ILE A 21 2.27 16.13 4.25
CA ILE A 21 1.81 17.48 3.91
C ILE A 21 1.55 17.67 2.41
N ILE A 22 2.52 17.34 1.56
CA ILE A 22 2.41 17.36 0.10
C ILE A 22 1.43 16.28 -0.39
N ASN B 1 -0.80 -11.66 -1.08
CA ASN B 1 0.05 -12.84 -0.86
C ASN B 1 -0.76 -14.14 -0.90
N LEU B 2 -0.16 -15.24 -1.36
CA LEU B 2 -0.85 -16.52 -1.48
C LEU B 2 -1.36 -17.04 -0.13
N VAL B 3 -0.46 -17.22 0.84
CA VAL B 3 -0.75 -17.80 2.14
C VAL B 3 0.38 -17.47 3.14
N SER B 4 0.11 -17.60 4.44
CA SER B 4 1.07 -17.45 5.54
C SER B 4 1.55 -16.01 5.76
N GLY B 5 2.24 -15.42 4.77
CA GLY B 5 2.76 -14.05 4.80
C GLY B 5 1.73 -13.05 5.36
N LEU B 6 0.48 -13.21 4.91
CA LEU B 6 -0.76 -12.63 5.44
C LEU B 6 -0.64 -11.97 6.82
N ILE B 7 -0.29 -12.72 7.87
CA ILE B 7 -0.24 -12.17 9.23
C ILE B 7 0.83 -11.08 9.37
N GLU B 8 2.04 -11.33 8.84
CA GLU B 8 3.15 -10.39 8.89
C GLU B 8 2.86 -9.18 7.97
N ALA B 9 2.40 -9.46 6.75
CA ALA B 9 2.01 -8.44 5.78
C ALA B 9 0.90 -7.53 6.34
N ARG B 10 -0.12 -8.12 6.97
CA ARG B 10 -1.17 -7.40 7.69
C ARG B 10 -0.60 -6.54 8.82
N LYS B 11 0.23 -7.13 9.71
CA LYS B 11 0.88 -6.39 10.78
C LYS B 11 1.64 -5.17 10.22
N TYR B 12 2.52 -5.40 9.23
CA TYR B 12 3.26 -4.37 8.52
C TYR B 12 2.33 -3.27 7.96
N LEU B 13 1.40 -3.64 7.08
CA LEU B 13 0.38 -2.73 6.52
C LEU B 13 -0.31 -1.90 7.61
N GLU B 14 -0.90 -2.58 8.59
CA GLU B 14 -1.70 -1.94 9.62
C GLU B 14 -0.85 -1.04 10.54
N GLN B 15 0.36 -1.47 10.91
CA GLN B 15 1.30 -0.64 11.67
C GLN B 15 1.70 0.61 10.88
N LEU B 16 2.09 0.47 9.61
CA LEU B 16 2.36 1.62 8.76
C LEU B 16 1.16 2.58 8.72
N HIS B 17 -0.02 2.08 8.34
CA HIS B 17 -1.26 2.85 8.38
C HIS B 17 -1.46 3.56 9.73
N ARG B 18 -1.40 2.82 10.84
CA ARG B 18 -1.56 3.33 12.20
C ARG B 18 -0.58 4.48 12.50
N LYS B 19 0.71 4.29 12.22
CA LYS B 19 1.72 5.33 12.40
C LYS B 19 1.40 6.57 11.55
N LEU B 20 1.19 6.38 10.24
CA LEU B 20 0.82 7.44 9.31
C LEU B 20 -0.47 8.16 9.71
N LYS B 21 -1.44 7.47 10.30
CA LYS B 21 -2.62 8.07 10.91
C LYS B 21 -2.22 8.93 12.11
N ASN B 22 -1.59 8.33 13.12
CA ASN B 22 -1.20 9.00 14.37
C ASN B 22 -0.28 10.21 14.14
N CYS B 23 0.54 10.19 13.08
CA CYS B 23 1.27 11.36 12.60
C CYS B 23 0.38 12.61 12.49
N LYS B 24 -0.85 12.46 12.00
CA LYS B 24 -1.95 13.44 12.06
C LYS B 24 -1.77 14.70 11.18
N VAL B 25 -0.66 15.44 11.34
CA VAL B 25 -0.39 16.70 10.68
C VAL B 25 -0.56 16.64 9.16
N GLU C 1 -10.62 -11.93 -0.42
CA GLU C 1 -11.59 -11.10 0.32
C GLU C 1 -10.96 -10.50 1.60
N ASN C 2 -10.45 -11.35 2.49
CA ASN C 2 -10.00 -10.96 3.84
C ASN C 2 -8.67 -10.21 3.87
N ARG C 3 -8.60 -9.05 3.18
CA ARG C 3 -7.45 -8.15 3.11
C ARG C 3 -6.14 -8.92 2.88
N GLU C 4 -6.06 -9.68 1.78
CA GLU C 4 -4.96 -10.60 1.51
C GLU C 4 -3.74 -9.87 0.94
N VAL C 5 -3.18 -8.97 1.76
CA VAL C 5 -2.13 -7.99 1.45
C VAL C 5 -1.23 -8.40 0.25
N PRO C 6 -1.41 -7.78 -0.93
CA PRO C 6 -0.81 -8.26 -2.16
C PRO C 6 0.68 -7.94 -2.24
N PRO C 7 1.48 -8.77 -2.95
CA PRO C 7 2.90 -8.52 -3.13
C PRO C 7 3.14 -7.14 -3.77
N GLY C 8 2.26 -6.75 -4.71
CA GLY C 8 2.23 -5.40 -5.27
C GLY C 8 2.28 -4.28 -4.23
N PHE C 9 1.59 -4.43 -3.09
CA PHE C 9 1.63 -3.44 -2.02
C PHE C 9 3.03 -3.37 -1.38
N THR C 10 3.54 -4.52 -0.91
CA THR C 10 4.88 -4.60 -0.33
C THR C 10 5.93 -4.03 -1.29
N ALA C 11 5.86 -4.43 -2.57
CA ALA C 11 6.70 -3.92 -3.64
C ALA C 11 6.55 -2.41 -3.84
N LEU C 12 5.32 -1.89 -3.90
CA LEU C 12 5.06 -0.44 -3.90
C LEU C 12 5.79 0.25 -2.75
N ILE C 13 5.57 -0.19 -1.50
CA ILE C 13 6.21 0.44 -0.34
C ILE C 13 7.74 0.36 -0.42
N LYS C 14 8.31 -0.81 -0.76
CA LYS C 14 9.74 -0.92 -1.01
C LYS C 14 10.23 0.07 -2.07
N THR C 15 9.49 0.19 -3.17
CA THR C 15 9.78 1.15 -4.25
C THR C 15 9.61 2.60 -3.76
N LEU C 16 8.66 2.87 -2.86
CA LEU C 16 8.50 4.17 -2.21
C LEU C 16 9.77 4.52 -1.41
N ARG C 17 10.20 3.60 -0.53
CA ARG C 17 11.47 3.73 0.17
C ARG C 17 12.63 4.00 -0.81
N LYS C 18 12.74 3.19 -1.88
CA LYS C 18 13.76 3.38 -2.91
C LYS C 18 13.70 4.78 -3.52
N CYS C 19 12.54 5.19 -4.06
CA CYS C 19 12.29 6.52 -4.62
C CYS C 19 12.76 7.63 -3.66
N LYS C 20 12.36 7.54 -2.39
CA LYS C 20 12.75 8.50 -1.36
C LYS C 20 14.13 8.20 -0.74
N ILE C 21 14.92 7.29 -1.30
CA ILE C 21 16.20 6.80 -0.79
C ILE C 21 16.05 6.00 0.52
N ILE C 22 15.53 6.64 1.57
CA ILE C 22 15.22 6.01 2.85
C ILE C 22 13.84 5.34 2.84
N ASN D 1 -21.04 -4.59 -7.77
CA ASN D 1 -20.49 -3.21 -7.70
C ASN D 1 -19.00 -3.16 -7.35
N LEU D 2 -18.59 -3.81 -6.25
CA LEU D 2 -17.23 -3.83 -5.69
C LEU D 2 -16.13 -3.96 -6.75
N VAL D 3 -16.35 -4.79 -7.78
CA VAL D 3 -15.47 -4.95 -8.93
C VAL D 3 -14.92 -3.62 -9.47
N SER D 4 -15.76 -2.58 -9.57
CA SER D 4 -15.33 -1.24 -10.02
C SER D 4 -14.21 -0.68 -9.13
N GLY D 5 -14.55 -0.45 -7.86
CA GLY D 5 -13.61 -0.08 -6.80
C GLY D 5 -12.34 -0.93 -6.82
N LEU D 6 -12.48 -2.26 -6.92
CA LEU D 6 -11.35 -3.18 -7.00
C LEU D 6 -10.44 -2.88 -8.21
N ILE D 7 -10.96 -2.91 -9.44
CA ILE D 7 -10.11 -2.64 -10.61
C ILE D 7 -9.51 -1.23 -10.55
N GLU D 8 -10.29 -0.23 -10.13
CA GLU D 8 -9.79 1.12 -9.90
C GLU D 8 -8.60 1.13 -8.92
N ALA D 9 -8.78 0.54 -7.74
CA ALA D 9 -7.72 0.41 -6.74
C ALA D 9 -6.49 -0.33 -7.28
N ARG D 10 -6.71 -1.41 -8.03
CA ARG D 10 -5.63 -2.19 -8.64
C ARG D 10 -4.86 -1.38 -9.69
N LYS D 11 -5.57 -0.68 -10.57
CA LYS D 11 -4.97 0.24 -11.54
C LYS D 11 -4.21 1.37 -10.84
N TYR D 12 -4.77 1.95 -9.77
CA TYR D 12 -4.07 2.93 -8.95
C TYR D 12 -2.79 2.35 -8.35
N LEU D 13 -2.88 1.20 -7.67
CA LEU D 13 -1.74 0.44 -7.15
C LEU D 13 -0.63 0.30 -8.22
N GLU D 14 -0.99 -0.24 -9.40
CA GLU D 14 -0.09 -0.36 -10.54
C GLU D 14 0.55 0.99 -10.91
N GLN D 15 -0.25 1.99 -11.26
CA GLN D 15 0.23 3.30 -11.70
C GLN D 15 1.14 3.97 -10.66
N LEU D 16 0.74 3.96 -9.38
CA LEU D 16 1.51 4.54 -8.29
C LEU D 16 2.86 3.81 -8.13
N HIS D 17 2.83 2.47 -8.03
CA HIS D 17 4.04 1.66 -8.01
C HIS D 17 4.96 1.97 -9.21
N ARG D 18 4.39 2.04 -10.42
CA ARG D 18 5.13 2.40 -11.63
C ARG D 18 5.76 3.79 -11.50
N LYS D 19 4.97 4.80 -11.12
CA LYS D 19 5.46 6.17 -10.88
C LYS D 19 6.65 6.18 -9.92
N LEU D 20 6.54 5.47 -8.79
CA LEU D 20 7.65 5.33 -7.86
C LEU D 20 8.87 4.65 -8.52
N LYS D 21 8.67 3.54 -9.23
CA LYS D 21 9.76 2.93 -10.00
C LYS D 21 10.41 3.95 -10.96
N ASN D 22 9.60 4.79 -11.61
CA ASN D 22 10.05 5.87 -12.48
C ASN D 22 10.97 6.89 -11.78
N CYS D 23 11.02 6.94 -10.44
CA CYS D 23 12.03 7.73 -9.73
C CYS D 23 13.45 7.24 -10.03
N LYS D 24 13.61 5.95 -10.40
CA LYS D 24 14.85 5.22 -10.68
C LYS D 24 15.85 5.14 -9.51
N VAL D 25 16.17 6.25 -8.83
CA VAL D 25 16.97 6.25 -7.62
C VAL D 25 16.36 5.38 -6.51
N GLU A 1 -13.19 -7.94 2.57
CA GLU A 1 -12.73 -7.13 1.42
C GLU A 1 -11.34 -7.57 0.91
N ASN A 2 -11.13 -8.87 0.67
CA ASN A 2 -9.89 -9.37 0.08
C ASN A 2 -9.83 -9.06 -1.42
N ARG A 3 -9.77 -7.77 -1.77
CA ARG A 3 -9.57 -7.33 -3.14
C ARG A 3 -8.17 -7.73 -3.66
N GLU A 4 -7.89 -7.42 -4.93
CA GLU A 4 -6.53 -7.53 -5.46
C GLU A 4 -5.53 -6.69 -4.66
N VAL A 5 -5.98 -5.55 -4.13
CA VAL A 5 -5.33 -4.80 -3.06
C VAL A 5 -6.39 -4.20 -2.12
N PRO A 6 -6.43 -4.54 -0.81
CA PRO A 6 -7.58 -4.28 0.05
C PRO A 6 -7.78 -2.78 0.32
N PRO A 7 -8.99 -2.37 0.75
CA PRO A 7 -9.29 -0.98 1.09
C PRO A 7 -8.39 -0.43 2.20
N GLY A 8 -7.81 -1.30 3.04
CA GLY A 8 -6.71 -0.95 3.93
C GLY A 8 -5.59 -0.16 3.21
N PHE A 9 -5.21 -0.58 1.99
CA PHE A 9 -4.26 0.17 1.17
C PHE A 9 -4.81 1.55 0.82
N THR A 10 -6.04 1.63 0.31
CA THR A 10 -6.71 2.89 0.02
C THR A 10 -6.65 3.85 1.21
N ALA A 11 -7.05 3.37 2.40
CA ALA A 11 -6.96 4.12 3.64
C ALA A 11 -5.51 4.55 3.95
N LEU A 12 -4.57 3.61 3.92
CA LEU A 12 -3.14 3.86 4.15
C LEU A 12 -2.62 4.98 3.24
N ILE A 13 -2.77 4.85 1.92
CA ILE A 13 -2.23 5.83 0.98
C ILE A 13 -2.97 7.18 1.06
N LYS A 14 -4.29 7.20 1.30
CA LYS A 14 -4.98 8.44 1.64
C LYS A 14 -4.37 9.09 2.90
N THR A 15 -4.07 8.27 3.93
CA THR A 15 -3.38 8.76 5.13
C THR A 15 -1.99 9.30 4.81
N LEU A 16 -1.22 8.62 3.95
CA LEU A 16 0.06 9.13 3.46
C LEU A 16 -0.10 10.47 2.72
N ARG A 17 -1.09 10.58 1.84
CA ARG A 17 -1.48 11.86 1.23
C ARG A 17 -1.77 12.92 2.29
N LYS A 18 -2.49 12.58 3.36
CA LYS A 18 -2.68 13.51 4.49
C LYS A 18 -1.35 13.89 5.16
N CYS A 19 -0.47 12.92 5.49
CA CYS A 19 0.89 13.19 5.98
C CYS A 19 1.62 14.21 5.10
N LYS A 20 1.56 14.04 3.77
CA LYS A 20 2.18 14.95 2.82
C LYS A 20 1.57 16.37 2.81
N ILE A 21 0.41 16.60 3.45
CA ILE A 21 -0.32 17.87 3.47
C ILE A 21 -0.95 18.17 2.09
N ILE A 22 -0.14 18.25 1.03
CA ILE A 22 -0.61 18.35 -0.35
C ILE A 22 -1.17 17.01 -0.87
N ASN B 1 6.00 -20.41 5.12
CA ASN B 1 4.96 -20.34 6.17
C ASN B 1 3.96 -19.19 5.92
N LEU B 2 2.94 -19.47 5.10
CA LEU B 2 1.90 -18.52 4.72
C LEU B 2 1.25 -17.84 5.92
N VAL B 3 0.95 -18.59 6.99
CA VAL B 3 0.36 -18.04 8.21
C VAL B 3 1.26 -16.96 8.83
N SER B 4 2.54 -17.28 9.08
CA SER B 4 3.51 -16.32 9.61
C SER B 4 3.62 -15.08 8.69
N GLY B 5 3.75 -15.32 7.38
CA GLY B 5 3.72 -14.27 6.37
C GLY B 5 2.50 -13.35 6.52
N LEU B 6 1.30 -13.94 6.49
CA LEU B 6 0.04 -13.25 6.68
C LEU B 6 0.03 -12.38 7.93
N ILE B 7 0.22 -12.97 9.12
CA ILE B 7 0.15 -12.20 10.36
C ILE B 7 1.23 -11.11 10.43
N GLU B 8 2.48 -11.41 10.04
CA GLU B 8 3.55 -10.43 10.04
C GLU B 8 3.30 -9.27 9.05
N ALA B 9 2.91 -9.60 7.82
CA ALA B 9 2.55 -8.62 6.81
C ALA B 9 1.36 -7.75 7.25
N ARG B 10 0.32 -8.37 7.81
CA ARG B 10 -0.83 -7.67 8.37
C ARG B 10 -0.43 -6.72 9.51
N LYS B 11 0.37 -7.23 10.47
CA LYS B 11 0.98 -6.44 11.53
C LYS B 11 1.73 -5.23 10.96
N TYR B 12 2.64 -5.45 10.01
CA TYR B 12 3.37 -4.38 9.32
C TYR B 12 2.42 -3.35 8.68
N LEU B 13 1.46 -3.83 7.87
CA LEU B 13 0.46 -2.99 7.22
C LEU B 13 -0.27 -2.10 8.25
N GLU B 14 -0.84 -2.72 9.29
CA GLU B 14 -1.55 -1.99 10.34
C GLU B 14 -0.64 -1.01 11.09
N GLN B 15 0.57 -1.44 11.45
CA GLN B 15 1.56 -0.59 12.09
C GLN B 15 1.87 0.65 11.23
N LEU B 16 2.16 0.44 9.95
CA LEU B 16 2.43 1.52 8.99
C LEU B 16 1.21 2.45 8.86
N HIS B 17 0.02 1.90 8.60
CA HIS B 17 -1.26 2.62 8.58
C HIS B 17 -1.43 3.51 9.83
N ARG B 18 -1.32 2.93 11.03
CA ARG B 18 -1.46 3.63 12.29
C ARG B 18 -0.37 4.72 12.48
N LYS B 19 0.89 4.38 12.20
CA LYS B 19 2.01 5.32 12.20
C LYS B 19 1.74 6.52 11.29
N LEU B 20 1.26 6.27 10.06
CA LEU B 20 0.84 7.33 9.15
C LEU B 20 -0.32 8.14 9.75
N LYS B 21 -1.33 7.51 10.35
CA LYS B 21 -2.36 8.28 11.06
C LYS B 21 -1.72 9.21 12.11
N ASN B 22 -0.76 8.71 12.89
CA ASN B 22 -0.01 9.50 13.87
C ASN B 22 0.78 10.70 13.30
N CYS B 23 0.82 10.90 11.97
CA CYS B 23 1.20 12.19 11.40
C CYS B 23 0.35 13.34 11.98
N LYS B 24 -0.96 13.10 12.15
CA LYS B 24 -1.93 14.14 12.53
C LYS B 24 -3.04 13.63 13.47
N VAL B 25 -3.51 12.40 13.25
CA VAL B 25 -4.64 11.77 13.96
C VAL B 25 -4.28 10.37 14.48
N GLU C 1 2.90 -10.28 -0.73
CA GLU C 1 3.32 -11.22 0.32
C GLU C 1 2.31 -12.37 0.50
N ASN C 2 1.02 -12.07 0.54
CA ASN C 2 -0.06 -13.03 0.76
C ASN C 2 -1.40 -12.55 0.17
N ARG C 3 -2.48 -13.31 0.41
CA ARG C 3 -3.84 -13.04 -0.04
C ARG C 3 -4.33 -11.62 0.30
N GLU C 4 -4.12 -11.17 1.55
CA GLU C 4 -4.54 -9.85 2.04
C GLU C 4 -3.53 -8.77 1.65
N VAL C 5 -2.23 -9.02 1.86
CA VAL C 5 -1.16 -8.05 1.58
C VAL C 5 -0.40 -8.47 0.31
N PRO C 6 -0.77 -7.95 -0.88
CA PRO C 6 -0.37 -8.54 -2.14
C PRO C 6 1.09 -8.26 -2.53
N PRO C 7 1.65 -9.07 -3.45
CA PRO C 7 2.92 -8.80 -4.12
C PRO C 7 3.02 -7.36 -4.62
N GLY C 8 1.97 -6.84 -5.28
CA GLY C 8 1.92 -5.47 -5.75
C GLY C 8 2.18 -4.43 -4.65
N PHE C 9 1.55 -4.60 -3.49
CA PHE C 9 1.79 -3.73 -2.33
C PHE C 9 3.21 -3.91 -1.80
N THR C 10 3.66 -5.17 -1.67
CA THR C 10 5.02 -5.49 -1.24
C THR C 10 6.06 -4.76 -2.11
N ALA C 11 5.91 -4.89 -3.44
CA ALA C 11 6.73 -4.24 -4.44
C ALA C 11 6.61 -2.71 -4.37
N LEU C 12 5.39 -2.17 -4.25
CA LEU C 12 5.16 -0.75 -4.00
C LEU C 12 6.00 -0.27 -2.81
N ILE C 13 5.88 -0.90 -1.65
CA ILE C 13 6.64 -0.55 -0.45
C ILE C 13 8.15 -0.57 -0.73
N LYS C 14 8.68 -1.66 -1.29
CA LYS C 14 10.09 -1.73 -1.69
C LYS C 14 10.49 -0.54 -2.59
N THR C 15 9.66 -0.25 -3.59
CA THR C 15 9.90 0.85 -4.54
C THR C 15 9.77 2.23 -3.87
N LEU C 16 8.89 2.38 -2.89
CA LEU C 16 8.74 3.57 -2.07
C LEU C 16 10.02 3.80 -1.24
N ARG C 17 10.50 2.76 -0.55
CA ARG C 17 11.77 2.77 0.14
C ARG C 17 12.90 3.20 -0.81
N LYS C 18 13.00 2.56 -1.99
CA LYS C 18 13.95 2.96 -3.03
C LYS C 18 13.83 4.46 -3.37
N CYS C 19 12.66 4.91 -3.82
CA CYS C 19 12.37 6.30 -4.17
C CYS C 19 12.84 7.29 -3.09
N LYS C 20 12.51 7.00 -1.81
CA LYS C 20 12.91 7.83 -0.68
C LYS C 20 14.35 7.59 -0.19
N ILE C 21 15.08 6.62 -0.76
CA ILE C 21 16.36 6.10 -0.25
C ILE C 21 16.19 5.39 1.11
N ILE C 22 15.79 6.14 2.14
CA ILE C 22 15.49 5.62 3.47
C ILE C 22 14.12 4.91 3.47
N ASN D 1 -14.89 3.60 -1.71
CA ASN D 1 -14.03 2.87 -2.68
C ASN D 1 -14.36 1.37 -2.70
N LEU D 2 -13.84 0.58 -1.75
CA LEU D 2 -14.25 -0.81 -1.51
C LEU D 2 -14.12 -1.71 -2.76
N VAL D 3 -14.70 -2.91 -2.74
CA VAL D 3 -14.80 -3.78 -3.92
C VAL D 3 -15.31 -3.04 -5.17
N SER D 4 -16.34 -2.20 -5.01
CA SER D 4 -16.89 -1.35 -6.05
C SER D 4 -15.82 -0.55 -6.81
N GLY D 5 -14.79 -0.06 -6.12
CA GLY D 5 -13.64 0.61 -6.73
C GLY D 5 -12.34 -0.18 -6.61
N LEU D 6 -12.42 -1.53 -6.68
CA LEU D 6 -11.26 -2.41 -6.79
C LEU D 6 -10.39 -2.00 -7.98
N ILE D 7 -10.99 -1.93 -9.17
CA ILE D 7 -10.30 -1.54 -10.40
C ILE D 7 -9.59 -0.19 -10.26
N GLU D 8 -10.24 0.79 -9.63
CA GLU D 8 -9.65 2.09 -9.36
C GLU D 8 -8.43 1.97 -8.42
N ALA D 9 -8.60 1.29 -7.28
CA ALA D 9 -7.51 1.06 -6.33
C ALA D 9 -6.32 0.34 -6.99
N ARG D 10 -6.59 -0.69 -7.79
CA ARG D 10 -5.61 -1.49 -8.51
C ARG D 10 -4.89 -0.70 -9.63
N LYS D 11 -5.64 0.08 -10.42
CA LYS D 11 -5.09 1.00 -11.41
C LYS D 11 -4.19 2.04 -10.73
N TYR D 12 -4.71 2.70 -9.69
CA TYR D 12 -3.98 3.66 -8.88
C TYR D 12 -2.68 3.06 -8.29
N LEU D 13 -2.77 1.88 -7.66
CA LEU D 13 -1.61 1.12 -7.19
C LEU D 13 -0.53 1.04 -8.26
N GLU D 14 -0.88 0.52 -9.44
CA GLU D 14 0.07 0.42 -10.55
C GLU D 14 0.63 1.79 -10.97
N GLN D 15 -0.22 2.79 -11.20
CA GLN D 15 0.24 4.13 -11.55
C GLN D 15 1.23 4.70 -10.53
N LEU D 16 0.89 4.62 -9.24
CA LEU D 16 1.75 5.04 -8.15
C LEU D 16 3.07 4.26 -8.17
N HIS D 17 3.00 2.93 -8.24
CA HIS D 17 4.18 2.07 -8.31
C HIS D 17 5.08 2.43 -9.51
N ARG D 18 4.51 2.70 -10.69
CA ARG D 18 5.26 3.19 -11.85
C ARG D 18 5.93 4.53 -11.54
N LYS D 19 5.20 5.51 -11.01
CA LYS D 19 5.78 6.80 -10.61
C LYS D 19 6.96 6.62 -9.66
N LEU D 20 6.78 5.83 -8.59
CA LEU D 20 7.84 5.52 -7.63
C LEU D 20 8.98 4.71 -8.26
N LYS D 21 8.70 3.82 -9.22
CA LYS D 21 9.75 3.15 -9.99
C LYS D 21 10.60 4.16 -10.76
N ASN D 22 9.97 5.12 -11.42
CA ASN D 22 10.65 6.19 -12.16
C ASN D 22 11.40 7.16 -11.23
N CYS D 23 10.81 7.54 -10.09
CA CYS D 23 11.40 8.44 -9.09
C CYS D 23 12.90 8.23 -8.86
N LYS D 24 13.29 6.99 -8.51
CA LYS D 24 14.66 6.51 -8.39
C LYS D 24 15.72 7.58 -8.08
N VAL D 25 15.68 8.15 -6.87
CA VAL D 25 16.68 9.12 -6.43
C VAL D 25 18.09 8.52 -6.42
N GLU A 1 -11.17 -15.14 -6.75
CA GLU A 1 -10.57 -15.34 -5.41
C GLU A 1 -9.60 -14.21 -5.03
N ASN A 2 -8.52 -14.05 -5.80
CA ASN A 2 -7.43 -13.13 -5.48
C ASN A 2 -7.76 -11.66 -5.82
N ARG A 3 -8.85 -11.14 -5.25
CA ARG A 3 -9.11 -9.70 -5.29
C ARG A 3 -8.03 -8.89 -4.53
N GLU A 4 -7.32 -9.53 -3.59
CA GLU A 4 -6.09 -9.02 -2.97
C GLU A 4 -6.28 -7.75 -2.12
N VAL A 5 -6.40 -6.59 -2.78
CA VAL A 5 -6.39 -5.26 -2.17
C VAL A 5 -7.29 -5.10 -0.92
N PRO A 6 -6.75 -5.05 0.30
CA PRO A 6 -7.55 -4.76 1.49
C PRO A 6 -7.84 -3.24 1.54
N PRO A 7 -8.98 -2.81 2.10
CA PRO A 7 -9.29 -1.39 2.23
C PRO A 7 -8.20 -0.65 3.02
N GLY A 8 -7.58 -1.34 3.98
CA GLY A 8 -6.38 -0.91 4.69
C GLY A 8 -5.30 -0.34 3.76
N PHE A 9 -5.09 -0.91 2.57
CA PHE A 9 -4.12 -0.38 1.60
C PHE A 9 -4.50 1.04 1.16
N THR A 10 -5.72 1.22 0.65
CA THR A 10 -6.26 2.51 0.27
C THR A 10 -6.19 3.51 1.42
N ALA A 11 -6.63 3.09 2.61
CA ALA A 11 -6.55 3.90 3.83
C ALA A 11 -5.11 4.32 4.15
N LEU A 12 -4.16 3.37 4.14
CA LEU A 12 -2.73 3.64 4.30
C LEU A 12 -2.25 4.70 3.30
N ILE A 13 -2.48 4.52 2.01
CA ILE A 13 -2.10 5.51 1.00
C ILE A 13 -2.73 6.89 1.28
N LYS A 14 -4.04 6.96 1.49
CA LYS A 14 -4.67 8.23 1.87
C LYS A 14 -3.98 8.87 3.08
N THR A 15 -3.70 8.07 4.12
CA THR A 15 -2.95 8.51 5.28
C THR A 15 -1.52 8.98 4.92
N LEU A 16 -0.86 8.31 3.96
CA LEU A 16 0.42 8.75 3.41
C LEU A 16 0.33 10.15 2.77
N ARG A 17 -0.79 10.43 2.08
CA ARG A 17 -1.09 11.80 1.63
C ARG A 17 -1.23 12.75 2.84
N LYS A 18 -2.04 12.39 3.84
CA LYS A 18 -2.18 13.20 5.06
C LYS A 18 -0.84 13.44 5.78
N CYS A 19 0.07 12.46 5.77
CA CYS A 19 1.44 12.57 6.25
C CYS A 19 2.33 13.48 5.37
N LYS A 20 1.76 14.16 4.36
CA LYS A 20 2.42 15.19 3.57
C LYS A 20 3.51 14.63 2.65
N ILE A 21 3.42 13.34 2.31
CA ILE A 21 4.41 12.66 1.46
C ILE A 21 4.06 12.78 -0.02
N ILE A 22 2.77 12.61 -0.35
CA ILE A 22 2.24 12.75 -1.72
C ILE A 22 1.08 13.76 -1.73
N ASN B 1 5.72 -15.39 4.03
CA ASN B 1 5.80 -13.97 4.42
C ASN B 1 4.84 -13.07 3.61
N LEU B 2 4.73 -11.79 3.99
CA LEU B 2 3.85 -10.74 3.47
C LEU B 2 2.66 -11.24 2.63
N VAL B 3 2.82 -11.33 1.30
CA VAL B 3 1.77 -11.72 0.37
C VAL B 3 1.03 -13.01 0.78
N SER B 4 1.78 -13.99 1.29
CA SER B 4 1.24 -15.24 1.84
C SER B 4 0.91 -15.08 3.33
N GLY B 5 1.81 -14.47 4.09
CA GLY B 5 1.64 -14.22 5.52
C GLY B 5 0.65 -13.10 5.80
N LEU B 6 -0.65 -13.33 5.55
CA LEU B 6 -1.73 -12.35 5.75
C LEU B 6 -1.56 -11.54 7.04
N ILE B 7 -1.40 -12.23 8.17
CA ILE B 7 -1.20 -11.60 9.48
C ILE B 7 0.06 -10.70 9.53
N GLU B 8 1.16 -11.12 8.89
CA GLU B 8 2.39 -10.36 8.83
C GLU B 8 2.19 -9.09 8.00
N ALA B 9 1.64 -9.25 6.79
CA ALA B 9 1.25 -8.12 5.94
C ALA B 9 0.34 -7.14 6.67
N ARG B 10 -0.72 -7.65 7.30
CA ARG B 10 -1.70 -6.83 8.01
C ARG B 10 -1.07 -6.12 9.22
N LYS B 11 -0.25 -6.81 10.01
CA LYS B 11 0.52 -6.19 11.10
C LYS B 11 1.42 -5.06 10.58
N TYR B 12 2.25 -5.34 9.58
CA TYR B 12 3.09 -4.32 8.93
C TYR B 12 2.25 -3.14 8.45
N LEU B 13 1.24 -3.39 7.61
CA LEU B 13 0.31 -2.41 7.09
C LEU B 13 -0.26 -1.54 8.22
N GLU B 14 -0.86 -2.17 9.24
CA GLU B 14 -1.41 -1.50 10.41
C GLU B 14 -0.38 -0.58 11.08
N GLN B 15 0.79 -1.10 11.46
CA GLN B 15 1.81 -0.29 12.12
C GLN B 15 2.32 0.87 11.23
N LEU B 16 2.56 0.61 9.95
CA LEU B 16 2.93 1.62 8.97
C LEU B 16 1.85 2.72 8.91
N HIS B 17 0.59 2.33 8.68
CA HIS B 17 -0.57 3.22 8.68
C HIS B 17 -0.70 4.01 9.99
N ARG B 18 -0.47 3.37 11.14
CA ARG B 18 -0.45 4.00 12.45
C ARG B 18 0.63 5.09 12.53
N LYS B 19 1.86 4.78 12.10
CA LYS B 19 2.92 5.78 12.00
C LYS B 19 2.51 6.95 11.08
N LEU B 20 1.99 6.66 9.89
CA LEU B 20 1.48 7.70 8.98
C LEU B 20 0.34 8.53 9.61
N LYS B 21 -0.53 7.91 10.41
CA LYS B 21 -1.52 8.66 11.18
C LYS B 21 -0.81 9.60 12.18
N ASN B 22 0.08 9.05 13.01
CA ASN B 22 0.86 9.84 13.99
C ASN B 22 1.62 11.01 13.32
N CYS B 23 2.16 10.78 12.12
CA CYS B 23 2.82 11.79 11.30
C CYS B 23 1.93 13.03 11.02
N LYS B 24 0.60 12.87 10.94
CA LYS B 24 -0.32 13.99 10.78
C LYS B 24 -0.47 14.79 12.09
N VAL B 25 0.62 15.43 12.51
CA VAL B 25 0.65 16.31 13.68
C VAL B 25 -0.13 17.61 13.44
N GLU C 1 -8.86 -13.76 3.00
CA GLU C 1 -8.66 -14.20 1.60
C GLU C 1 -7.22 -14.69 1.35
N ASN C 2 -7.09 -15.79 0.60
CA ASN C 2 -5.87 -16.57 0.35
C ASN C 2 -4.59 -15.73 0.23
N ARG C 3 -4.66 -14.65 -0.54
CA ARG C 3 -3.61 -13.64 -0.68
C ARG C 3 -4.22 -12.23 -0.53
N GLU C 4 -4.79 -11.92 0.64
CA GLU C 4 -5.41 -10.61 0.94
C GLU C 4 -4.40 -9.44 1.06
N VAL C 5 -3.53 -9.28 0.06
CA VAL C 5 -2.43 -8.32 -0.01
C VAL C 5 -1.69 -8.54 -1.36
N PRO C 6 -1.72 -7.57 -2.28
CA PRO C 6 -1.14 -7.76 -3.61
C PRO C 6 0.39 -7.63 -3.56
N PRO C 7 1.14 -8.43 -4.34
CA PRO C 7 2.57 -8.21 -4.58
C PRO C 7 2.88 -6.75 -4.92
N GLY C 8 2.01 -6.12 -5.72
CA GLY C 8 2.04 -4.70 -6.04
C GLY C 8 2.20 -3.80 -4.80
N PHE C 9 1.60 -4.14 -3.66
CA PHE C 9 1.78 -3.39 -2.42
C PHE C 9 3.23 -3.48 -1.92
N THR C 10 3.76 -4.71 -1.80
CA THR C 10 5.16 -4.92 -1.46
C THR C 10 6.09 -4.15 -2.41
N ALA C 11 5.83 -4.24 -3.72
CA ALA C 11 6.57 -3.49 -4.73
C ALA C 11 6.46 -1.96 -4.53
N LEU C 12 5.25 -1.44 -4.33
CA LEU C 12 5.01 -0.03 -4.01
C LEU C 12 5.83 0.40 -2.78
N ILE C 13 5.70 -0.31 -1.67
CA ILE C 13 6.48 -0.05 -0.46
C ILE C 13 7.99 -0.05 -0.75
N LYS C 14 8.52 -1.12 -1.35
CA LYS C 14 9.93 -1.23 -1.71
C LYS C 14 10.39 -0.03 -2.56
N THR C 15 9.66 0.26 -3.64
CA THR C 15 9.95 1.40 -4.52
C THR C 15 9.80 2.75 -3.81
N LEU C 16 8.88 2.88 -2.86
CA LEU C 16 8.78 4.06 -2.01
C LEU C 16 10.06 4.23 -1.17
N ARG C 17 10.47 3.17 -0.46
CA ARG C 17 11.74 3.16 0.28
C ARG C 17 12.92 3.53 -0.63
N LYS C 18 13.03 2.92 -1.81
CA LYS C 18 14.00 3.33 -2.84
C LYS C 18 13.92 4.84 -3.11
N CYS C 19 12.76 5.34 -3.55
CA CYS C 19 12.59 6.73 -3.94
C CYS C 19 12.98 7.70 -2.82
N LYS C 20 12.57 7.41 -1.59
CA LYS C 20 12.93 8.19 -0.41
C LYS C 20 14.28 7.79 0.21
N ILE C 21 15.08 6.98 -0.49
CA ILE C 21 16.40 6.47 -0.06
C ILE C 21 16.29 5.47 1.11
N ILE C 22 15.75 5.90 2.25
CA ILE C 22 15.49 5.05 3.41
C ILE C 22 14.21 4.23 3.19
N ASN D 1 -13.11 -6.74 -4.64
CA ASN D 1 -13.85 -5.54 -4.17
C ASN D 1 -14.82 -5.00 -5.24
N LEU D 2 -15.68 -5.89 -5.77
CA LEU D 2 -16.49 -5.68 -6.98
C LEU D 2 -15.60 -5.48 -8.22
N VAL D 3 -16.10 -5.77 -9.43
CA VAL D 3 -15.28 -5.67 -10.64
C VAL D 3 -14.68 -4.27 -10.83
N SER D 4 -15.51 -3.23 -10.74
CA SER D 4 -15.13 -1.82 -10.82
C SER D 4 -14.05 -1.47 -9.78
N GLY D 5 -14.41 -1.59 -8.50
CA GLY D 5 -13.51 -1.35 -7.38
C GLY D 5 -12.19 -2.12 -7.51
N LEU D 6 -12.24 -3.41 -7.87
CA LEU D 6 -11.06 -4.23 -8.13
C LEU D 6 -10.16 -3.63 -9.22
N ILE D 7 -10.67 -3.46 -10.46
CA ILE D 7 -9.83 -2.92 -11.53
C ILE D 7 -9.31 -1.50 -11.21
N GLU D 8 -10.17 -0.65 -10.63
CA GLU D 8 -9.77 0.68 -10.16
C GLU D 8 -8.62 0.58 -9.15
N ALA D 9 -8.78 -0.25 -8.11
CA ALA D 9 -7.74 -0.48 -7.11
C ALA D 9 -6.43 -0.98 -7.73
N ARG D 10 -6.49 -1.96 -8.64
CA ARG D 10 -5.33 -2.42 -9.40
C ARG D 10 -4.66 -1.27 -10.17
N LYS D 11 -5.43 -0.50 -10.96
CA LYS D 11 -4.91 0.64 -11.69
C LYS D 11 -4.26 1.68 -10.75
N TYR D 12 -4.96 2.08 -9.69
CA TYR D 12 -4.46 2.98 -8.65
C TYR D 12 -3.13 2.48 -8.07
N LEU D 13 -3.14 1.24 -7.56
CA LEU D 13 -1.96 0.54 -7.04
C LEU D 13 -0.79 0.59 -8.04
N GLU D 14 -0.99 0.13 -9.27
CA GLU D 14 0.09 0.06 -10.25
C GLU D 14 0.57 1.44 -10.72
N GLN D 15 -0.32 2.43 -10.87
CA GLN D 15 0.10 3.81 -11.13
C GLN D 15 0.98 4.34 -9.99
N LEU D 16 0.55 4.20 -8.74
CA LEU D 16 1.36 4.60 -7.58
C LEU D 16 2.71 3.86 -7.57
N HIS D 17 2.70 2.54 -7.62
CA HIS D 17 3.90 1.71 -7.77
C HIS D 17 4.83 2.25 -8.86
N ARG D 18 4.32 2.49 -10.07
CA ARG D 18 5.09 3.10 -11.15
C ARG D 18 5.68 4.46 -10.74
N LYS D 19 4.86 5.37 -10.20
CA LYS D 19 5.33 6.68 -9.74
C LYS D 19 6.50 6.54 -8.74
N LEU D 20 6.34 5.72 -7.70
CA LEU D 20 7.42 5.45 -6.74
C LEU D 20 8.63 4.76 -7.40
N LYS D 21 8.42 3.85 -8.36
CA LYS D 21 9.50 3.24 -9.13
C LYS D 21 10.29 4.27 -9.95
N ASN D 22 9.59 5.25 -10.54
CA ASN D 22 10.22 6.34 -11.30
C ASN D 22 10.96 7.34 -10.39
N CYS D 23 10.31 7.82 -9.32
CA CYS D 23 10.87 8.91 -8.52
C CYS D 23 12.13 8.53 -7.72
N LYS D 24 12.98 9.51 -7.43
CA LYS D 24 14.10 9.38 -6.50
C LYS D 24 14.51 10.74 -5.95
N VAL D 25 14.62 10.86 -4.62
CA VAL D 25 15.07 12.08 -3.95
C VAL D 25 16.58 12.29 -4.17
N GLU A 1 -3.13 -18.18 -3.15
CA GLU A 1 -2.90 -16.78 -3.59
C GLU A 1 -4.13 -15.88 -3.40
N ASN A 2 -4.84 -16.03 -2.27
CA ASN A 2 -6.06 -15.27 -2.00
C ASN A 2 -5.74 -13.83 -1.58
N ARG A 3 -5.33 -12.99 -2.54
CA ARG A 3 -4.99 -11.59 -2.32
C ARG A 3 -5.74 -10.63 -3.26
N GLU A 4 -6.22 -9.53 -2.68
CA GLU A 4 -7.02 -8.48 -3.31
C GLU A 4 -6.27 -7.14 -3.12
N VAL A 5 -6.90 -6.17 -2.45
CA VAL A 5 -6.29 -4.91 -2.01
C VAL A 5 -7.27 -4.17 -1.09
N PRO A 6 -7.11 -4.25 0.25
CA PRO A 6 -8.13 -3.76 1.18
C PRO A 6 -8.10 -2.23 1.30
N PRO A 7 -9.22 -1.59 1.68
CA PRO A 7 -9.30 -0.16 1.96
C PRO A 7 -8.17 0.40 2.81
N GLY A 8 -7.64 -0.40 3.74
CA GLY A 8 -6.43 -0.10 4.51
C GLY A 8 -5.29 0.48 3.65
N PHE A 9 -5.10 -0.04 2.44
CA PHE A 9 -4.14 0.52 1.48
C PHE A 9 -4.50 1.96 1.11
N THR A 10 -5.73 2.21 0.66
CA THR A 10 -6.22 3.54 0.34
C THR A 10 -6.04 4.51 1.52
N ALA A 11 -6.46 4.07 2.72
CA ALA A 11 -6.31 4.84 3.95
C ALA A 11 -4.84 5.10 4.32
N LEU A 12 -3.96 4.12 4.12
CA LEU A 12 -2.51 4.30 4.20
C LEU A 12 -2.06 5.40 3.24
N ILE A 13 -2.37 5.30 1.94
CA ILE A 13 -2.01 6.33 0.97
C ILE A 13 -2.55 7.72 1.37
N LYS A 14 -3.80 7.80 1.81
CA LYS A 14 -4.39 9.04 2.31
C LYS A 14 -3.59 9.62 3.49
N THR A 15 -3.36 8.83 4.55
CA THR A 15 -2.58 9.28 5.70
C THR A 15 -1.13 9.63 5.33
N LEU A 16 -0.50 8.88 4.42
CA LEU A 16 0.79 9.23 3.85
C LEU A 16 0.74 10.59 3.14
N ARG A 17 -0.25 10.81 2.26
CA ARG A 17 -0.45 12.08 1.60
C ARG A 17 -0.63 13.23 2.61
N LYS A 18 -1.39 13.01 3.69
CA LYS A 18 -1.47 13.99 4.77
C LYS A 18 -0.09 14.25 5.40
N CYS A 19 0.57 13.19 5.90
CA CYS A 19 1.92 13.24 6.47
C CYS A 19 2.92 14.01 5.58
N LYS A 20 2.86 13.76 4.27
CA LYS A 20 3.69 14.39 3.25
C LYS A 20 3.36 15.89 3.01
N ILE A 21 2.28 16.41 3.61
CA ILE A 21 1.81 17.80 3.49
C ILE A 21 1.20 18.09 2.11
N ILE A 22 1.95 17.83 1.03
CA ILE A 22 1.46 17.88 -0.35
C ILE A 22 0.94 16.51 -0.81
N ASN B 1 0.66 -20.32 3.90
CA ASN B 1 -0.61 -20.08 3.16
C ASN B 1 -1.72 -19.56 4.09
N LEU B 2 -2.72 -18.89 3.53
CA LEU B 2 -3.87 -18.32 4.25
C LEU B 2 -3.45 -17.56 5.52
N VAL B 3 -3.81 -18.04 6.71
CA VAL B 3 -3.47 -17.42 8.00
C VAL B 3 -1.97 -17.12 8.11
N SER B 4 -1.14 -18.14 7.91
CA SER B 4 0.31 -18.03 7.79
C SER B 4 0.67 -17.34 6.47
N GLY B 5 0.72 -16.01 6.52
CA GLY B 5 0.81 -15.13 5.37
C GLY B 5 -0.07 -13.90 5.62
N LEU B 6 -1.38 -14.12 5.73
CA LEU B 6 -2.36 -13.09 6.07
C LEU B 6 -1.97 -12.31 7.32
N ILE B 7 -1.77 -12.99 8.46
CA ILE B 7 -1.54 -12.25 9.71
C ILE B 7 -0.29 -11.38 9.63
N GLU B 8 0.79 -11.89 9.02
CA GLU B 8 2.02 -11.14 8.77
C GLU B 8 1.76 -9.91 7.88
N ALA B 9 1.19 -10.12 6.70
CA ALA B 9 0.93 -9.04 5.74
C ALA B 9 -0.03 -7.98 6.31
N ARG B 10 -1.12 -8.43 6.95
CA ARG B 10 -2.07 -7.60 7.67
C ARG B 10 -1.38 -6.79 8.77
N LYS B 11 -0.61 -7.44 9.64
CA LYS B 11 0.14 -6.77 10.71
C LYS B 11 1.11 -5.72 10.14
N TYR B 12 1.86 -6.08 9.09
CA TYR B 12 2.73 -5.12 8.39
C TYR B 12 1.95 -3.90 7.89
N LEU B 13 0.94 -4.10 7.05
CA LEU B 13 0.08 -3.03 6.54
C LEU B 13 -0.46 -2.17 7.70
N GLU B 14 -1.06 -2.82 8.70
CA GLU B 14 -1.60 -2.19 9.89
C GLU B 14 -0.58 -1.28 10.57
N GLN B 15 0.60 -1.80 10.95
CA GLN B 15 1.63 -1.02 11.62
C GLN B 15 2.15 0.13 10.74
N LEU B 16 2.44 -0.15 9.47
CA LEU B 16 2.89 0.89 8.52
C LEU B 16 1.84 2.02 8.42
N HIS B 17 0.58 1.66 8.22
CA HIS B 17 -0.54 2.61 8.22
C HIS B 17 -0.65 3.38 9.54
N ARG B 18 -0.59 2.69 10.68
CA ARG B 18 -0.62 3.31 12.01
C ARG B 18 0.49 4.36 12.15
N LYS B 19 1.73 4.03 11.78
CA LYS B 19 2.82 5.01 11.77
C LYS B 19 2.47 6.24 10.93
N LEU B 20 2.06 6.02 9.67
CA LEU B 20 1.68 7.10 8.76
C LEU B 20 0.47 7.92 9.26
N LYS B 21 -0.46 7.29 9.98
CA LYS B 21 -1.52 8.01 10.70
C LYS B 21 -0.94 8.84 11.86
N ASN B 22 -0.15 8.22 12.73
CA ASN B 22 0.47 8.84 13.90
C ASN B 22 1.31 10.07 13.52
N CYS B 23 1.93 10.08 12.35
CA CYS B 23 2.56 11.28 11.77
C CYS B 23 1.66 12.53 11.86
N LYS B 24 0.35 12.36 11.62
CA LYS B 24 -0.78 13.28 11.83
C LYS B 24 -0.75 14.64 11.10
N VAL B 25 0.36 15.37 11.11
CA VAL B 25 0.50 16.68 10.48
C VAL B 25 0.13 16.65 8.98
N GLU C 1 1.65 -16.79 1.59
CA GLU C 1 2.42 -15.53 1.77
C GLU C 1 1.51 -14.29 1.72
N ASN C 2 1.60 -13.44 0.69
CA ASN C 2 0.67 -12.32 0.54
C ASN C 2 -0.78 -12.81 0.37
N ARG C 3 -1.60 -12.56 1.39
CA ARG C 3 -3.02 -12.89 1.45
C ARG C 3 -3.79 -11.64 1.90
N GLU C 4 -4.92 -11.36 1.25
CA GLU C 4 -5.62 -10.07 1.22
C GLU C 4 -4.74 -8.93 0.66
N VAL C 5 -3.66 -8.59 1.37
CA VAL C 5 -2.68 -7.58 1.00
C VAL C 5 -1.69 -8.13 -0.05
N PRO C 6 -1.63 -7.58 -1.27
CA PRO C 6 -0.84 -8.14 -2.36
C PRO C 6 0.65 -7.78 -2.23
N PRO C 7 1.57 -8.56 -2.86
CA PRO C 7 2.99 -8.26 -2.84
C PRO C 7 3.27 -6.89 -3.45
N GLY C 8 2.46 -6.49 -4.43
CA GLY C 8 2.38 -5.14 -4.96
C GLY C 8 2.41 -4.06 -3.88
N PHE C 9 1.74 -4.26 -2.73
CA PHE C 9 1.79 -3.29 -1.63
C PHE C 9 3.21 -3.16 -1.07
N THR C 10 3.81 -4.27 -0.62
CA THR C 10 5.18 -4.30 -0.11
C THR C 10 6.17 -3.72 -1.13
N ALA C 11 6.05 -4.16 -2.39
CA ALA C 11 6.85 -3.64 -3.50
C ALA C 11 6.66 -2.12 -3.67
N LEU C 12 5.42 -1.64 -3.67
CA LEU C 12 5.11 -0.22 -3.68
C LEU C 12 5.80 0.52 -2.53
N ILE C 13 5.64 0.07 -1.28
CA ILE C 13 6.31 0.69 -0.14
C ILE C 13 7.85 0.73 -0.33
N LYS C 14 8.46 -0.40 -0.66
CA LYS C 14 9.89 -0.45 -0.99
C LYS C 14 10.25 0.59 -2.07
N THR C 15 9.46 0.66 -3.13
CA THR C 15 9.64 1.62 -4.22
C THR C 15 9.39 3.07 -3.76
N LEU C 16 8.50 3.28 -2.80
CA LEU C 16 8.24 4.60 -2.20
C LEU C 16 9.48 5.05 -1.40
N ARG C 17 10.03 4.16 -0.57
CA ARG C 17 11.33 4.37 0.08
C ARG C 17 12.40 4.73 -0.98
N LYS C 18 12.53 3.91 -2.03
CA LYS C 18 13.45 4.19 -3.14
C LYS C 18 13.24 5.60 -3.73
N CYS C 19 12.02 5.93 -4.16
CA CYS C 19 11.63 7.26 -4.63
C CYS C 19 12.10 8.37 -3.68
N LYS C 20 11.75 8.23 -2.39
CA LYS C 20 12.11 9.16 -1.33
C LYS C 20 13.61 9.14 -0.98
N ILE C 21 14.36 8.13 -1.43
CA ILE C 21 15.75 7.84 -1.06
C ILE C 21 15.83 7.38 0.41
N ILE C 22 15.44 8.24 1.34
CA ILE C 22 15.34 7.93 2.76
C ILE C 22 14.19 6.94 3.02
N ASN D 1 -19.12 -4.16 -9.54
CA ASN D 1 -19.56 -4.93 -8.36
C ASN D 1 -18.40 -5.75 -7.77
N LEU D 2 -17.63 -5.15 -6.84
CA LEU D 2 -16.47 -5.75 -6.18
C LEU D 2 -15.28 -5.92 -7.14
N VAL D 3 -15.46 -6.68 -8.23
CA VAL D 3 -14.45 -6.81 -9.29
C VAL D 3 -14.02 -5.45 -9.83
N SER D 4 -14.96 -4.53 -10.03
CA SER D 4 -14.72 -3.13 -10.37
C SER D 4 -13.73 -2.49 -9.39
N GLY D 5 -14.10 -2.46 -8.11
CA GLY D 5 -13.25 -2.04 -7.01
C GLY D 5 -11.85 -2.66 -7.07
N LEU D 6 -11.76 -3.98 -7.19
CA LEU D 6 -10.50 -4.72 -7.31
C LEU D 6 -9.64 -4.19 -8.47
N ILE D 7 -10.14 -4.24 -9.71
CA ILE D 7 -9.34 -3.80 -10.86
C ILE D 7 -8.98 -2.31 -10.77
N GLU D 8 -9.91 -1.46 -10.33
CA GLU D 8 -9.64 -0.04 -10.10
C GLU D 8 -8.51 0.17 -9.08
N ALA D 9 -8.65 -0.43 -7.89
CA ALA D 9 -7.65 -0.36 -6.83
C ALA D 9 -6.29 -0.91 -7.27
N ARG D 10 -6.28 -2.05 -7.97
CA ARG D 10 -5.06 -2.59 -8.58
C ARG D 10 -4.44 -1.61 -9.59
N LYS D 11 -5.22 -1.08 -10.53
CA LYS D 11 -4.75 -0.08 -11.49
C LYS D 11 -4.12 1.13 -10.77
N TYR D 12 -4.83 1.69 -9.78
CA TYR D 12 -4.35 2.75 -8.90
C TYR D 12 -3.01 2.39 -8.23
N LEU D 13 -2.95 1.25 -7.53
CA LEU D 13 -1.74 0.71 -6.92
C LEU D 13 -0.59 0.64 -7.93
N GLU D 14 -0.81 -0.03 -9.06
CA GLU D 14 0.14 -0.14 -10.16
C GLU D 14 0.64 1.23 -10.62
N GLN D 15 -0.27 2.16 -10.95
CA GLN D 15 0.09 3.50 -11.38
C GLN D 15 0.97 4.22 -10.35
N LEU D 16 0.58 4.20 -9.07
CA LEU D 16 1.41 4.73 -8.00
C LEU D 16 2.79 4.07 -7.99
N HIS D 17 2.84 2.74 -7.91
CA HIS D 17 4.08 1.97 -7.92
C HIS D 17 5.00 2.32 -9.11
N ARG D 18 4.43 2.46 -10.31
CA ARG D 18 5.17 2.83 -11.52
C ARG D 18 5.69 4.28 -11.44
N LYS D 19 4.84 5.23 -11.04
CA LYS D 19 5.28 6.61 -10.81
C LYS D 19 6.44 6.66 -9.80
N LEU D 20 6.28 5.98 -8.67
CA LEU D 20 7.33 5.84 -7.65
C LEU D 20 8.58 5.14 -8.22
N LYS D 21 8.42 4.12 -9.07
CA LYS D 21 9.56 3.49 -9.76
C LYS D 21 10.30 4.49 -10.66
N ASN D 22 9.57 5.38 -11.35
CA ASN D 22 10.18 6.46 -12.14
C ASN D 22 10.89 7.50 -11.25
N CYS D 23 10.28 7.85 -10.12
CA CYS D 23 10.85 8.77 -9.13
C CYS D 23 12.16 8.25 -8.51
N LYS D 24 13.10 9.15 -8.21
CA LYS D 24 14.34 8.84 -7.50
C LYS D 24 14.98 10.11 -6.92
N VAL D 25 14.32 10.72 -5.93
CA VAL D 25 14.72 11.98 -5.30
C VAL D 25 14.00 12.20 -3.95
N GLU A 1 -3.91 -16.89 -4.90
CA GLU A 1 -4.51 -16.34 -3.66
C GLU A 1 -5.53 -15.24 -3.95
N ASN A 2 -6.49 -15.01 -3.05
CA ASN A 2 -7.47 -13.93 -3.17
C ASN A 2 -6.85 -12.55 -2.87
N ARG A 3 -5.95 -12.11 -3.76
CA ARG A 3 -5.24 -10.84 -3.69
C ARG A 3 -6.12 -9.66 -4.16
N GLU A 4 -7.25 -9.48 -3.48
CA GLU A 4 -8.17 -8.36 -3.68
C GLU A 4 -7.75 -7.16 -2.82
N VAL A 5 -7.10 -6.16 -3.45
CA VAL A 5 -6.56 -4.97 -2.77
C VAL A 5 -7.54 -4.38 -1.73
N PRO A 6 -7.21 -4.39 -0.43
CA PRO A 6 -8.15 -4.03 0.62
C PRO A 6 -8.29 -2.51 0.75
N PRO A 7 -9.47 -1.99 1.13
CA PRO A 7 -9.68 -0.58 1.47
C PRO A 7 -8.57 -0.01 2.36
N GLY A 8 -8.13 -0.79 3.35
CA GLY A 8 -7.00 -0.48 4.24
C GLY A 8 -5.74 -0.03 3.50
N PHE A 9 -5.41 -0.64 2.36
CA PHE A 9 -4.28 -0.21 1.54
C PHE A 9 -4.50 1.22 1.01
N THR A 10 -5.63 1.44 0.33
CA THR A 10 -5.97 2.76 -0.20
C THR A 10 -5.96 3.82 0.91
N ALA A 11 -6.58 3.51 2.05
CA ALA A 11 -6.57 4.35 3.24
C ALA A 11 -5.14 4.64 3.76
N LEU A 12 -4.32 3.60 3.90
CA LEU A 12 -2.89 3.73 4.23
C LEU A 12 -2.21 4.73 3.29
N ILE A 13 -2.30 4.51 1.98
CA ILE A 13 -1.67 5.40 0.99
C ILE A 13 -2.23 6.84 1.07
N LYS A 14 -3.55 7.02 1.18
CA LYS A 14 -4.14 8.34 1.41
C LYS A 14 -3.53 9.02 2.64
N THR A 15 -3.45 8.30 3.76
CA THR A 15 -2.88 8.78 5.01
C THR A 15 -1.38 9.12 4.86
N LEU A 16 -0.62 8.26 4.17
CA LEU A 16 0.77 8.48 3.83
C LEU A 16 0.92 9.78 3.03
N ARG A 17 0.17 9.91 1.94
CA ARG A 17 0.14 11.11 1.11
C ARG A 17 -0.18 12.35 1.96
N LYS A 18 -1.23 12.30 2.79
CA LYS A 18 -1.53 13.37 3.74
C LYS A 18 -0.29 13.73 4.61
N CYS A 19 0.27 12.76 5.34
CA CYS A 19 1.40 13.03 6.23
C CYS A 19 2.64 13.57 5.49
N LYS A 20 2.97 12.98 4.34
CA LYS A 20 4.13 13.36 3.53
C LYS A 20 3.86 14.57 2.62
N ILE A 21 2.60 15.00 2.47
CA ILE A 21 2.13 15.98 1.49
C ILE A 21 2.18 15.41 0.06
N ILE A 22 3.39 15.04 -0.40
CA ILE A 22 3.60 14.40 -1.70
C ILE A 22 3.31 12.89 -1.65
N ASN B 1 9.13 -12.96 6.81
CA ASN B 1 8.84 -12.98 5.35
C ASN B 1 8.11 -11.72 4.86
N LEU B 2 6.96 -11.40 5.45
CA LEU B 2 6.03 -10.36 4.98
C LEU B 2 5.38 -10.75 3.63
N VAL B 3 6.17 -10.92 2.58
CA VAL B 3 5.72 -11.26 1.23
C VAL B 3 5.10 -12.67 1.17
N SER B 4 3.83 -12.76 1.60
CA SER B 4 2.92 -13.92 1.61
C SER B 4 2.62 -14.43 3.02
N GLY B 5 3.44 -14.06 4.01
CA GLY B 5 3.18 -14.28 5.42
C GLY B 5 1.98 -13.44 5.89
N LEU B 6 0.78 -13.88 5.53
CA LEU B 6 -0.51 -13.22 5.72
C LEU B 6 -0.57 -12.35 7.00
N ILE B 7 -0.39 -12.96 8.17
CA ILE B 7 -0.40 -12.26 9.45
C ILE B 7 0.64 -11.14 9.54
N GLU B 8 1.87 -11.39 9.05
CA GLU B 8 2.94 -10.39 9.01
C GLU B 8 2.55 -9.24 8.08
N ALA B 9 2.08 -9.56 6.87
CA ALA B 9 1.60 -8.56 5.91
C ALA B 9 0.51 -7.67 6.51
N ARG B 10 -0.54 -8.30 7.07
CA ARG B 10 -1.63 -7.59 7.75
C ARG B 10 -1.12 -6.72 8.90
N LYS B 11 -0.35 -7.29 9.83
CA LYS B 11 0.18 -6.54 10.97
C LYS B 11 1.07 -5.36 10.52
N TYR B 12 1.95 -5.59 9.55
CA TYR B 12 2.77 -4.55 8.95
C TYR B 12 1.91 -3.44 8.33
N LEU B 13 0.95 -3.79 7.47
CA LEU B 13 0.01 -2.84 6.88
C LEU B 13 -0.69 -2.01 7.97
N GLU B 14 -1.30 -2.69 8.95
CA GLU B 14 -1.94 -2.07 10.10
C GLU B 14 -1.00 -1.07 10.81
N GLN B 15 0.16 -1.55 11.28
CA GLN B 15 1.11 -0.73 12.02
C GLN B 15 1.62 0.45 11.19
N LEU B 16 1.93 0.22 9.91
CA LEU B 16 2.35 1.29 8.99
C LEU B 16 1.24 2.35 8.87
N HIS B 17 0.00 1.93 8.55
CA HIS B 17 -1.14 2.83 8.52
C HIS B 17 -1.32 3.58 9.85
N ARG B 18 -1.19 2.89 10.98
CA ARG B 18 -1.25 3.50 12.31
C ARG B 18 -0.17 4.58 12.46
N LYS B 19 1.09 4.28 12.13
CA LYS B 19 2.18 5.24 12.16
C LYS B 19 1.88 6.47 11.29
N LEU B 20 1.52 6.28 10.02
CA LEU B 20 1.15 7.40 9.15
C LEU B 20 -0.04 8.19 9.70
N LYS B 21 -1.05 7.50 10.25
CA LYS B 21 -2.19 8.15 10.93
C LYS B 21 -1.75 8.94 12.17
N ASN B 22 -0.76 8.45 12.92
CA ASN B 22 -0.16 9.17 14.05
C ASN B 22 0.58 10.43 13.59
N CYS B 23 1.34 10.39 12.48
CA CYS B 23 1.92 11.62 11.90
C CYS B 23 0.86 12.48 11.20
N LYS B 24 -0.09 13.00 11.99
CA LYS B 24 -1.30 13.67 11.53
C LYS B 24 -1.03 15.11 11.06
N VAL B 25 -0.17 15.29 10.05
CA VAL B 25 0.07 16.59 9.43
C VAL B 25 -1.20 17.11 8.74
N GLU C 1 -7.72 -19.42 2.37
CA GLU C 1 -6.95 -18.25 2.83
C GLU C 1 -7.70 -16.92 2.57
N ASN C 2 -7.18 -15.82 3.11
CA ASN C 2 -7.82 -14.50 3.05
C ASN C 2 -6.79 -13.37 2.92
N ARG C 3 -6.00 -13.41 1.84
CA ARG C 3 -4.85 -12.53 1.67
C ARG C 3 -5.24 -11.06 1.47
N GLU C 4 -6.01 -10.74 0.42
CA GLU C 4 -6.31 -9.37 -0.01
C GLU C 4 -5.07 -8.60 -0.50
N VAL C 5 -4.11 -8.32 0.39
CA VAL C 5 -2.93 -7.52 0.11
C VAL C 5 -1.94 -8.23 -0.85
N PRO C 6 -1.70 -7.71 -2.07
CA PRO C 6 -0.82 -8.36 -3.04
C PRO C 6 0.66 -8.10 -2.68
N PRO C 7 1.60 -8.91 -3.20
CA PRO C 7 3.04 -8.62 -3.09
C PRO C 7 3.38 -7.25 -3.70
N GLY C 8 2.60 -6.83 -4.72
CA GLY C 8 2.57 -5.48 -5.25
C GLY C 8 2.57 -4.39 -4.17
N PHE C 9 1.91 -4.61 -3.02
CA PHE C 9 1.99 -3.69 -1.89
C PHE C 9 3.43 -3.51 -1.42
N THR C 10 4.12 -4.61 -1.11
CA THR C 10 5.52 -4.58 -0.69
C THR C 10 6.40 -3.93 -1.77
N ALA C 11 6.19 -4.30 -3.04
CA ALA C 11 6.90 -3.69 -4.16
C ALA C 11 6.67 -2.16 -4.22
N LEU C 12 5.43 -1.71 -4.07
CA LEU C 12 5.09 -0.30 -3.91
C LEU C 12 5.87 0.31 -2.74
N ILE C 13 5.78 -0.26 -1.53
CA ILE C 13 6.49 0.25 -0.35
C ILE C 13 8.01 0.37 -0.59
N LYS C 14 8.64 -0.66 -1.15
CA LYS C 14 10.06 -0.61 -1.51
C LYS C 14 10.36 0.53 -2.50
N THR C 15 9.63 0.60 -3.61
CA THR C 15 9.80 1.70 -4.57
C THR C 15 9.48 3.08 -3.97
N LEU C 16 8.51 3.17 -3.05
CA LEU C 16 8.19 4.37 -2.29
C LEU C 16 9.39 4.81 -1.45
N ARG C 17 9.91 3.91 -0.61
CA ARG C 17 11.14 4.12 0.14
C ARG C 17 12.25 4.63 -0.77
N LYS C 18 12.53 3.92 -1.87
CA LYS C 18 13.58 4.29 -2.81
C LYS C 18 13.36 5.68 -3.44
N CYS C 19 12.14 5.98 -3.89
CA CYS C 19 11.78 7.28 -4.46
C CYS C 19 11.91 8.42 -3.43
N LYS C 20 11.22 8.28 -2.29
CA LYS C 20 11.01 9.36 -1.33
C LYS C 20 12.16 9.50 -0.31
N ILE C 21 12.80 8.39 0.07
CA ILE C 21 13.75 8.29 1.18
C ILE C 21 13.06 8.50 2.54
N ILE C 22 12.47 9.68 2.75
CA ILE C 22 11.68 9.98 3.94
C ILE C 22 10.33 9.24 3.95
N ASN D 1 -15.27 4.31 6.50
CA ASN D 1 -14.14 4.00 5.59
C ASN D 1 -14.58 4.00 4.12
N LEU D 2 -13.66 4.31 3.20
CA LEU D 2 -13.91 4.17 1.77
C LEU D 2 -14.25 2.72 1.38
N VAL D 3 -15.00 2.54 0.29
CA VAL D 3 -15.45 1.23 -0.19
C VAL D 3 -14.37 0.52 -1.03
N SER D 4 -14.49 -0.79 -1.18
CA SER D 4 -13.56 -1.62 -1.95
C SER D 4 -13.74 -1.42 -3.47
N GLY D 5 -13.37 -0.26 -3.98
CA GLY D 5 -13.35 0.05 -5.41
C GLY D 5 -12.21 -0.69 -6.13
N LEU D 6 -12.25 -2.03 -6.11
CA LEU D 6 -11.14 -2.93 -6.45
C LEU D 6 -10.36 -2.51 -7.70
N ILE D 7 -11.04 -2.38 -8.84
CA ILE D 7 -10.42 -1.99 -10.11
C ILE D 7 -9.62 -0.67 -9.97
N GLU D 8 -10.18 0.32 -9.27
CA GLU D 8 -9.50 1.58 -9.04
C GLU D 8 -8.36 1.42 -8.04
N ALA D 9 -8.56 0.64 -6.96
CA ALA D 9 -7.49 0.31 -6.02
C ALA D 9 -6.27 -0.33 -6.72
N ARG D 10 -6.52 -1.30 -7.61
CA ARG D 10 -5.48 -1.89 -8.46
C ARG D 10 -4.85 -0.83 -9.39
N LYS D 11 -5.65 -0.10 -10.15
CA LYS D 11 -5.14 0.95 -11.06
C LYS D 11 -4.25 1.96 -10.33
N TYR D 12 -4.71 2.44 -9.17
CA TYR D 12 -3.99 3.31 -8.23
C TYR D 12 -2.67 2.66 -7.79
N LEU D 13 -2.72 1.45 -7.21
CA LEU D 13 -1.55 0.66 -6.87
C LEU D 13 -0.53 0.62 -8.01
N GLU D 14 -0.93 0.15 -9.20
CA GLU D 14 -0.04 0.03 -10.35
C GLU D 14 0.55 1.38 -10.78
N GLN D 15 -0.29 2.40 -11.00
CA GLN D 15 0.18 3.74 -11.35
C GLN D 15 1.21 4.26 -10.34
N LEU D 16 0.87 4.24 -9.05
CA LEU D 16 1.78 4.70 -8.00
C LEU D 16 3.08 3.89 -8.00
N HIS D 17 3.01 2.56 -7.92
CA HIS D 17 4.19 1.70 -7.96
C HIS D 17 5.08 2.02 -9.18
N ARG D 18 4.49 2.12 -10.36
CA ARG D 18 5.20 2.51 -11.57
C ARG D 18 5.88 3.88 -11.42
N LYS D 19 5.12 4.92 -11.06
CA LYS D 19 5.65 6.27 -10.87
C LYS D 19 6.83 6.28 -9.88
N LEU D 20 6.64 5.64 -8.72
CA LEU D 20 7.68 5.52 -7.69
C LEU D 20 8.91 4.78 -8.23
N LYS D 21 8.72 3.65 -8.92
CA LYS D 21 9.82 2.99 -9.63
C LYS D 21 10.53 3.95 -10.60
N ASN D 22 9.76 4.72 -11.38
CA ASN D 22 10.29 5.69 -12.34
C ASN D 22 11.15 6.78 -11.68
N CYS D 23 11.00 7.05 -10.37
CA CYS D 23 11.96 7.91 -9.67
C CYS D 23 13.39 7.36 -9.75
N LYS D 24 13.53 6.02 -9.68
CA LYS D 24 14.79 5.28 -9.72
C LYS D 24 15.72 5.57 -8.52
N VAL D 25 16.23 6.80 -8.41
CA VAL D 25 17.11 7.27 -7.34
C VAL D 25 18.31 6.33 -7.10
N GLU A 1 -11.11 -5.69 2.33
CA GLU A 1 -10.36 -6.91 2.70
C GLU A 1 -10.78 -8.13 1.87
N ASN A 2 -12.09 -8.27 1.61
CA ASN A 2 -12.65 -9.33 0.79
C ASN A 2 -12.03 -9.37 -0.63
N ARG A 3 -12.22 -8.31 -1.42
CA ARG A 3 -11.74 -8.28 -2.80
C ARG A 3 -10.27 -7.84 -2.88
N GLU A 4 -9.38 -8.67 -2.32
CA GLU A 4 -7.91 -8.57 -2.43
C GLU A 4 -7.31 -7.29 -1.82
N VAL A 5 -7.54 -6.14 -2.45
CA VAL A 5 -7.02 -4.86 -1.98
C VAL A 5 -7.86 -4.36 -0.80
N PRO A 6 -7.27 -4.16 0.39
CA PRO A 6 -8.02 -3.71 1.56
C PRO A 6 -8.19 -2.18 1.53
N PRO A 7 -9.34 -1.64 1.96
CA PRO A 7 -9.51 -0.21 2.22
C PRO A 7 -8.35 0.40 3.03
N GLY A 8 -7.78 -0.38 3.95
CA GLY A 8 -6.54 -0.08 4.67
C GLY A 8 -5.43 0.50 3.77
N PHE A 9 -5.26 -0.01 2.55
CA PHE A 9 -4.32 0.56 1.58
C PHE A 9 -4.68 2.00 1.22
N THR A 10 -5.92 2.23 0.78
CA THR A 10 -6.43 3.56 0.46
C THR A 10 -6.29 4.51 1.66
N ALA A 11 -6.68 4.05 2.85
CA ALA A 11 -6.57 4.81 4.09
C ALA A 11 -5.10 5.10 4.46
N LEU A 12 -4.19 4.13 4.30
CA LEU A 12 -2.74 4.35 4.39
C LEU A 12 -2.30 5.47 3.44
N ILE A 13 -2.60 5.34 2.14
CA ILE A 13 -2.29 6.36 1.13
C ILE A 13 -2.82 7.75 1.56
N LYS A 14 -4.09 7.85 1.94
CA LYS A 14 -4.68 9.09 2.42
C LYS A 14 -3.94 9.66 3.64
N THR A 15 -3.78 8.87 4.71
CA THR A 15 -3.08 9.32 5.91
C THR A 15 -1.63 9.72 5.65
N LEU A 16 -0.91 8.97 4.80
CA LEU A 16 0.41 9.36 4.30
C LEU A 16 0.35 10.72 3.61
N ARG A 17 -0.47 10.85 2.56
CA ARG A 17 -0.65 12.10 1.82
C ARG A 17 -0.98 13.28 2.74
N LYS A 18 -1.85 13.08 3.73
CA LYS A 18 -2.17 14.10 4.72
C LYS A 18 -0.96 14.44 5.59
N CYS A 19 -0.33 13.44 6.23
CA CYS A 19 0.87 13.64 7.04
C CYS A 19 1.98 14.40 6.29
N LYS A 20 2.21 14.04 5.02
CA LYS A 20 3.19 14.70 4.17
C LYS A 20 2.76 16.09 3.68
N ILE A 21 1.55 16.56 4.00
CA ILE A 21 1.03 17.90 3.69
C ILE A 21 0.71 18.08 2.20
N ILE A 22 1.70 17.85 1.32
CA ILE A 22 1.55 17.91 -0.13
C ILE A 22 0.63 16.79 -0.64
N ASN B 1 3.09 -15.39 -1.02
CA ASN B 1 3.44 -15.34 0.41
C ASN B 1 2.84 -16.53 1.18
N LEU B 2 3.68 -17.48 1.60
CA LEU B 2 3.25 -18.72 2.26
C LEU B 2 2.78 -18.46 3.70
N VAL B 3 1.60 -17.86 3.85
CA VAL B 3 0.90 -17.57 5.11
C VAL B 3 1.68 -16.57 5.98
N SER B 4 2.82 -16.99 6.53
CA SER B 4 3.82 -16.18 7.23
C SER B 4 3.94 -14.76 6.66
N GLY B 5 4.46 -14.65 5.43
CA GLY B 5 4.59 -13.40 4.70
C GLY B 5 3.27 -12.62 4.57
N LEU B 6 2.14 -13.30 4.41
CA LEU B 6 0.84 -12.66 4.26
C LEU B 6 0.39 -12.02 5.58
N ILE B 7 0.36 -12.79 6.67
CA ILE B 7 0.03 -12.24 7.99
C ILE B 7 1.02 -11.14 8.39
N GLU B 8 2.31 -11.34 8.12
CA GLU B 8 3.33 -10.30 8.28
C GLU B 8 2.96 -9.03 7.49
N ALA B 9 2.69 -9.15 6.19
CA ALA B 9 2.26 -8.02 5.35
C ALA B 9 1.02 -7.31 5.90
N ARG B 10 0.02 -8.08 6.35
CA ARG B 10 -1.22 -7.55 6.93
C ARG B 10 -0.94 -6.77 8.24
N LYS B 11 -0.21 -7.37 9.17
CA LYS B 11 0.23 -6.71 10.40
C LYS B 11 1.05 -5.44 10.09
N TYR B 12 2.03 -5.56 9.20
CA TYR B 12 2.85 -4.46 8.73
C TYR B 12 2.01 -3.32 8.14
N LEU B 13 1.06 -3.64 7.25
CA LEU B 13 0.07 -2.70 6.72
C LEU B 13 -0.63 -1.95 7.88
N GLU B 14 -1.23 -2.67 8.82
CA GLU B 14 -1.85 -2.06 10.00
C GLU B 14 -0.88 -1.12 10.74
N GLN B 15 0.27 -1.64 11.19
CA GLN B 15 1.28 -0.89 11.93
C GLN B 15 1.71 0.39 11.18
N LEU B 16 2.11 0.25 9.92
CA LEU B 16 2.53 1.35 9.07
C LEU B 16 1.40 2.39 8.90
N HIS B 17 0.20 1.94 8.54
CA HIS B 17 -0.97 2.82 8.44
C HIS B 17 -1.22 3.60 9.74
N ARG B 18 -1.21 2.91 10.88
CA ARG B 18 -1.37 3.52 12.20
C ARG B 18 -0.26 4.54 12.49
N LYS B 19 1.00 4.20 12.23
CA LYS B 19 2.12 5.14 12.33
C LYS B 19 1.90 6.38 11.46
N LEU B 20 1.52 6.19 10.19
CA LEU B 20 1.24 7.30 9.27
C LEU B 20 0.06 8.16 9.78
N LYS B 21 -1.02 7.54 10.26
CA LYS B 21 -2.08 8.29 10.94
C LYS B 21 -1.53 9.08 12.13
N ASN B 22 -0.71 8.44 12.98
CA ASN B 22 -0.08 9.11 14.12
C ASN B 22 0.76 10.32 13.67
N CYS B 23 1.51 10.20 12.56
CA CYS B 23 2.25 11.34 12.02
C CYS B 23 1.33 12.41 11.43
N LYS B 24 0.18 12.03 10.85
CA LYS B 24 -0.92 12.97 10.63
C LYS B 24 -1.57 13.39 11.96
N VAL B 25 -0.86 14.21 12.74
CA VAL B 25 -1.38 14.82 13.97
C VAL B 25 -2.61 15.69 13.71
N GLU C 1 -10.67 -16.76 2.88
CA GLU C 1 -10.75 -15.70 1.86
C GLU C 1 -9.42 -15.50 1.12
N ASN C 2 -9.48 -15.10 -0.15
CA ASN C 2 -8.31 -14.77 -0.95
C ASN C 2 -7.47 -13.63 -0.32
N ARG C 3 -6.15 -13.70 -0.42
CA ARG C 3 -5.21 -12.84 0.31
C ARG C 3 -5.56 -11.33 0.35
N GLU C 4 -5.97 -10.83 1.52
CA GLU C 4 -6.43 -9.45 1.71
C GLU C 4 -5.32 -8.37 1.68
N VAL C 5 -4.27 -8.56 0.87
CA VAL C 5 -3.17 -7.63 0.62
C VAL C 5 -2.21 -8.26 -0.42
N PRO C 6 -2.23 -7.79 -1.68
CA PRO C 6 -1.43 -8.40 -2.74
C PRO C 6 0.05 -7.97 -2.67
N PRO C 7 0.99 -8.75 -3.24
CA PRO C 7 2.41 -8.41 -3.26
C PRO C 7 2.70 -6.99 -3.77
N GLY C 8 1.89 -6.53 -4.73
CA GLY C 8 1.87 -5.16 -5.22
C GLY C 8 1.97 -4.11 -4.11
N PHE C 9 1.30 -4.31 -2.97
CA PHE C 9 1.42 -3.42 -1.83
C PHE C 9 2.87 -3.34 -1.32
N THR C 10 3.45 -4.50 -0.96
CA THR C 10 4.85 -4.60 -0.54
C THR C 10 5.80 -3.98 -1.57
N ALA C 11 5.59 -4.30 -2.85
CA ALA C 11 6.37 -3.74 -3.96
C ALA C 11 6.24 -2.20 -4.04
N LEU C 12 5.02 -1.67 -3.92
CA LEU C 12 4.78 -0.24 -3.81
C LEU C 12 5.57 0.35 -2.64
N ILE C 13 5.41 -0.16 -1.42
CA ILE C 13 6.14 0.34 -0.25
C ILE C 13 7.67 0.29 -0.48
N LYS C 14 8.20 -0.83 -0.98
CA LYS C 14 9.62 -0.95 -1.29
C LYS C 14 10.08 0.12 -2.28
N THR C 15 9.38 0.27 -3.42
CA THR C 15 9.70 1.32 -4.41
C THR C 15 9.49 2.74 -3.87
N LEU C 16 8.51 2.97 -3.00
CA LEU C 16 8.32 4.23 -2.28
C LEU C 16 9.56 4.54 -1.44
N ARG C 17 9.93 3.63 -0.54
CA ARG C 17 11.15 3.70 0.26
C ARG C 17 12.37 4.00 -0.63
N LYS C 18 12.56 3.21 -1.70
CA LYS C 18 13.67 3.41 -2.63
C LYS C 18 13.67 4.81 -3.24
N CYS C 19 12.56 5.24 -3.86
CA CYS C 19 12.39 6.59 -4.41
C CYS C 19 12.72 7.67 -3.36
N LYS C 20 12.20 7.50 -2.14
CA LYS C 20 12.41 8.38 -1.00
C LYS C 20 13.81 8.24 -0.37
N ILE C 21 14.64 7.29 -0.83
CA ILE C 21 15.93 6.92 -0.24
C ILE C 21 15.75 6.24 1.12
N ILE C 22 15.21 6.98 2.09
CA ILE C 22 14.94 6.49 3.45
C ILE C 22 13.58 5.76 3.54
N ASN D 1 -14.68 -4.15 0.27
CA ASN D 1 -14.34 -3.79 -1.12
C ASN D 1 -15.23 -4.53 -2.14
N LEU D 2 -15.32 -4.00 -3.37
CA LEU D 2 -16.11 -4.54 -4.48
C LEU D 2 -15.21 -4.78 -5.70
N VAL D 3 -15.72 -5.45 -6.74
CA VAL D 3 -14.96 -5.69 -7.96
C VAL D 3 -14.46 -4.38 -8.61
N SER D 4 -15.33 -3.37 -8.68
CA SER D 4 -15.02 -2.02 -9.14
C SER D 4 -13.86 -1.42 -8.34
N GLY D 5 -14.09 -1.24 -7.03
CA GLY D 5 -13.10 -0.77 -6.07
C GLY D 5 -11.76 -1.50 -6.21
N LEU D 6 -11.77 -2.83 -6.24
CA LEU D 6 -10.61 -3.66 -6.55
C LEU D 6 -9.92 -3.22 -7.85
N ILE D 7 -10.57 -3.31 -9.02
CA ILE D 7 -9.89 -2.98 -10.27
C ILE D 7 -9.33 -1.55 -10.28
N GLU D 8 -10.10 -0.56 -9.82
CA GLU D 8 -9.62 0.81 -9.74
C GLU D 8 -8.42 0.97 -8.77
N ALA D 9 -8.54 0.43 -7.56
CA ALA D 9 -7.45 0.45 -6.59
C ALA D 9 -6.20 -0.29 -7.09
N ARG D 10 -6.39 -1.41 -7.79
CA ARG D 10 -5.33 -2.18 -8.44
C ARG D 10 -4.65 -1.40 -9.58
N LYS D 11 -5.44 -0.70 -10.41
CA LYS D 11 -4.89 0.21 -11.42
C LYS D 11 -4.05 1.31 -10.74
N TYR D 12 -4.62 2.02 -9.77
CA TYR D 12 -3.93 3.04 -8.99
C TYR D 12 -2.63 2.50 -8.36
N LEU D 13 -2.73 1.39 -7.63
CA LEU D 13 -1.63 0.66 -7.02
C LEU D 13 -0.49 0.43 -8.03
N GLU D 14 -0.79 -0.28 -9.12
CA GLU D 14 0.20 -0.56 -10.16
C GLU D 14 0.79 0.74 -10.74
N GLN D 15 -0.06 1.70 -11.11
CA GLN D 15 0.38 2.97 -11.69
C GLN D 15 1.34 3.72 -10.74
N LEU D 16 0.97 3.87 -9.48
CA LEU D 16 1.78 4.54 -8.47
C LEU D 16 3.09 3.78 -8.21
N HIS D 17 3.01 2.47 -7.96
CA HIS D 17 4.19 1.60 -7.87
C HIS D 17 5.13 1.77 -9.06
N ARG D 18 4.60 1.73 -10.29
CA ARG D 18 5.33 1.92 -11.53
C ARG D 18 5.96 3.32 -11.63
N LYS D 19 5.26 4.37 -11.22
CA LYS D 19 5.84 5.71 -11.12
C LYS D 19 7.01 5.75 -10.13
N LEU D 20 6.81 5.25 -8.90
CA LEU D 20 7.85 5.19 -7.88
C LEU D 20 9.06 4.37 -8.35
N LYS D 21 8.83 3.21 -8.97
CA LYS D 21 9.87 2.44 -9.65
C LYS D 21 10.67 3.32 -10.62
N ASN D 22 10.00 4.18 -11.38
CA ASN D 22 10.64 5.14 -12.29
C ASN D 22 11.61 6.12 -11.62
N CYS D 23 11.59 6.27 -10.29
CA CYS D 23 12.64 7.01 -9.60
C CYS D 23 14.01 6.30 -9.75
N LYS D 24 13.99 4.97 -9.82
CA LYS D 24 15.15 4.09 -10.06
C LYS D 24 16.23 4.14 -8.96
N VAL D 25 16.88 5.29 -8.79
CA VAL D 25 17.93 5.52 -7.80
C VAL D 25 19.13 4.55 -7.98
N GLU A 1 -3.70 -16.91 -1.31
CA GLU A 1 -4.37 -17.21 -2.59
C GLU A 1 -4.86 -15.92 -3.31
N ASN A 2 -6.03 -15.41 -2.92
CA ASN A 2 -6.70 -14.31 -3.61
C ASN A 2 -5.98 -12.97 -3.47
N ARG A 3 -5.06 -12.68 -4.41
CA ARG A 3 -4.31 -11.42 -4.48
C ARG A 3 -5.17 -10.21 -4.84
N GLU A 4 -6.08 -9.84 -3.93
CA GLU A 4 -6.93 -8.66 -4.04
C GLU A 4 -6.22 -7.43 -3.43
N VAL A 5 -6.83 -6.77 -2.45
CA VAL A 5 -6.35 -5.50 -1.89
C VAL A 5 -7.15 -5.18 -0.61
N PRO A 6 -6.50 -4.80 0.51
CA PRO A 6 -7.21 -4.49 1.75
C PRO A 6 -7.62 -3.00 1.78
N PRO A 7 -8.77 -2.65 2.39
CA PRO A 7 -9.12 -1.25 2.67
C PRO A 7 -7.98 -0.49 3.37
N GLY A 8 -7.28 -1.19 4.27
CA GLY A 8 -6.05 -0.75 4.91
C GLY A 8 -5.04 -0.10 3.96
N PHE A 9 -4.92 -0.58 2.72
CA PHE A 9 -4.05 0.05 1.73
C PHE A 9 -4.54 1.47 1.38
N THR A 10 -5.80 1.61 0.99
CA THR A 10 -6.42 2.91 0.74
C THR A 10 -6.29 3.83 1.96
N ALA A 11 -6.56 3.30 3.17
CA ALA A 11 -6.37 4.04 4.41
C ALA A 11 -4.92 4.50 4.61
N LEU A 12 -3.95 3.60 4.44
CA LEU A 12 -2.52 3.91 4.45
C LEU A 12 -2.21 5.06 3.50
N ILE A 13 -2.53 4.90 2.20
CA ILE A 13 -2.32 5.93 1.19
C ILE A 13 -3.01 7.25 1.56
N LYS A 14 -4.24 7.22 2.08
CA LYS A 14 -4.90 8.41 2.59
C LYS A 14 -4.05 9.11 3.67
N THR A 15 -3.64 8.38 4.71
CA THR A 15 -2.77 8.96 5.75
C THR A 15 -1.42 9.44 5.18
N LEU A 16 -0.84 8.72 4.22
CA LEU A 16 0.38 9.14 3.51
C LEU A 16 0.15 10.50 2.84
N ARG A 17 -0.87 10.60 1.99
CA ARG A 17 -1.26 11.84 1.33
C ARG A 17 -1.47 12.99 2.32
N LYS A 18 -2.29 12.77 3.37
CA LYS A 18 -2.53 13.76 4.41
C LYS A 18 -1.22 14.21 5.09
N CYS A 19 -0.37 13.27 5.49
CA CYS A 19 0.90 13.58 6.13
C CYS A 19 1.85 14.36 5.22
N LYS A 20 2.09 13.84 4.02
CA LYS A 20 3.11 14.33 3.10
C LYS A 20 2.65 15.55 2.28
N ILE A 21 1.36 15.62 1.93
CA ILE A 21 0.75 16.62 1.04
C ILE A 21 1.22 16.44 -0.41
N ILE A 22 2.52 16.61 -0.66
CA ILE A 22 3.15 16.47 -1.98
C ILE A 22 3.05 15.03 -2.49
N ASN B 1 -0.20 -23.14 7.82
CA ASN B 1 0.62 -21.91 7.67
C ASN B 1 -0.05 -20.82 6.80
N LEU B 2 -1.08 -21.17 6.03
CA LEU B 2 -1.76 -20.31 5.05
C LEU B 2 -1.89 -18.83 5.45
N VAL B 3 -2.30 -18.56 6.70
CA VAL B 3 -2.52 -17.21 7.21
C VAL B 3 -1.24 -16.37 7.39
N SER B 4 -0.08 -17.01 7.60
CA SER B 4 1.20 -16.39 7.98
C SER B 4 1.50 -15.07 7.25
N GLY B 5 1.79 -15.17 5.95
CA GLY B 5 2.05 -14.03 5.07
C GLY B 5 1.02 -12.92 5.26
N LEU B 6 -0.27 -13.23 5.09
CA LEU B 6 -1.37 -12.30 5.27
C LEU B 6 -1.32 -11.59 6.62
N ILE B 7 -1.31 -12.32 7.74
CA ILE B 7 -1.31 -11.68 9.06
C ILE B 7 -0.05 -10.83 9.30
N GLU B 8 1.13 -11.32 8.90
CA GLU B 8 2.38 -10.56 8.98
C GLU B 8 2.30 -9.26 8.16
N ALA B 9 1.97 -9.39 6.87
CA ALA B 9 1.80 -8.25 5.96
C ALA B 9 0.75 -7.27 6.47
N ARG B 10 -0.38 -7.76 6.99
CA ARG B 10 -1.44 -6.95 7.57
C ARG B 10 -0.96 -6.21 8.84
N LYS B 11 -0.25 -6.89 9.74
CA LYS B 11 0.38 -6.23 10.89
C LYS B 11 1.30 -5.08 10.42
N TYR B 12 2.21 -5.37 9.49
CA TYR B 12 3.06 -4.33 8.90
C TYR B 12 2.24 -3.16 8.30
N LEU B 13 1.29 -3.47 7.41
CA LEU B 13 0.38 -2.52 6.78
C LEU B 13 -0.29 -1.60 7.82
N GLU B 14 -1.01 -2.20 8.78
CA GLU B 14 -1.71 -1.47 9.82
C GLU B 14 -0.77 -0.66 10.71
N GLN B 15 0.39 -1.23 11.09
CA GLN B 15 1.43 -0.48 11.79
C GLN B 15 1.85 0.77 10.99
N LEU B 16 2.24 0.58 9.71
CA LEU B 16 2.68 1.67 8.84
C LEU B 16 1.59 2.76 8.73
N HIS B 17 0.36 2.36 8.40
CA HIS B 17 -0.82 3.24 8.42
C HIS B 17 -0.98 3.97 9.76
N ARG B 18 -0.90 3.26 10.90
CA ARG B 18 -0.99 3.84 12.24
C ARG B 18 0.14 4.86 12.52
N LYS B 19 1.37 4.58 12.06
CA LYS B 19 2.49 5.51 12.18
C LYS B 19 2.23 6.76 11.33
N LEU B 20 1.81 6.61 10.07
CA LEU B 20 1.39 7.73 9.24
C LEU B 20 0.24 8.52 9.90
N LYS B 21 -0.80 7.85 10.40
CA LYS B 21 -1.89 8.48 11.14
C LYS B 21 -1.35 9.38 12.27
N ASN B 22 -0.33 8.92 13.01
CA ASN B 22 0.35 9.71 14.03
C ASN B 22 0.87 11.08 13.55
N CYS B 23 1.11 11.24 12.25
CA CYS B 23 1.50 12.52 11.64
C CYS B 23 0.39 13.58 11.77
N LYS B 24 -0.87 13.15 11.91
CA LYS B 24 -2.05 13.95 12.24
C LYS B 24 -2.50 14.89 11.10
N VAL B 25 -1.62 15.73 10.57
CA VAL B 25 -1.91 16.58 9.42
C VAL B 25 -2.33 15.76 8.19
N GLU C 1 0.52 -17.52 2.85
CA GLU C 1 0.48 -16.58 1.71
C GLU C 1 0.05 -15.17 2.11
N ASN C 2 0.54 -14.16 1.39
CA ASN C 2 0.19 -12.74 1.56
C ASN C 2 -1.27 -12.43 1.17
N ARG C 3 -1.83 -13.21 0.23
CA ARG C 3 -3.27 -13.29 -0.02
C ARG C 3 -3.88 -11.89 -0.24
N GLU C 4 -4.75 -11.41 0.65
CA GLU C 4 -5.40 -10.11 0.46
C GLU C 4 -4.41 -8.95 0.26
N VAL C 5 -3.18 -9.04 0.79
CA VAL C 5 -2.13 -8.05 0.52
C VAL C 5 -1.37 -8.45 -0.76
N PRO C 6 -1.53 -7.74 -1.89
CA PRO C 6 -1.00 -8.17 -3.18
C PRO C 6 0.52 -7.93 -3.27
N PRO C 7 1.26 -8.72 -4.07
CA PRO C 7 2.67 -8.46 -4.38
C PRO C 7 2.93 -7.01 -4.77
N GLY C 8 2.02 -6.42 -5.56
CA GLY C 8 2.04 -5.00 -5.92
C GLY C 8 2.23 -4.06 -4.73
N PHE C 9 1.65 -4.36 -3.56
CA PHE C 9 1.85 -3.56 -2.36
C PHE C 9 3.30 -3.66 -1.87
N THR C 10 3.81 -4.88 -1.72
CA THR C 10 5.22 -5.11 -1.38
C THR C 10 6.16 -4.37 -2.34
N ALA C 11 5.89 -4.47 -3.65
CA ALA C 11 6.62 -3.78 -4.70
C ALA C 11 6.53 -2.24 -4.58
N LEU C 12 5.32 -1.71 -4.32
CA LEU C 12 5.11 -0.30 -4.00
C LEU C 12 6.00 0.14 -2.83
N ILE C 13 5.90 -0.54 -1.70
CA ILE C 13 6.70 -0.24 -0.51
C ILE C 13 8.20 -0.34 -0.80
N LYS C 14 8.65 -1.38 -1.51
CA LYS C 14 10.03 -1.50 -1.98
C LYS C 14 10.47 -0.30 -2.83
N THR C 15 9.70 0.07 -3.86
CA THR C 15 10.02 1.21 -4.72
C THR C 15 10.00 2.55 -3.96
N LEU C 16 9.02 2.76 -3.07
CA LEU C 16 9.02 3.88 -2.14
C LEU C 16 10.34 3.95 -1.35
N ARG C 17 10.69 2.87 -0.64
CA ARG C 17 11.96 2.77 0.07
C ARG C 17 13.16 3.06 -0.84
N LYS C 18 13.17 2.49 -2.05
CA LYS C 18 14.22 2.71 -3.03
C LYS C 18 14.37 4.21 -3.38
N CYS C 19 13.27 4.89 -3.72
CA CYS C 19 13.30 6.34 -3.95
C CYS C 19 13.80 7.10 -2.72
N LYS C 20 13.30 6.73 -1.55
CA LYS C 20 13.74 7.24 -0.26
C LYS C 20 15.18 6.79 0.13
N ILE C 21 15.83 5.97 -0.70
CA ILE C 21 17.12 5.32 -0.43
C ILE C 21 16.98 4.23 0.65
N ILE C 22 16.53 4.62 1.84
CA ILE C 22 16.25 3.71 2.96
C ILE C 22 14.78 3.21 2.93
N ASN D 1 -11.94 -9.89 0.18
CA ASN D 1 -12.24 -8.76 -0.72
C ASN D 1 -12.40 -7.42 0.03
N LEU D 2 -13.62 -7.15 0.52
CA LEU D 2 -14.06 -5.85 1.04
C LEU D 2 -14.06 -4.75 -0.04
N VAL D 3 -12.89 -4.35 -0.55
CA VAL D 3 -12.71 -3.20 -1.45
C VAL D 3 -13.63 -3.24 -2.68
N SER D 4 -13.78 -4.41 -3.32
CA SER D 4 -14.74 -4.68 -4.39
C SER D 4 -14.39 -4.02 -5.73
N GLY D 5 -14.03 -2.73 -5.76
CA GLY D 5 -13.53 -2.04 -6.96
C GLY D 5 -12.11 -2.49 -7.34
N LEU D 6 -11.92 -3.79 -7.54
CA LEU D 6 -10.62 -4.42 -7.71
C LEU D 6 -9.82 -3.80 -8.87
N ILE D 7 -10.43 -3.67 -10.04
CA ILE D 7 -9.78 -3.05 -11.20
C ILE D 7 -9.29 -1.62 -10.92
N GLU D 8 -10.14 -0.79 -10.29
CA GLU D 8 -9.80 0.58 -9.92
C GLU D 8 -8.63 0.60 -8.92
N ALA D 9 -8.76 -0.21 -7.87
CA ALA D 9 -7.70 -0.39 -6.87
C ALA D 9 -6.37 -0.81 -7.51
N ARG D 10 -6.40 -1.85 -8.34
CA ARG D 10 -5.25 -2.35 -9.10
C ARG D 10 -4.63 -1.24 -9.95
N LYS D 11 -5.45 -0.53 -10.74
CA LYS D 11 -4.98 0.60 -11.54
C LYS D 11 -4.26 1.64 -10.67
N TYR D 12 -4.91 2.18 -9.63
CA TYR D 12 -4.24 3.20 -8.80
C TYR D 12 -2.99 2.65 -8.09
N LEU D 13 -3.06 1.42 -7.54
CA LEU D 13 -1.91 0.71 -6.98
C LEU D 13 -0.72 0.67 -7.94
N GLU D 14 -0.91 0.07 -9.12
CA GLU D 14 0.15 -0.11 -10.10
C GLU D 14 0.65 1.24 -10.64
N GLN D 15 -0.25 2.18 -10.92
CA GLN D 15 0.10 3.55 -11.32
C GLN D 15 0.98 4.23 -10.25
N LEU D 16 0.54 4.21 -9.00
CA LEU D 16 1.26 4.82 -7.88
C LEU D 16 2.63 4.14 -7.67
N HIS D 17 2.67 2.81 -7.67
CA HIS D 17 3.91 2.02 -7.67
C HIS D 17 4.86 2.44 -8.81
N ARG D 18 4.35 2.51 -10.05
CA ARG D 18 5.09 2.99 -11.22
C ARG D 18 5.67 4.40 -10.99
N LYS D 19 4.89 5.32 -10.44
CA LYS D 19 5.42 6.63 -10.05
C LYS D 19 6.48 6.53 -8.95
N LEU D 20 6.24 5.76 -7.89
CA LEU D 20 7.21 5.55 -6.81
C LEU D 20 8.49 4.82 -7.28
N LYS D 21 8.42 4.06 -8.37
CA LYS D 21 9.62 3.60 -9.08
C LYS D 21 10.32 4.77 -9.77
N ASN D 22 9.62 5.44 -10.70
CA ASN D 22 10.13 6.56 -11.49
C ASN D 22 10.75 7.67 -10.61
N CYS D 23 10.17 7.89 -9.43
CA CYS D 23 10.67 8.75 -8.36
C CYS D 23 12.19 8.63 -8.17
N LYS D 24 12.75 7.42 -8.26
CA LYS D 24 14.20 7.21 -8.21
C LYS D 24 14.86 7.65 -9.54
N VAL D 25 14.82 8.96 -9.80
CA VAL D 25 15.42 9.56 -10.99
C VAL D 25 16.96 9.44 -11.00
N GLU A 1 -2.74 -12.67 -3.12
CA GLU A 1 -3.73 -11.98 -3.97
C GLU A 1 -5.12 -11.94 -3.30
N ASN A 2 -5.76 -13.10 -3.18
CA ASN A 2 -7.05 -13.33 -2.52
C ASN A 2 -8.19 -12.41 -2.97
N ARG A 3 -8.18 -11.13 -2.54
CA ARG A 3 -9.11 -10.09 -3.00
C ARG A 3 -8.39 -8.90 -3.64
N GLU A 4 -7.27 -9.18 -4.31
CA GLU A 4 -6.46 -8.27 -5.12
C GLU A 4 -5.68 -7.23 -4.30
N VAL A 5 -6.39 -6.39 -3.54
CA VAL A 5 -5.87 -5.31 -2.71
C VAL A 5 -7.02 -4.67 -1.91
N PRO A 6 -6.93 -4.58 -0.57
CA PRO A 6 -8.03 -4.09 0.26
C PRO A 6 -8.07 -2.54 0.31
N PRO A 7 -9.23 -1.94 0.65
CA PRO A 7 -9.37 -0.51 0.91
C PRO A 7 -8.26 0.05 1.80
N GLY A 8 -7.84 -0.74 2.80
CA GLY A 8 -6.71 -0.46 3.68
C GLY A 8 -5.48 0.10 2.96
N PHE A 9 -5.16 -0.38 1.75
CA PHE A 9 -4.08 0.17 0.94
C PHE A 9 -4.35 1.63 0.57
N THR A 10 -5.47 1.91 -0.10
CA THR A 10 -5.87 3.26 -0.49
C THR A 10 -5.95 4.19 0.73
N ALA A 11 -6.57 3.71 1.82
CA ALA A 11 -6.63 4.42 3.10
C ALA A 11 -5.24 4.74 3.66
N LEU A 12 -4.35 3.75 3.74
CA LEU A 12 -2.94 3.94 4.07
C LEU A 12 -2.33 5.07 3.22
N ILE A 13 -2.35 4.94 1.89
CA ILE A 13 -1.70 5.92 1.02
C ILE A 13 -2.33 7.32 1.13
N LYS A 14 -3.65 7.42 1.29
CA LYS A 14 -4.31 8.68 1.65
C LYS A 14 -3.72 9.25 2.95
N THR A 15 -3.64 8.43 3.99
CA THR A 15 -3.07 8.84 5.28
C THR A 15 -1.58 9.22 5.15
N LEU A 16 -0.82 8.52 4.31
CA LEU A 16 0.57 8.84 3.97
C LEU A 16 0.63 10.24 3.34
N ARG A 17 -0.11 10.45 2.25
CA ARG A 17 -0.20 11.76 1.60
C ARG A 17 -0.55 12.87 2.61
N LYS A 18 -1.55 12.63 3.47
CA LYS A 18 -1.89 13.56 4.54
C LYS A 18 -0.70 13.82 5.48
N CYS A 19 -0.12 12.77 6.08
CA CYS A 19 1.08 12.85 6.94
C CYS A 19 2.22 13.65 6.30
N LYS A 20 2.48 13.43 5.01
CA LYS A 20 3.50 14.13 4.23
C LYS A 20 2.98 15.45 3.62
N ILE A 21 1.77 15.90 3.98
CA ILE A 21 1.07 17.05 3.41
C ILE A 21 0.66 16.84 1.94
N ILE A 22 1.63 16.58 1.06
CA ILE A 22 1.42 16.23 -0.34
C ILE A 22 1.27 14.70 -0.51
N ASN B 1 4.76 -14.44 10.08
CA ASN B 1 5.33 -15.49 9.20
C ASN B 1 5.23 -15.13 7.72
N LEU B 2 6.38 -14.89 7.07
CA LEU B 2 6.46 -14.49 5.66
C LEU B 2 5.86 -15.52 4.68
N VAL B 3 6.03 -16.82 4.95
CA VAL B 3 5.59 -17.90 4.07
C VAL B 3 4.06 -17.87 3.86
N SER B 4 3.30 -17.87 4.96
CA SER B 4 1.86 -17.61 4.93
C SER B 4 1.57 -16.16 4.52
N GLY B 5 2.39 -15.21 4.96
CA GLY B 5 2.46 -13.85 4.41
C GLY B 5 1.36 -12.94 4.93
N LEU B 6 0.09 -13.34 4.74
CA LEU B 6 -1.10 -12.56 5.09
C LEU B 6 -0.98 -11.83 6.42
N ILE B 7 -0.84 -12.55 7.53
CA ILE B 7 -0.75 -11.94 8.86
C ILE B 7 0.40 -10.93 8.96
N GLU B 8 1.56 -11.24 8.38
CA GLU B 8 2.74 -10.38 8.40
C GLU B 8 2.46 -9.07 7.63
N ALA B 9 2.03 -9.21 6.38
CA ALA B 9 1.69 -8.08 5.52
C ALA B 9 0.56 -7.22 6.11
N ARG B 10 -0.49 -7.86 6.61
CA ARG B 10 -1.60 -7.21 7.30
C ARG B 10 -1.14 -6.47 8.56
N LYS B 11 -0.35 -7.11 9.42
CA LYS B 11 0.24 -6.47 10.59
C LYS B 11 1.08 -5.24 10.20
N TYR B 12 1.98 -5.39 9.22
CA TYR B 12 2.76 -4.28 8.70
C TYR B 12 1.88 -3.14 8.19
N LEU B 13 0.93 -3.44 7.30
CA LEU B 13 -0.07 -2.50 6.78
C LEU B 13 -0.76 -1.75 7.92
N GLU B 14 -1.36 -2.49 8.86
CA GLU B 14 -2.00 -1.95 10.06
C GLU B 14 -1.06 -1.00 10.82
N GLN B 15 0.12 -1.48 11.21
CA GLN B 15 1.09 -0.71 11.96
C GLN B 15 1.50 0.59 11.24
N LEU B 16 1.86 0.48 9.96
CA LEU B 16 2.22 1.64 9.14
C LEU B 16 1.04 2.63 9.06
N HIS B 17 -0.15 2.14 8.70
CA HIS B 17 -1.35 2.97 8.58
C HIS B 17 -1.68 3.69 9.90
N ARG B 18 -1.67 2.99 11.03
CA ARG B 18 -1.95 3.64 12.32
C ARG B 18 -0.83 4.59 12.75
N LYS B 19 0.43 4.27 12.48
CA LYS B 19 1.54 5.22 12.68
C LYS B 19 1.31 6.51 11.89
N LEU B 20 0.99 6.40 10.59
CA LEU B 20 0.65 7.55 9.76
C LEU B 20 -0.63 8.28 10.26
N LYS B 21 -1.64 7.54 10.73
CA LYS B 21 -2.80 8.14 11.39
C LYS B 21 -2.38 8.94 12.63
N ASN B 22 -1.41 8.45 13.41
CA ASN B 22 -0.84 9.14 14.55
C ASN B 22 -0.01 10.37 14.13
N CYS B 23 0.75 10.27 13.03
CA CYS B 23 1.42 11.43 12.42
C CYS B 23 0.41 12.55 12.14
N LYS B 24 -0.69 12.22 11.45
CA LYS B 24 -1.92 13.02 11.39
C LYS B 24 -1.82 14.30 10.54
N VAL B 25 -0.91 15.22 10.89
CA VAL B 25 -0.79 16.55 10.29
C VAL B 25 -0.52 16.51 8.79
N GLU C 1 1.06 -17.42 1.46
CA GLU C 1 1.41 -16.64 0.25
C GLU C 1 0.25 -15.83 -0.33
N ASN C 2 -0.99 -16.33 -0.24
CA ASN C 2 -2.15 -15.68 -0.85
C ASN C 2 -2.66 -14.47 -0.03
N ARG C 3 -1.83 -13.46 0.12
CA ARG C 3 -2.10 -12.26 0.92
C ARG C 3 -3.05 -11.27 0.21
N GLU C 4 -4.17 -10.90 0.87
CA GLU C 4 -5.14 -9.91 0.40
C GLU C 4 -4.46 -8.63 -0.11
N VAL C 5 -3.65 -7.98 0.74
CA VAL C 5 -2.74 -6.95 0.29
C VAL C 5 -1.59 -7.64 -0.47
N PRO C 6 -1.38 -7.35 -1.76
CA PRO C 6 -0.60 -8.23 -2.63
C PRO C 6 0.90 -7.99 -2.42
N PRO C 7 1.77 -8.91 -2.87
CA PRO C 7 3.21 -8.70 -2.89
C PRO C 7 3.59 -7.39 -3.58
N GLY C 8 2.81 -6.99 -4.60
CA GLY C 8 2.86 -5.68 -5.23
C GLY C 8 2.95 -4.51 -4.24
N PHE C 9 2.29 -4.61 -3.07
CA PHE C 9 2.41 -3.61 -2.01
C PHE C 9 3.82 -3.59 -1.39
N THR C 10 4.41 -4.76 -1.11
CA THR C 10 5.78 -4.84 -0.63
C THR C 10 6.75 -4.30 -1.69
N ALA C 11 6.54 -4.67 -2.95
CA ALA C 11 7.26 -4.08 -4.09
C ALA C 11 7.13 -2.55 -4.10
N LEU C 12 5.91 -2.03 -3.94
CA LEU C 12 5.66 -0.60 -3.79
C LEU C 12 6.49 0.00 -2.64
N ILE C 13 6.46 -0.59 -1.44
CA ILE C 13 7.28 -0.14 -0.32
C ILE C 13 8.77 -0.05 -0.71
N LYS C 14 9.35 -1.12 -1.27
CA LYS C 14 10.73 -1.10 -1.72
C LYS C 14 10.98 0.00 -2.76
N THR C 15 10.08 0.13 -3.73
CA THR C 15 10.14 1.15 -4.77
C THR C 15 10.01 2.58 -4.19
N LEU C 16 9.18 2.77 -3.16
CA LEU C 16 9.03 4.03 -2.44
C LEU C 16 10.33 4.38 -1.71
N ARG C 17 10.83 3.43 -0.91
CA ARG C 17 12.14 3.51 -0.25
C ARG C 17 13.24 3.92 -1.24
N LYS C 18 13.29 3.28 -2.42
CA LYS C 18 14.18 3.69 -3.50
C LYS C 18 13.91 5.12 -3.96
N CYS C 19 12.68 5.43 -4.43
CA CYS C 19 12.28 6.76 -4.92
C CYS C 19 12.71 7.88 -3.97
N LYS C 20 12.38 7.74 -2.69
CA LYS C 20 12.67 8.73 -1.65
C LYS C 20 14.09 8.60 -1.08
N ILE C 21 14.94 7.72 -1.64
CA ILE C 21 16.31 7.44 -1.21
C ILE C 21 16.37 6.74 0.16
N ILE C 22 15.83 7.36 1.20
CA ILE C 22 15.79 6.84 2.56
C ILE C 22 14.81 5.65 2.67
N ASN D 1 -14.68 5.02 -6.08
CA ASN D 1 -15.01 3.83 -5.27
C ASN D 1 -14.59 3.98 -3.80
N LEU D 2 -13.28 3.80 -3.51
CA LEU D 2 -12.70 3.83 -2.16
C LEU D 2 -13.22 2.71 -1.24
N VAL D 3 -14.51 2.71 -0.92
CA VAL D 3 -15.16 1.84 0.06
C VAL D 3 -14.87 0.36 -0.18
N SER D 4 -15.07 -0.13 -1.41
CA SER D 4 -14.66 -1.49 -1.80
C SER D 4 -13.25 -1.49 -2.42
N GLY D 5 -12.92 -0.43 -3.15
CA GLY D 5 -11.60 -0.18 -3.73
C GLY D 5 -11.30 -1.08 -4.94
N LEU D 6 -11.20 -2.38 -4.70
CA LEU D 6 -10.86 -3.46 -5.62
C LEU D 6 -10.14 -3.01 -6.91
N ILE D 7 -10.88 -2.83 -8.02
CA ILE D 7 -10.31 -2.44 -9.31
C ILE D 7 -9.65 -1.04 -9.27
N GLU D 8 -10.30 -0.07 -8.63
CA GLU D 8 -9.75 1.28 -8.45
C GLU D 8 -8.47 1.21 -7.62
N ALA D 9 -8.51 0.49 -6.50
CA ALA D 9 -7.36 0.25 -5.65
C ALA D 9 -6.21 -0.40 -6.43
N ARG D 10 -6.49 -1.43 -7.24
CA ARG D 10 -5.47 -2.08 -8.05
C ARG D 10 -4.89 -1.16 -9.14
N LYS D 11 -5.74 -0.46 -9.88
CA LYS D 11 -5.28 0.54 -10.85
C LYS D 11 -4.39 1.60 -10.17
N TYR D 12 -4.86 2.15 -9.05
CA TYR D 12 -4.10 3.12 -8.25
C TYR D 12 -2.76 2.55 -7.77
N LEU D 13 -2.77 1.34 -7.20
CA LEU D 13 -1.56 0.59 -6.83
C LEU D 13 -0.57 0.51 -7.99
N GLU D 14 -1.01 -0.05 -9.12
CA GLU D 14 -0.20 -0.18 -10.33
C GLU D 14 0.40 1.16 -10.77
N GLN D 15 -0.48 2.16 -10.98
CA GLN D 15 -0.10 3.54 -11.29
C GLN D 15 0.99 4.06 -10.34
N LEU D 16 0.72 4.04 -9.03
CA LEU D 16 1.62 4.59 -8.03
C LEU D 16 2.96 3.84 -8.01
N HIS D 17 2.92 2.51 -7.99
CA HIS D 17 4.10 1.67 -8.10
C HIS D 17 4.96 2.07 -9.31
N ARG D 18 4.35 2.15 -10.50
CA ARG D 18 5.03 2.61 -11.71
C ARG D 18 5.63 4.02 -11.55
N LYS D 19 4.83 5.01 -11.11
CA LYS D 19 5.32 6.37 -10.89
C LYS D 19 6.53 6.40 -9.94
N LEU D 20 6.44 5.72 -8.80
CA LEU D 20 7.56 5.58 -7.88
C LEU D 20 8.77 4.92 -8.57
N LYS D 21 8.55 3.84 -9.33
CA LYS D 21 9.63 3.20 -10.09
C LYS D 21 10.31 4.18 -11.05
N ASN D 22 9.52 5.02 -11.73
CA ASN D 22 10.02 6.09 -12.60
C ASN D 22 10.87 7.14 -11.86
N CYS D 23 10.90 7.18 -10.52
CA CYS D 23 11.89 8.00 -9.82
C CYS D 23 13.33 7.54 -10.12
N LYS D 24 13.53 6.26 -10.44
CA LYS D 24 14.84 5.71 -10.78
C LYS D 24 15.30 6.17 -12.18
N VAL D 25 15.56 7.47 -12.33
CA VAL D 25 15.96 8.11 -13.57
C VAL D 25 17.04 9.18 -13.33
N GLU A 1 -14.84 -4.68 3.12
CA GLU A 1 -13.72 -5.61 2.84
C GLU A 1 -13.03 -5.32 1.50
N ASN A 2 -13.73 -5.60 0.39
CA ASN A 2 -13.19 -5.56 -0.99
C ASN A 2 -12.16 -6.67 -1.23
N ARG A 3 -11.05 -6.63 -0.49
CA ARG A 3 -9.88 -7.51 -0.60
C ARG A 3 -9.20 -7.36 -1.97
N GLU A 4 -8.01 -7.96 -2.14
CA GLU A 4 -7.11 -7.82 -3.29
C GLU A 4 -6.49 -6.42 -3.42
N VAL A 5 -7.28 -5.36 -3.25
CA VAL A 5 -6.83 -4.02 -2.89
C VAL A 5 -7.77 -3.48 -1.79
N PRO A 6 -7.49 -3.74 -0.51
CA PRO A 6 -8.40 -3.43 0.57
C PRO A 6 -8.39 -1.93 0.93
N PRO A 7 -9.48 -1.39 1.50
CA PRO A 7 -9.55 -0.02 2.01
C PRO A 7 -8.34 0.41 2.83
N GLY A 8 -7.78 -0.51 3.63
CA GLY A 8 -6.53 -0.30 4.35
C GLY A 8 -5.41 0.32 3.51
N PHE A 9 -5.27 -0.10 2.25
CA PHE A 9 -4.31 0.51 1.33
C PHE A 9 -4.64 1.98 1.06
N THR A 10 -5.87 2.28 0.66
CA THR A 10 -6.35 3.65 0.44
C THR A 10 -6.15 4.53 1.70
N ALA A 11 -6.53 4.00 2.86
CA ALA A 11 -6.36 4.65 4.14
C ALA A 11 -4.88 4.91 4.46
N LEU A 12 -4.01 3.91 4.24
CA LEU A 12 -2.56 4.09 4.32
C LEU A 12 -2.11 5.22 3.40
N ILE A 13 -2.43 5.18 2.11
CA ILE A 13 -2.09 6.23 1.15
C ILE A 13 -2.54 7.62 1.64
N LYS A 14 -3.80 7.76 2.04
CA LYS A 14 -4.33 9.02 2.57
C LYS A 14 -3.54 9.49 3.81
N THR A 15 -3.35 8.61 4.80
CA THR A 15 -2.59 8.95 6.01
C THR A 15 -1.10 9.24 5.73
N LEU A 16 -0.50 8.57 4.74
CA LEU A 16 0.83 8.89 4.22
C LEU A 16 0.84 10.31 3.67
N ARG A 17 -0.08 10.62 2.75
CA ARG A 17 -0.24 11.96 2.18
C ARG A 17 -0.41 13.03 3.28
N LYS A 18 -1.29 12.78 4.25
CA LYS A 18 -1.44 13.60 5.44
C LYS A 18 -0.10 13.81 6.17
N CYS A 19 0.56 12.72 6.58
CA CYS A 19 1.84 12.79 7.29
C CYS A 19 2.91 13.57 6.51
N LYS A 20 2.94 13.37 5.18
CA LYS A 20 3.76 14.09 4.22
C LYS A 20 3.33 15.56 4.03
N ILE A 21 2.20 15.99 4.62
CA ILE A 21 1.61 17.32 4.52
C ILE A 21 0.99 17.58 3.14
N ILE A 22 1.81 17.49 2.08
CA ILE A 22 1.40 17.64 0.69
C ILE A 22 1.16 16.27 0.03
N ASN B 1 -5.80 -17.11 -1.34
CA ASN B 1 -4.71 -17.67 -2.16
C ASN B 1 -3.31 -17.31 -1.63
N LEU B 2 -2.98 -17.82 -0.43
CA LEU B 2 -1.72 -17.53 0.27
C LEU B 2 -0.46 -17.69 -0.59
N VAL B 3 0.24 -16.58 -0.85
CA VAL B 3 1.54 -16.56 -1.53
C VAL B 3 2.67 -16.64 -0.50
N SER B 4 2.85 -15.56 0.28
CA SER B 4 3.75 -15.45 1.42
C SER B 4 3.44 -14.14 2.16
N GLY B 5 4.17 -13.86 3.24
CA GLY B 5 4.02 -12.66 4.07
C GLY B 5 2.72 -12.67 4.90
N LEU B 6 1.57 -12.67 4.21
CA LEU B 6 0.21 -12.80 4.74
C LEU B 6 -0.01 -12.09 6.08
N ILE B 7 0.13 -12.78 7.21
CA ILE B 7 -0.04 -12.21 8.54
C ILE B 7 0.95 -11.07 8.81
N GLU B 8 2.22 -11.24 8.44
CA GLU B 8 3.24 -10.22 8.59
C GLU B 8 2.96 -9.03 7.67
N ALA B 9 2.61 -9.31 6.41
CA ALA B 9 2.21 -8.29 5.45
C ALA B 9 1.04 -7.43 5.98
N ARG B 10 -0.04 -8.08 6.37
CA ARG B 10 -1.22 -7.43 6.96
C ARG B 10 -0.89 -6.67 8.25
N LYS B 11 -0.13 -7.27 9.17
CA LYS B 11 0.29 -6.58 10.38
C LYS B 11 1.14 -5.34 10.07
N TYR B 12 2.22 -5.44 9.28
CA TYR B 12 3.02 -4.26 8.99
C TYR B 12 2.20 -3.19 8.25
N LEU B 13 1.34 -3.58 7.29
CA LEU B 13 0.33 -2.67 6.71
C LEU B 13 -0.44 -1.93 7.81
N GLU B 14 -1.09 -2.68 8.71
CA GLU B 14 -1.85 -2.12 9.83
C GLU B 14 -1.01 -1.16 10.68
N GLN B 15 0.12 -1.61 11.22
CA GLN B 15 0.98 -0.80 12.08
C GLN B 15 1.51 0.45 11.35
N LEU B 16 1.97 0.30 10.11
CA LEU B 16 2.45 1.41 9.29
C LEU B 16 1.33 2.45 9.10
N HIS B 17 0.14 2.02 8.65
CA HIS B 17 -1.02 2.89 8.59
C HIS B 17 -1.32 3.57 9.94
N ARG B 18 -1.33 2.80 11.04
CA ARG B 18 -1.51 3.31 12.40
C ARG B 18 -0.52 4.43 12.72
N LYS B 19 0.78 4.21 12.48
CA LYS B 19 1.82 5.22 12.67
C LYS B 19 1.56 6.46 11.79
N LEU B 20 1.33 6.26 10.49
CA LEU B 20 1.04 7.36 9.56
C LEU B 20 -0.24 8.12 9.93
N LYS B 21 -1.23 7.47 10.56
CA LYS B 21 -2.35 8.16 11.18
C LYS B 21 -1.89 8.97 12.41
N ASN B 22 -1.23 8.31 13.37
CA ASN B 22 -0.71 8.91 14.60
C ASN B 22 0.21 10.12 14.33
N CYS B 23 0.90 10.14 13.19
CA CYS B 23 1.66 11.28 12.67
C CYS B 23 0.87 12.61 12.69
N LYS B 24 -0.48 12.56 12.71
CA LYS B 24 -1.32 13.71 13.06
C LYS B 24 -1.15 14.10 14.54
N VAL B 25 0.04 14.55 14.94
CA VAL B 25 0.35 14.98 16.29
C VAL B 25 -0.28 16.34 16.65
N GLU C 1 -3.35 -10.55 -7.61
CA GLU C 1 -2.25 -11.12 -6.78
C GLU C 1 -2.80 -11.97 -5.62
N ASN C 2 -2.31 -11.75 -4.39
CA ASN C 2 -2.85 -12.37 -3.18
C ASN C 2 -4.04 -11.56 -2.66
N ARG C 3 -5.21 -12.19 -2.57
CA ARG C 3 -6.46 -11.52 -2.19
C ARG C 3 -6.43 -10.99 -0.75
N GLU C 4 -5.76 -11.70 0.16
CA GLU C 4 -5.61 -11.26 1.55
C GLU C 4 -4.84 -9.93 1.66
N VAL C 5 -3.67 -9.84 1.01
CA VAL C 5 -2.82 -8.65 0.96
C VAL C 5 -1.76 -8.79 -0.17
N PRO C 6 -1.77 -7.91 -1.20
CA PRO C 6 -0.97 -8.13 -2.41
C PRO C 6 0.51 -7.73 -2.22
N PRO C 7 1.47 -8.59 -2.62
CA PRO C 7 2.88 -8.23 -2.73
C PRO C 7 3.13 -6.85 -3.39
N GLY C 8 2.35 -6.51 -4.42
CA GLY C 8 2.31 -5.20 -5.04
C GLY C 8 2.31 -4.03 -4.05
N PHE C 9 1.59 -4.14 -2.93
CA PHE C 9 1.65 -3.15 -1.86
C PHE C 9 3.07 -3.02 -1.28
N THR C 10 3.74 -4.16 -1.02
CA THR C 10 5.11 -4.16 -0.53
C THR C 10 6.07 -3.60 -1.57
N ALA C 11 5.91 -3.97 -2.84
CA ALA C 11 6.65 -3.37 -3.94
C ALA C 11 6.47 -1.84 -3.99
N LEU C 12 5.23 -1.36 -3.88
CA LEU C 12 4.92 0.05 -3.74
C LEU C 12 5.68 0.68 -2.56
N ILE C 13 5.54 0.14 -1.35
CA ILE C 13 6.27 0.64 -0.16
C ILE C 13 7.79 0.71 -0.40
N LYS C 14 8.39 -0.38 -0.90
CA LYS C 14 9.83 -0.41 -1.20
C LYS C 14 10.22 0.67 -2.22
N THR C 15 9.56 0.72 -3.38
CA THR C 15 9.83 1.72 -4.40
C THR C 15 9.60 3.16 -3.90
N LEU C 16 8.55 3.38 -3.10
CA LEU C 16 8.30 4.65 -2.42
C LEU C 16 9.48 5.03 -1.51
N ARG C 17 9.83 4.15 -0.57
CA ARG C 17 10.96 4.31 0.35
C ARG C 17 12.26 4.64 -0.40
N LYS C 18 12.55 3.88 -1.46
CA LYS C 18 13.68 4.16 -2.35
C LYS C 18 13.58 5.56 -2.98
N CYS C 19 12.50 5.87 -3.68
CA CYS C 19 12.30 7.16 -4.36
C CYS C 19 12.42 8.35 -3.39
N LYS C 20 11.83 8.22 -2.21
CA LYS C 20 11.92 9.17 -1.10
C LYS C 20 13.33 9.27 -0.50
N ILE C 21 14.24 8.35 -0.85
CA ILE C 21 15.58 8.18 -0.27
C ILE C 21 15.48 7.66 1.16
N ILE C 22 14.82 8.40 2.06
CA ILE C 22 14.54 7.97 3.43
C ILE C 22 13.52 6.82 3.42
N ASN D 1 -19.49 -0.21 -7.33
CA ASN D 1 -19.48 -1.60 -6.83
C ASN D 1 -18.08 -2.04 -6.35
N LEU D 2 -18.01 -3.08 -5.52
CA LEU D 2 -16.76 -3.67 -5.07
C LEU D 2 -15.85 -4.08 -6.24
N VAL D 3 -16.40 -4.68 -7.30
CA VAL D 3 -15.61 -5.06 -8.48
C VAL D 3 -14.95 -3.84 -9.13
N SER D 4 -15.74 -2.81 -9.46
CA SER D 4 -15.24 -1.54 -9.97
C SER D 4 -14.17 -0.94 -9.03
N GLY D 5 -14.48 -0.88 -7.73
CA GLY D 5 -13.52 -0.47 -6.70
C GLY D 5 -12.18 -1.22 -6.80
N LEU D 6 -12.25 -2.55 -6.79
CA LEU D 6 -11.10 -3.45 -6.94
C LEU D 6 -10.27 -3.08 -8.19
N ILE D 7 -10.87 -3.14 -9.37
CA ILE D 7 -10.10 -2.89 -10.61
C ILE D 7 -9.54 -1.46 -10.67
N GLU D 8 -10.32 -0.45 -10.29
CA GLU D 8 -9.83 0.93 -10.24
C GLU D 8 -8.67 1.10 -9.25
N ALA D 9 -8.85 0.62 -8.01
CA ALA D 9 -7.82 0.65 -6.98
C ALA D 9 -6.56 -0.13 -7.40
N ARG D 10 -6.74 -1.27 -8.08
CA ARG D 10 -5.64 -2.06 -8.65
C ARG D 10 -4.91 -1.31 -9.77
N LYS D 11 -5.64 -0.68 -10.69
CA LYS D 11 -5.06 0.20 -11.69
C LYS D 11 -4.22 1.29 -11.02
N TYR D 12 -4.80 2.03 -10.07
CA TYR D 12 -4.10 3.05 -9.30
C TYR D 12 -2.84 2.51 -8.60
N LEU D 13 -2.99 1.43 -7.82
CA LEU D 13 -1.88 0.71 -7.19
C LEU D 13 -0.75 0.42 -8.18
N GLU D 14 -1.07 -0.30 -9.26
CA GLU D 14 -0.08 -0.71 -10.25
C GLU D 14 0.56 0.50 -10.94
N GLN D 15 -0.23 1.50 -11.34
CA GLN D 15 0.24 2.74 -11.93
C GLN D 15 1.22 3.47 -11.00
N LEU D 16 0.83 3.70 -9.75
CA LEU D 16 1.66 4.34 -8.74
C LEU D 16 2.94 3.55 -8.48
N HIS D 17 2.81 2.23 -8.22
CA HIS D 17 3.95 1.32 -8.13
C HIS D 17 4.89 1.46 -9.34
N ARG D 18 4.36 1.39 -10.56
CA ARG D 18 5.15 1.55 -11.79
C ARG D 18 5.88 2.90 -11.82
N LYS D 19 5.17 4.00 -11.58
CA LYS D 19 5.77 5.33 -11.52
C LYS D 19 6.93 5.38 -10.51
N LEU D 20 6.68 4.92 -9.27
CA LEU D 20 7.71 4.85 -8.24
C LEU D 20 8.88 3.95 -8.66
N LYS D 21 8.62 2.76 -9.21
CA LYS D 21 9.67 1.91 -9.77
C LYS D 21 10.51 2.69 -10.82
N ASN D 22 9.86 3.43 -11.72
CA ASN D 22 10.52 4.28 -12.69
C ASN D 22 11.27 5.49 -12.07
N CYS D 23 11.07 5.80 -10.78
CA CYS D 23 11.95 6.71 -10.04
C CYS D 23 13.36 6.10 -9.85
N LYS D 24 13.44 4.76 -9.74
CA LYS D 24 14.67 3.97 -9.70
C LYS D 24 15.53 4.16 -8.44
N VAL D 25 15.98 5.39 -8.16
CA VAL D 25 16.75 5.73 -6.96
C VAL D 25 16.00 5.33 -5.68
N GLU A 1 1.98 -11.65 -7.39
CA GLU A 1 0.69 -11.37 -8.05
C GLU A 1 -0.32 -10.67 -7.11
N ASN A 2 -1.01 -9.65 -7.61
CA ASN A 2 -2.02 -8.94 -6.82
C ASN A 2 -3.25 -9.82 -6.58
N ARG A 3 -3.74 -9.86 -5.34
CA ARG A 3 -4.94 -10.63 -4.96
C ARG A 3 -6.13 -9.72 -4.62
N GLU A 4 -6.15 -9.11 -3.42
CA GLU A 4 -7.28 -8.32 -2.93
C GLU A 4 -6.82 -7.22 -1.96
N VAL A 5 -6.46 -6.06 -2.51
CA VAL A 5 -5.94 -4.92 -1.73
C VAL A 5 -7.04 -4.29 -0.85
N PRO A 6 -6.91 -4.27 0.49
CA PRO A 6 -7.97 -3.79 1.37
C PRO A 6 -7.96 -2.26 1.46
N PRO A 7 -9.11 -1.63 1.78
CA PRO A 7 -9.23 -0.20 2.07
C PRO A 7 -8.15 0.37 3.00
N GLY A 8 -7.62 -0.44 3.91
CA GLY A 8 -6.44 -0.10 4.72
C GLY A 8 -5.31 0.53 3.89
N PHE A 9 -5.07 0.03 2.68
CA PHE A 9 -4.13 0.64 1.74
C PHE A 9 -4.51 2.09 1.43
N THR A 10 -5.77 2.33 1.05
CA THR A 10 -6.29 3.68 0.79
C THR A 10 -6.11 4.58 2.01
N ALA A 11 -6.50 4.09 3.20
CA ALA A 11 -6.31 4.82 4.46
C ALA A 11 -4.83 5.16 4.71
N LEU A 12 -3.94 4.19 4.54
CA LEU A 12 -2.50 4.39 4.60
C LEU A 12 -2.04 5.50 3.64
N ILE A 13 -2.37 5.38 2.35
CA ILE A 13 -2.03 6.41 1.36
C ILE A 13 -2.55 7.80 1.76
N LYS A 14 -3.83 7.90 2.14
CA LYS A 14 -4.41 9.16 2.61
C LYS A 14 -3.65 9.73 3.80
N THR A 15 -3.50 8.96 4.88
CA THR A 15 -2.77 9.39 6.08
C THR A 15 -1.33 9.82 5.75
N LEU A 16 -0.59 9.01 4.98
CA LEU A 16 0.73 9.35 4.45
C LEU A 16 0.72 10.72 3.76
N ARG A 17 -0.07 10.87 2.70
CA ARG A 17 -0.18 12.11 1.94
C ARG A 17 -0.53 13.30 2.82
N LYS A 18 -1.51 13.15 3.73
CA LYS A 18 -1.86 14.18 4.70
C LYS A 18 -0.67 14.57 5.58
N CYS A 19 0.00 13.61 6.23
CA CYS A 19 1.16 13.94 7.07
C CYS A 19 2.28 14.62 6.27
N LYS A 20 2.52 14.11 5.06
CA LYS A 20 3.45 14.67 4.08
C LYS A 20 2.97 16.01 3.48
N ILE A 21 1.74 16.45 3.78
CA ILE A 21 1.04 17.58 3.15
C ILE A 21 0.66 17.26 1.69
N ILE A 22 1.65 16.91 0.87
CA ILE A 22 1.47 16.46 -0.51
C ILE A 22 1.14 14.96 -0.54
N ASN B 1 -1.65 -16.70 -4.73
CA ASN B 1 -0.19 -16.45 -4.63
C ASN B 1 0.58 -17.53 -3.84
N LEU B 2 -0.08 -18.58 -3.35
CA LEU B 2 0.50 -19.68 -2.57
C LEU B 2 1.06 -19.26 -1.20
N VAL B 3 2.12 -18.45 -1.18
CA VAL B 3 2.77 -17.97 0.05
C VAL B 3 1.82 -17.11 0.90
N SER B 4 1.01 -17.78 1.72
CA SER B 4 -0.14 -17.19 2.40
C SER B 4 0.25 -16.37 3.64
N GLY B 5 1.09 -15.36 3.48
CA GLY B 5 1.53 -14.49 4.57
C GLY B 5 0.47 -13.48 5.02
N LEU B 6 -0.77 -13.95 5.23
CA LEU B 6 -1.93 -13.10 5.49
C LEU B 6 -1.73 -12.25 6.74
N ILE B 7 -1.59 -12.90 7.90
CA ILE B 7 -1.35 -12.25 9.18
C ILE B 7 -0.14 -11.31 9.13
N GLU B 8 0.97 -11.76 8.54
CA GLU B 8 2.18 -10.96 8.36
C GLU B 8 1.88 -9.67 7.57
N ALA B 9 1.33 -9.81 6.37
CA ALA B 9 1.00 -8.67 5.50
C ALA B 9 0.00 -7.71 6.15
N ARG B 10 -1.06 -8.25 6.78
CA ARG B 10 -2.01 -7.47 7.57
C ARG B 10 -1.31 -6.69 8.71
N LYS B 11 -0.51 -7.37 9.54
CA LYS B 11 0.25 -6.72 10.60
C LYS B 11 1.14 -5.61 10.04
N TYR B 12 1.98 -5.91 9.05
CA TYR B 12 2.83 -4.97 8.33
C TYR B 12 2.03 -3.73 7.85
N LEU B 13 0.98 -3.96 7.06
CA LEU B 13 0.02 -2.93 6.65
C LEU B 13 -0.43 -2.08 7.83
N GLU B 14 -0.95 -2.72 8.89
CA GLU B 14 -1.41 -2.02 10.08
C GLU B 14 -0.31 -1.24 10.81
N GLN B 15 0.93 -1.74 10.89
CA GLN B 15 2.04 -0.99 11.47
C GLN B 15 2.26 0.30 10.70
N LEU B 16 2.45 0.19 9.38
CA LEU B 16 2.61 1.36 8.52
C LEU B 16 1.43 2.32 8.66
N HIS B 17 0.20 1.82 8.46
CA HIS B 17 -1.04 2.59 8.59
C HIS B 17 -1.14 3.32 9.93
N ARG B 18 -1.06 2.61 11.06
CA ARG B 18 -1.19 3.25 12.37
C ARG B 18 -0.09 4.29 12.62
N LYS B 19 1.16 3.99 12.25
CA LYS B 19 2.25 4.96 12.36
C LYS B 19 1.98 6.21 11.49
N LEU B 20 1.61 6.01 10.22
CA LEU B 20 1.26 7.08 9.29
C LEU B 20 0.01 7.87 9.73
N LYS B 21 -0.92 7.24 10.46
CA LYS B 21 -2.01 7.93 11.14
C LYS B 21 -1.47 8.77 12.33
N ASN B 22 -0.63 8.19 13.18
CA ASN B 22 -0.01 8.88 14.32
C ASN B 22 0.91 10.04 13.87
N CYS B 23 1.53 9.92 12.70
CA CYS B 23 2.47 10.86 12.09
C CYS B 23 2.09 12.35 12.21
N LYS B 24 0.79 12.68 12.22
CA LYS B 24 0.29 14.04 12.40
C LYS B 24 0.46 14.53 13.85
N VAL B 25 1.71 14.57 14.34
CA VAL B 25 2.03 14.99 15.70
C VAL B 25 1.87 16.50 15.92
N GLU C 1 -6.91 -14.25 -2.48
CA GLU C 1 -6.67 -15.30 -1.46
C GLU C 1 -5.20 -15.34 -1.00
N ASN C 2 -4.80 -16.41 -0.31
CA ASN C 2 -3.45 -16.62 0.22
C ASN C 2 -2.95 -15.45 1.08
N ARG C 3 -2.21 -14.50 0.51
CA ARG C 3 -1.71 -13.32 1.23
C ARG C 3 -2.78 -12.22 1.32
N GLU C 4 -3.73 -12.19 0.38
CA GLU C 4 -4.79 -11.18 0.25
C GLU C 4 -4.22 -9.79 -0.10
N VAL C 5 -3.50 -9.19 0.85
CA VAL C 5 -2.71 -7.98 0.65
C VAL C 5 -1.65 -8.25 -0.43
N PRO C 6 -1.58 -7.47 -1.51
CA PRO C 6 -0.75 -7.80 -2.65
C PRO C 6 0.74 -7.56 -2.37
N PRO C 7 1.66 -8.40 -2.88
CA PRO C 7 3.08 -8.09 -2.93
C PRO C 7 3.34 -6.69 -3.49
N GLY C 8 2.55 -6.29 -4.49
CA GLY C 8 2.49 -4.93 -5.04
C GLY C 8 2.51 -3.82 -3.99
N PHE C 9 1.82 -4.00 -2.85
CA PHE C 9 1.85 -3.03 -1.76
C PHE C 9 3.26 -2.92 -1.13
N THR C 10 3.86 -4.06 -0.78
CA THR C 10 5.24 -4.09 -0.31
C THR C 10 6.20 -3.49 -1.35
N ALA C 11 6.04 -3.86 -2.62
CA ALA C 11 6.79 -3.27 -3.72
C ALA C 11 6.61 -1.74 -3.79
N LEU C 12 5.38 -1.25 -3.64
CA LEU C 12 5.10 0.19 -3.54
C LEU C 12 5.94 0.83 -2.43
N ILE C 13 5.91 0.28 -1.21
CA ILE C 13 6.77 0.78 -0.13
C ILE C 13 8.26 0.77 -0.54
N LYS C 14 8.78 -0.34 -1.04
CA LYS C 14 10.19 -0.43 -1.44
C LYS C 14 10.56 0.61 -2.51
N THR C 15 9.81 0.67 -3.60
CA THR C 15 10.01 1.64 -4.68
C THR C 15 9.91 3.09 -4.18
N LEU C 16 8.86 3.41 -3.41
CA LEU C 16 8.76 4.70 -2.72
C LEU C 16 10.04 5.01 -1.94
N ARG C 17 10.44 4.12 -1.03
CA ARG C 17 11.66 4.28 -0.24
C ARG C 17 12.89 4.53 -1.13
N LYS C 18 13.09 3.73 -2.18
CA LYS C 18 14.17 3.93 -3.15
C LYS C 18 14.13 5.33 -3.79
N CYS C 19 12.99 5.72 -4.38
CA CYS C 19 12.84 7.03 -5.01
C CYS C 19 13.04 8.20 -4.04
N LYS C 20 12.43 8.14 -2.85
CA LYS C 20 12.55 9.19 -1.85
C LYS C 20 13.90 9.18 -1.11
N ILE C 21 14.58 8.03 -1.07
CA ILE C 21 15.89 7.81 -0.46
C ILE C 21 15.82 7.85 1.08
N ILE C 22 15.39 8.99 1.63
CA ILE C 22 15.14 9.16 3.07
C ILE C 22 14.00 8.23 3.53
N ASN D 1 -14.80 -3.14 -1.74
CA ASN D 1 -14.19 -3.15 -3.09
C ASN D 1 -15.16 -3.63 -4.18
N LEU D 2 -15.56 -4.90 -4.12
CA LEU D 2 -16.22 -5.60 -5.23
C LEU D 2 -15.32 -5.64 -6.48
N VAL D 3 -15.78 -6.27 -7.57
CA VAL D 3 -14.99 -6.39 -8.80
C VAL D 3 -14.53 -5.03 -9.34
N SER D 4 -15.43 -4.04 -9.35
CA SER D 4 -15.17 -2.67 -9.77
C SER D 4 -14.03 -2.04 -8.95
N GLY D 5 -14.24 -1.90 -7.64
CA GLY D 5 -13.22 -1.39 -6.72
C GLY D 5 -11.91 -2.15 -6.85
N LEU D 6 -11.96 -3.49 -6.95
CA LEU D 6 -10.78 -4.31 -7.15
C LEU D 6 -10.01 -3.93 -8.43
N ILE D 7 -10.64 -3.94 -9.61
CA ILE D 7 -9.93 -3.58 -10.84
C ILE D 7 -9.40 -2.14 -10.81
N GLU D 8 -10.21 -1.18 -10.34
CA GLU D 8 -9.74 0.19 -10.20
C GLU D 8 -8.55 0.31 -9.23
N ALA D 9 -8.63 -0.36 -8.07
CA ALA D 9 -7.55 -0.42 -7.11
C ALA D 9 -6.28 -1.06 -7.69
N ARG D 10 -6.40 -2.20 -8.41
CA ARG D 10 -5.30 -2.81 -9.16
C ARG D 10 -4.64 -1.81 -10.10
N LYS D 11 -5.42 -1.19 -10.99
CA LYS D 11 -4.93 -0.18 -11.93
C LYS D 11 -4.22 0.97 -11.21
N TYR D 12 -4.87 1.57 -10.21
CA TYR D 12 -4.33 2.66 -9.42
C TYR D 12 -3.01 2.26 -8.73
N LEU D 13 -3.04 1.18 -7.95
CA LEU D 13 -1.88 0.60 -7.27
C LEU D 13 -0.73 0.40 -8.25
N GLU D 14 -0.96 -0.31 -9.35
CA GLU D 14 0.09 -0.61 -10.32
C GLU D 14 0.69 0.67 -10.94
N GLN D 15 -0.17 1.59 -11.40
CA GLN D 15 0.31 2.87 -11.93
C GLN D 15 1.12 3.66 -10.89
N LEU D 16 0.61 3.77 -9.67
CA LEU D 16 1.28 4.46 -8.57
C LEU D 16 2.63 3.83 -8.22
N HIS D 17 2.66 2.50 -8.02
CA HIS D 17 3.88 1.70 -7.91
C HIS D 17 4.87 2.00 -9.05
N ARG D 18 4.41 1.89 -10.30
CA ARG D 18 5.22 2.18 -11.48
C ARG D 18 5.80 3.59 -11.43
N LYS D 19 5.00 4.61 -11.10
CA LYS D 19 5.47 5.98 -10.90
C LYS D 19 6.55 6.06 -9.81
N LEU D 20 6.27 5.47 -8.64
CA LEU D 20 7.18 5.47 -7.50
C LEU D 20 8.50 4.75 -7.82
N LYS D 21 8.47 3.71 -8.64
CA LYS D 21 9.69 3.13 -9.21
C LYS D 21 10.37 4.10 -10.17
N ASN D 22 9.65 4.54 -11.21
CA ASN D 22 10.10 5.44 -12.26
C ASN D 22 10.80 6.69 -11.70
N CYS D 23 10.29 7.27 -10.62
CA CYS D 23 10.88 8.48 -10.04
C CYS D 23 12.26 8.26 -9.41
N LYS D 24 12.70 7.02 -9.17
CA LYS D 24 14.10 6.73 -8.86
C LYS D 24 14.98 6.90 -10.11
N VAL D 25 15.17 8.14 -10.55
CA VAL D 25 15.93 8.50 -11.74
C VAL D 25 16.59 9.89 -11.60
N GLU A 1 -14.96 -12.16 0.88
CA GLU A 1 -13.71 -12.16 1.68
C GLU A 1 -12.47 -11.72 0.89
N ASN A 2 -12.43 -12.00 -0.41
CA ASN A 2 -11.28 -11.75 -1.28
C ASN A 2 -11.76 -11.31 -2.67
N ARG A 3 -12.19 -10.06 -2.77
CA ARG A 3 -12.79 -9.47 -3.98
C ARG A 3 -11.93 -8.33 -4.55
N GLU A 4 -11.22 -7.57 -3.71
CA GLU A 4 -10.35 -6.48 -4.16
C GLU A 4 -9.12 -6.30 -3.24
N VAL A 5 -8.79 -5.06 -2.88
CA VAL A 5 -7.75 -4.69 -1.90
C VAL A 5 -8.42 -4.39 -0.55
N PRO A 6 -7.70 -4.44 0.58
CA PRO A 6 -8.26 -4.09 1.87
C PRO A 6 -8.45 -2.56 1.96
N PRO A 7 -9.51 -2.06 2.60
CA PRO A 7 -9.71 -0.62 2.78
C PRO A 7 -8.54 0.02 3.52
N GLY A 8 -7.91 -0.75 4.42
CA GLY A 8 -6.63 -0.43 5.04
C GLY A 8 -5.59 0.12 4.06
N PHE A 9 -5.51 -0.41 2.83
CA PHE A 9 -4.60 0.13 1.82
C PHE A 9 -4.93 1.58 1.47
N THR A 10 -6.17 1.84 1.04
CA THR A 10 -6.67 3.18 0.75
C THR A 10 -6.48 4.13 1.93
N ALA A 11 -6.86 3.69 3.14
CA ALA A 11 -6.70 4.44 4.37
C ALA A 11 -5.22 4.76 4.66
N LEU A 12 -4.32 3.76 4.56
CA LEU A 12 -2.88 3.96 4.65
C LEU A 12 -2.41 5.01 3.64
N ILE A 13 -2.71 4.83 2.35
CA ILE A 13 -2.37 5.79 1.31
C ILE A 13 -2.81 7.23 1.67
N LYS A 14 -4.09 7.41 1.99
CA LYS A 14 -4.60 8.70 2.45
C LYS A 14 -3.80 9.25 3.64
N THR A 15 -3.58 8.42 4.66
CA THR A 15 -2.81 8.78 5.86
C THR A 15 -1.35 9.15 5.52
N LEU A 16 -0.74 8.43 4.57
CA LEU A 16 0.61 8.71 4.08
C LEU A 16 0.65 10.08 3.41
N ARG A 17 -0.25 10.31 2.45
CA ARG A 17 -0.41 11.61 1.81
C ARG A 17 -0.61 12.74 2.83
N LYS A 18 -1.49 12.55 3.81
CA LYS A 18 -1.63 13.46 4.94
C LYS A 18 -0.28 13.70 5.63
N CYS A 19 0.35 12.65 6.18
CA CYS A 19 1.63 12.73 6.89
C CYS A 19 2.70 13.50 6.11
N LYS A 20 2.85 13.20 4.82
CA LYS A 20 3.83 13.85 3.94
C LYS A 20 3.27 15.09 3.22
N ILE A 21 2.07 15.55 3.54
CA ILE A 21 1.36 16.67 2.91
C ILE A 21 0.92 16.39 1.45
N ILE A 22 1.85 15.95 0.59
CA ILE A 22 1.63 15.76 -0.86
C ILE A 22 0.42 14.88 -1.19
N ASN B 1 -0.67 -18.55 -2.05
CA ASN B 1 -0.20 -17.20 -1.65
C ASN B 1 1.31 -17.01 -1.92
N LEU B 2 2.11 -18.00 -1.52
CA LEU B 2 3.57 -18.07 -1.72
C LEU B 2 4.30 -16.84 -1.18
N VAL B 3 4.67 -15.89 -2.05
CA VAL B 3 5.30 -14.62 -1.64
C VAL B 3 4.32 -13.72 -0.86
N SER B 4 3.01 -13.89 -1.11
CA SER B 4 1.96 -13.05 -0.54
C SER B 4 1.74 -13.39 0.95
N GLY B 5 2.68 -12.97 1.81
CA GLY B 5 2.62 -13.18 3.25
C GLY B 5 1.55 -12.34 3.94
N LEU B 6 0.28 -12.58 3.60
CA LEU B 6 -0.88 -11.78 3.99
C LEU B 6 -0.89 -11.30 5.45
N ILE B 7 -0.61 -12.20 6.41
CA ILE B 7 -0.55 -11.83 7.83
C ILE B 7 0.55 -10.79 8.12
N GLU B 8 1.76 -11.00 7.58
CA GLU B 8 2.88 -10.08 7.75
C GLU B 8 2.58 -8.74 7.05
N ALA B 9 2.09 -8.83 5.81
CA ALA B 9 1.61 -7.67 5.05
C ALA B 9 0.60 -6.85 5.85
N ARG B 10 -0.44 -7.50 6.37
CA ARG B 10 -1.46 -6.89 7.22
C ARG B 10 -0.85 -6.23 8.46
N LYS B 11 0.00 -6.94 9.20
CA LYS B 11 0.65 -6.39 10.38
C LYS B 11 1.52 -5.16 10.05
N TYR B 12 2.39 -5.22 9.04
CA TYR B 12 3.18 -4.05 8.68
C TYR B 12 2.31 -2.92 8.11
N LEU B 13 1.25 -3.23 7.34
CA LEU B 13 0.24 -2.25 6.94
C LEU B 13 -0.30 -1.50 8.17
N GLU B 14 -0.83 -2.23 9.15
CA GLU B 14 -1.30 -1.67 10.41
C GLU B 14 -0.22 -0.80 11.09
N GLN B 15 1.00 -1.34 11.24
CA GLN B 15 2.12 -0.62 11.83
C GLN B 15 2.38 0.73 11.12
N LEU B 16 2.61 0.69 9.81
CA LEU B 16 2.81 1.88 8.99
C LEU B 16 1.63 2.85 9.11
N HIS B 17 0.40 2.38 8.92
CA HIS B 17 -0.79 3.23 9.01
C HIS B 17 -0.88 3.92 10.39
N ARG B 18 -0.66 3.18 11.47
CA ARG B 18 -0.60 3.75 12.82
C ARG B 18 0.52 4.80 12.95
N LYS B 19 1.74 4.49 12.53
CA LYS B 19 2.85 5.44 12.53
C LYS B 19 2.50 6.72 11.74
N LEU B 20 2.00 6.57 10.52
CA LEU B 20 1.60 7.67 9.64
C LEU B 20 0.39 8.43 10.18
N LYS B 21 -0.48 7.81 10.97
CA LYS B 21 -1.46 8.56 11.76
C LYS B 21 -0.75 9.39 12.84
N ASN B 22 0.04 8.73 13.70
CA ASN B 22 0.79 9.34 14.80
C ASN B 22 1.68 10.51 14.34
N CYS B 23 2.23 10.43 13.12
CA CYS B 23 2.91 11.52 12.43
C CYS B 23 2.20 12.87 12.52
N LYS B 24 0.85 12.86 12.51
CA LYS B 24 -0.06 13.99 12.73
C LYS B 24 0.01 15.17 11.73
N VAL B 25 1.21 15.73 11.49
CA VAL B 25 1.45 16.85 10.59
C VAL B 25 0.82 16.64 9.20
N GLU C 1 -12.16 -5.13 0.69
CA GLU C 1 -12.78 -6.47 0.61
C GLU C 1 -11.73 -7.55 0.29
N ASN C 2 -10.93 -7.91 1.29
CA ASN C 2 -9.68 -8.65 1.10
C ASN C 2 -9.13 -9.23 2.42
N ARG C 3 -8.81 -10.53 2.45
CA ARG C 3 -7.83 -11.11 3.37
C ARG C 3 -6.42 -11.06 2.75
N GLU C 4 -6.31 -11.60 1.54
CA GLU C 4 -5.06 -11.82 0.81
C GLU C 4 -4.44 -10.50 0.31
N VAL C 5 -3.72 -9.80 1.19
CA VAL C 5 -3.01 -8.58 0.83
C VAL C 5 -1.99 -8.87 -0.30
N PRO C 6 -2.13 -8.26 -1.50
CA PRO C 6 -1.33 -8.64 -2.66
C PRO C 6 0.11 -8.10 -2.55
N PRO C 7 1.11 -8.83 -3.07
CA PRO C 7 2.52 -8.45 -2.97
C PRO C 7 2.82 -7.12 -3.71
N GLY C 8 1.98 -6.75 -4.67
CA GLY C 8 1.94 -5.41 -5.24
C GLY C 8 1.97 -4.30 -4.17
N PHE C 9 1.29 -4.51 -3.04
CA PHE C 9 1.37 -3.62 -1.88
C PHE C 9 2.82 -3.46 -1.40
N THR C 10 3.53 -4.57 -1.19
CA THR C 10 4.93 -4.59 -0.80
C THR C 10 5.82 -3.90 -1.84
N ALA C 11 5.61 -4.20 -3.13
CA ALA C 11 6.31 -3.52 -4.22
C ALA C 11 6.11 -2.00 -4.17
N LEU C 12 4.85 -1.55 -4.09
CA LEU C 12 4.49 -0.15 -3.92
C LEU C 12 5.20 0.46 -2.71
N ILE C 13 5.00 -0.10 -1.50
CA ILE C 13 5.61 0.40 -0.28
C ILE C 13 7.14 0.47 -0.37
N LYS C 14 7.79 -0.58 -0.88
CA LYS C 14 9.24 -0.60 -1.08
C LYS C 14 9.71 0.52 -2.02
N THR C 15 9.12 0.59 -3.22
CA THR C 15 9.46 1.64 -4.19
C THR C 15 9.17 3.06 -3.64
N LEU C 16 8.05 3.23 -2.92
CA LEU C 16 7.71 4.48 -2.22
C LEU C 16 8.80 4.84 -1.21
N ARG C 17 9.08 3.93 -0.26
CA ARG C 17 10.13 4.05 0.73
C ARG C 17 11.45 4.51 0.10
N LYS C 18 11.89 3.83 -0.97
CA LYS C 18 13.09 4.22 -1.69
C LYS C 18 12.96 5.64 -2.30
N CYS C 19 11.99 5.83 -3.19
CA CYS C 19 11.72 7.11 -3.88
C CYS C 19 11.70 8.31 -2.93
N LYS C 20 11.02 8.16 -1.78
CA LYS C 20 10.86 9.21 -0.79
C LYS C 20 11.86 9.11 0.37
N ILE C 21 12.93 8.31 0.23
CA ILE C 21 13.95 8.04 1.25
C ILE C 21 13.41 7.21 2.45
N ILE C 22 12.33 7.69 3.10
CA ILE C 22 11.64 7.03 4.20
C ILE C 22 10.28 6.47 3.76
N ASN D 1 -13.38 -2.01 0.82
CA ASN D 1 -14.86 -2.01 0.69
C ASN D 1 -15.37 -1.01 -0.36
N LEU D 2 -14.68 -0.91 -1.50
CA LEU D 2 -15.03 -0.04 -2.60
C LEU D 2 -16.16 -0.67 -3.43
N VAL D 3 -16.87 0.13 -4.23
CA VAL D 3 -17.82 -0.38 -5.23
C VAL D 3 -17.06 -1.02 -6.40
N SER D 4 -17.11 -2.35 -6.52
CA SER D 4 -16.31 -3.18 -7.43
C SER D 4 -14.81 -3.17 -7.10
N GLY D 5 -14.18 -2.00 -7.09
CA GLY D 5 -12.86 -1.75 -6.51
C GLY D 5 -11.71 -2.32 -7.34
N LEU D 6 -11.63 -3.65 -7.44
CA LEU D 6 -10.53 -4.45 -7.99
C LEU D 6 -9.78 -3.75 -9.13
N ILE D 7 -10.44 -3.50 -10.26
CA ILE D 7 -9.82 -2.91 -11.43
C ILE D 7 -9.23 -1.52 -11.16
N GLU D 8 -9.98 -0.65 -10.45
CA GLU D 8 -9.54 0.69 -10.11
C GLU D 8 -8.34 0.64 -9.16
N ALA D 9 -8.48 -0.10 -8.05
CA ALA D 9 -7.43 -0.31 -7.08
C ALA D 9 -6.15 -0.86 -7.74
N ARG D 10 -6.29 -1.92 -8.54
CA ARG D 10 -5.21 -2.51 -9.31
C ARG D 10 -4.52 -1.47 -10.21
N LYS D 11 -5.29 -0.76 -11.05
CA LYS D 11 -4.74 0.30 -11.90
C LYS D 11 -3.99 1.37 -11.10
N TYR D 12 -4.63 1.95 -10.08
CA TYR D 12 -4.00 2.93 -9.21
C TYR D 12 -2.69 2.41 -8.58
N LEU D 13 -2.78 1.27 -7.89
CA LEU D 13 -1.65 0.61 -7.24
C LEU D 13 -0.51 0.39 -8.25
N GLU D 14 -0.79 -0.29 -9.35
CA GLU D 14 0.20 -0.61 -10.37
C GLU D 14 0.80 0.67 -10.99
N GLN D 15 -0.03 1.67 -11.31
CA GLN D 15 0.45 2.95 -11.81
C GLN D 15 1.41 3.61 -10.80
N LEU D 16 0.97 3.77 -9.55
CA LEU D 16 1.79 4.37 -8.50
C LEU D 16 3.12 3.61 -8.35
N HIS D 17 3.06 2.29 -8.16
CA HIS D 17 4.23 1.41 -8.20
C HIS D 17 5.14 1.69 -9.41
N ARG D 18 4.58 1.65 -10.62
CA ARG D 18 5.32 1.88 -11.86
C ARG D 18 5.98 3.26 -11.93
N LYS D 19 5.33 4.31 -11.40
CA LYS D 19 5.94 5.63 -11.28
C LYS D 19 7.07 5.63 -10.23
N LEU D 20 6.82 5.15 -9.02
CA LEU D 20 7.81 5.10 -7.94
C LEU D 20 9.04 4.26 -8.32
N LYS D 21 8.82 3.11 -8.96
CA LYS D 21 9.84 2.30 -9.63
C LYS D 21 10.70 3.15 -10.57
N ASN D 22 10.12 4.13 -11.27
CA ASN D 22 10.83 5.04 -12.16
C ASN D 22 11.51 6.19 -11.42
N CYS D 23 10.92 6.67 -10.32
CA CYS D 23 11.51 7.66 -9.42
C CYS D 23 12.85 7.16 -8.84
N LYS D 24 12.85 5.96 -8.26
CA LYS D 24 14.02 5.29 -7.70
C LYS D 24 14.63 6.01 -6.48
N VAL D 25 15.32 7.13 -6.71
CA VAL D 25 16.19 7.84 -5.77
C VAL D 25 17.14 6.88 -5.02
N GLU A 1 -17.12 -3.25 -0.78
CA GLU A 1 -15.66 -3.16 -0.99
C GLU A 1 -14.97 -4.54 -0.97
N ASN A 2 -15.48 -5.47 -1.78
CA ASN A 2 -14.80 -6.74 -2.08
C ASN A 2 -13.53 -6.48 -2.93
N ARG A 3 -12.45 -6.03 -2.28
CA ARG A 3 -11.15 -5.74 -2.88
C ARG A 3 -9.98 -6.39 -2.09
N GLU A 4 -9.32 -7.38 -2.71
CA GLU A 4 -8.07 -7.97 -2.23
C GLU A 4 -6.96 -6.92 -2.03
N VAL A 5 -6.91 -5.91 -2.89
CA VAL A 5 -6.17 -4.69 -2.59
C VAL A 5 -6.88 -4.01 -1.41
N PRO A 6 -6.31 -3.97 -0.19
CA PRO A 6 -7.09 -3.61 0.99
C PRO A 6 -7.46 -2.12 0.99
N PRO A 7 -8.65 -1.74 1.52
CA PRO A 7 -8.96 -0.34 1.82
C PRO A 7 -7.84 0.34 2.61
N GLY A 8 -7.28 -0.41 3.58
CA GLY A 8 -6.09 -0.07 4.33
C GLY A 8 -4.94 0.49 3.48
N PHE A 9 -4.72 -0.04 2.27
CA PHE A 9 -3.69 0.49 1.38
C PHE A 9 -4.01 1.92 0.92
N THR A 10 -5.23 2.15 0.42
CA THR A 10 -5.69 3.49 0.05
C THR A 10 -5.59 4.44 1.26
N ALA A 11 -6.05 4.00 2.43
CA ALA A 11 -5.89 4.75 3.68
C ALA A 11 -4.43 5.06 4.00
N LEU A 12 -3.53 4.07 3.90
CA LEU A 12 -2.08 4.23 4.04
C LEU A 12 -1.58 5.34 3.12
N ILE A 13 -1.86 5.27 1.81
CA ILE A 13 -1.45 6.32 0.89
C ILE A 13 -2.04 7.70 1.25
N LYS A 14 -3.34 7.78 1.53
CA LYS A 14 -3.98 9.04 1.93
C LYS A 14 -3.28 9.65 3.17
N THR A 15 -3.18 8.87 4.25
CA THR A 15 -2.49 9.30 5.48
C THR A 15 -1.02 9.66 5.21
N LEU A 16 -0.31 8.88 4.40
CA LEU A 16 1.06 9.17 3.98
C LEU A 16 1.17 10.52 3.26
N ARG A 17 0.33 10.75 2.25
CA ARG A 17 0.28 12.01 1.52
C ARG A 17 0.03 13.19 2.48
N LYS A 18 -0.95 13.05 3.38
CA LYS A 18 -1.23 14.06 4.39
C LYS A 18 -0.01 14.30 5.31
N CYS A 19 0.52 13.25 5.93
CA CYS A 19 1.71 13.27 6.79
C CYS A 19 2.90 13.97 6.11
N LYS A 20 3.16 13.62 4.84
CA LYS A 20 4.19 14.22 4.01
C LYS A 20 3.84 15.63 3.50
N ILE A 21 2.62 16.14 3.80
CA ILE A 21 2.06 17.41 3.32
C ILE A 21 1.74 17.36 1.82
N ILE A 22 2.76 17.12 0.99
CA ILE A 22 2.62 16.86 -0.44
C ILE A 22 2.44 15.35 -0.70
N ASN B 1 -4.21 -18.66 10.60
CA ASN B 1 -4.10 -18.42 9.14
C ASN B 1 -2.79 -18.97 8.53
N LEU B 2 -1.76 -19.19 9.35
CA LEU B 2 -0.51 -19.91 9.00
C LEU B 2 0.45 -19.17 8.06
N VAL B 3 -0.04 -18.48 7.02
CA VAL B 3 0.78 -17.84 5.99
C VAL B 3 1.57 -16.61 6.49
N SER B 4 2.60 -16.90 7.30
CA SER B 4 3.53 -15.97 7.95
C SER B 4 3.82 -14.69 7.15
N GLY B 5 4.36 -14.82 5.94
CA GLY B 5 4.67 -13.68 5.08
C GLY B 5 3.48 -12.74 4.87
N LEU B 6 2.30 -13.29 4.53
CA LEU B 6 1.13 -12.50 4.22
C LEU B 6 0.55 -11.86 5.50
N ILE B 7 0.37 -12.65 6.56
CA ILE B 7 -0.09 -12.09 7.84
C ILE B 7 0.86 -10.98 8.34
N GLU B 8 2.18 -11.21 8.27
CA GLU B 8 3.17 -10.20 8.60
C GLU B 8 3.05 -8.96 7.70
N ALA B 9 2.93 -9.16 6.38
CA ALA B 9 2.74 -8.06 5.43
C ALA B 9 1.53 -7.18 5.80
N ARG B 10 0.35 -7.77 6.03
CA ARG B 10 -0.82 -6.97 6.43
C ARG B 10 -0.69 -6.36 7.84
N LYS B 11 -0.07 -7.06 8.81
CA LYS B 11 0.28 -6.46 10.09
C LYS B 11 1.18 -5.23 9.92
N TYR B 12 2.25 -5.33 9.12
CA TYR B 12 3.14 -4.23 8.78
C TYR B 12 2.36 -3.08 8.13
N LEU B 13 1.57 -3.38 7.10
CA LEU B 13 0.66 -2.43 6.46
C LEU B 13 -0.17 -1.69 7.51
N GLU B 14 -0.92 -2.41 8.34
CA GLU B 14 -1.81 -1.83 9.35
C GLU B 14 -1.04 -0.95 10.36
N GLN B 15 0.06 -1.45 10.92
CA GLN B 15 0.93 -0.69 11.81
C GLN B 15 1.41 0.62 11.15
N LEU B 16 2.00 0.50 9.96
CA LEU B 16 2.49 1.65 9.20
C LEU B 16 1.36 2.65 8.90
N HIS B 17 0.23 2.18 8.39
CA HIS B 17 -0.99 2.97 8.24
C HIS B 17 -1.36 3.72 9.52
N ARG B 18 -1.57 3.03 10.65
CA ARG B 18 -1.96 3.72 11.88
C ARG B 18 -0.88 4.72 12.35
N LYS B 19 0.41 4.43 12.16
CA LYS B 19 1.48 5.37 12.43
C LYS B 19 1.35 6.63 11.55
N LEU B 20 1.18 6.44 10.23
CA LEU B 20 0.98 7.53 9.28
C LEU B 20 -0.30 8.31 9.56
N LYS B 21 -1.33 7.67 10.12
CA LYS B 21 -2.48 8.39 10.67
C LYS B 21 -2.08 9.20 11.91
N ASN B 22 -1.40 8.57 12.88
CA ASN B 22 -0.91 9.17 14.12
C ASN B 22 -0.02 10.40 13.87
N CYS B 23 0.74 10.42 12.76
CA CYS B 23 1.46 11.59 12.27
C CYS B 23 0.58 12.85 12.20
N LYS B 24 -0.71 12.69 11.91
CA LYS B 24 -1.79 13.69 11.99
C LYS B 24 -1.70 14.93 11.08
N VAL B 25 -0.55 15.58 10.97
CA VAL B 25 -0.36 16.74 10.09
C VAL B 25 -0.69 16.42 8.62
N GLU C 1 -10.94 -9.49 0.87
CA GLU C 1 -11.03 -10.86 0.33
C GLU C 1 -10.09 -11.84 1.06
N ASN C 2 -10.27 -12.01 2.37
CA ASN C 2 -9.57 -12.97 3.23
C ASN C 2 -8.08 -12.66 3.45
N ARG C 3 -7.30 -12.54 2.38
CA ARG C 3 -5.86 -12.34 2.43
C ARG C 3 -5.54 -10.84 2.59
N GLU C 4 -6.08 -10.02 1.70
CA GLU C 4 -6.12 -8.56 1.86
C GLU C 4 -4.73 -7.91 1.91
N VAL C 5 -3.80 -8.41 1.07
CA VAL C 5 -2.44 -7.88 0.90
C VAL C 5 -1.75 -8.50 -0.33
N PRO C 6 -1.83 -7.87 -1.52
CA PRO C 6 -1.21 -8.41 -2.73
C PRO C 6 0.30 -8.11 -2.73
N PRO C 7 1.14 -8.97 -3.36
CA PRO C 7 2.56 -8.69 -3.60
C PRO C 7 2.82 -7.29 -4.19
N GLY C 8 1.91 -6.81 -5.03
CA GLY C 8 1.91 -5.43 -5.53
C GLY C 8 2.09 -4.39 -4.41
N PHE C 9 1.44 -4.59 -3.25
CA PHE C 9 1.66 -3.73 -2.08
C PHE C 9 3.11 -3.79 -1.60
N THR C 10 3.68 -4.99 -1.48
CA THR C 10 5.09 -5.16 -1.11
C THR C 10 6.01 -4.41 -2.07
N ALA C 11 5.83 -4.61 -3.38
CA ALA C 11 6.59 -3.91 -4.42
C ALA C 11 6.42 -2.39 -4.32
N LEU C 12 5.18 -1.92 -4.20
CA LEU C 12 4.86 -0.52 -3.97
C LEU C 12 5.59 0.03 -2.74
N ILE C 13 5.31 -0.48 -1.55
CA ILE C 13 5.86 0.06 -0.31
C ILE C 13 7.39 -0.02 -0.28
N LYS C 14 7.99 -1.07 -0.86
CA LYS C 14 9.43 -1.13 -1.09
C LYS C 14 9.90 0.05 -1.96
N THR C 15 9.32 0.22 -3.15
CA THR C 15 9.64 1.35 -4.03
C THR C 15 9.35 2.73 -3.38
N LEU C 16 8.36 2.82 -2.50
CA LEU C 16 8.09 4.01 -1.70
C LEU C 16 9.23 4.27 -0.70
N ARG C 17 9.54 3.27 0.13
CA ARG C 17 10.65 3.31 1.09
C ARG C 17 11.94 3.75 0.39
N LYS C 18 12.26 3.15 -0.77
CA LYS C 18 13.32 3.63 -1.64
C LYS C 18 13.15 5.11 -2.00
N CYS C 19 12.12 5.46 -2.78
CA CYS C 19 11.89 6.82 -3.29
C CYS C 19 12.01 7.91 -2.20
N LYS C 20 11.40 7.66 -1.04
CA LYS C 20 11.43 8.56 0.12
C LYS C 20 12.74 8.45 0.94
N ILE C 21 13.50 7.36 0.79
CA ILE C 21 14.67 6.99 1.60
C ILE C 21 14.26 6.60 3.03
N ILE C 22 13.60 7.52 3.75
CA ILE C 22 13.05 7.27 5.08
C ILE C 22 11.85 6.30 5.00
N ASN D 1 -18.91 0.41 -8.89
CA ASN D 1 -17.54 0.11 -8.40
C ASN D 1 -17.51 -0.34 -6.93
N LEU D 2 -18.01 0.52 -6.02
CA LEU D 2 -17.86 0.43 -4.56
C LEU D 2 -18.17 -0.93 -3.93
N VAL D 3 -19.09 -1.70 -4.51
CA VAL D 3 -19.37 -3.07 -4.06
C VAL D 3 -18.10 -3.94 -4.04
N SER D 4 -17.22 -3.75 -5.02
CA SER D 4 -15.89 -4.38 -5.08
C SER D 4 -14.78 -3.36 -4.82
N GLY D 5 -14.64 -2.37 -5.70
CA GLY D 5 -13.49 -1.50 -5.77
C GLY D 5 -12.23 -2.15 -6.36
N LEU D 6 -12.19 -3.47 -6.56
CA LEU D 6 -10.96 -4.22 -6.89
C LEU D 6 -10.21 -3.63 -8.10
N ILE D 7 -10.88 -3.51 -9.25
CA ILE D 7 -10.27 -2.96 -10.46
C ILE D 7 -9.69 -1.56 -10.25
N GLU D 8 -10.45 -0.67 -9.60
CA GLU D 8 -10.04 0.70 -9.31
C GLU D 8 -8.83 0.73 -8.37
N ALA D 9 -8.93 0.00 -7.26
CA ALA D 9 -7.84 -0.17 -6.29
C ALA D 9 -6.58 -0.74 -6.95
N ARG D 10 -6.73 -1.76 -7.80
CA ARG D 10 -5.63 -2.31 -8.60
C ARG D 10 -5.01 -1.26 -9.51
N LYS D 11 -5.80 -0.55 -10.31
CA LYS D 11 -5.30 0.53 -11.17
C LYS D 11 -4.53 1.59 -10.36
N TYR D 12 -5.10 2.04 -9.25
CA TYR D 12 -4.44 2.95 -8.30
C TYR D 12 -3.09 2.36 -7.84
N LEU D 13 -3.11 1.17 -7.22
CA LEU D 13 -1.94 0.43 -6.76
C LEU D 13 -0.84 0.36 -7.83
N GLU D 14 -1.20 -0.16 -9.00
CA GLU D 14 -0.33 -0.31 -10.16
C GLU D 14 0.33 1.04 -10.54
N GLN D 15 -0.47 2.07 -10.82
CA GLN D 15 0.04 3.38 -11.23
C GLN D 15 0.92 4.02 -10.14
N LEU D 16 0.48 3.98 -8.88
CA LEU D 16 1.26 4.46 -7.73
C LEU D 16 2.63 3.75 -7.67
N HIS D 17 2.63 2.40 -7.68
CA HIS D 17 3.86 1.62 -7.74
C HIS D 17 4.73 2.00 -8.96
N ARG D 18 4.16 2.06 -10.16
CA ARG D 18 4.89 2.49 -11.36
C ARG D 18 5.58 3.85 -11.16
N LYS D 19 4.84 4.86 -10.66
CA LYS D 19 5.43 6.16 -10.34
C LYS D 19 6.67 6.03 -9.43
N LEU D 20 6.54 5.29 -8.32
CA LEU D 20 7.65 5.07 -7.40
C LEU D 20 8.81 4.28 -8.04
N LYS D 21 8.48 3.27 -8.84
CA LYS D 21 9.44 2.48 -9.61
C LYS D 21 10.17 3.34 -10.65
N ASN D 22 9.52 4.38 -11.19
CA ASN D 22 10.18 5.41 -11.99
C ASN D 22 11.02 6.37 -11.13
N CYS D 23 10.54 6.79 -9.96
CA CYS D 23 11.33 7.56 -8.98
C CYS D 23 12.66 6.87 -8.68
N LYS D 24 12.63 5.55 -8.44
CA LYS D 24 13.76 4.61 -8.47
C LYS D 24 14.86 4.76 -7.39
N VAL D 25 15.29 5.98 -7.07
CA VAL D 25 16.34 6.25 -6.08
C VAL D 25 16.04 5.61 -4.71
N GLU A 1 -1.88 -13.86 -9.04
CA GLU A 1 -3.03 -12.96 -9.23
C GLU A 1 -2.98 -11.77 -8.24
N ASN A 2 -2.07 -10.82 -8.46
CA ASN A 2 -1.95 -9.63 -7.61
C ASN A 2 -3.05 -8.59 -7.92
N ARG A 3 -4.32 -8.99 -7.76
CA ARG A 3 -5.49 -8.12 -7.94
C ARG A 3 -6.05 -7.65 -6.58
N GLU A 4 -6.08 -8.56 -5.60
CA GLU A 4 -6.87 -8.45 -4.38
C GLU A 4 -6.32 -7.44 -3.36
N VAL A 5 -6.22 -6.16 -3.75
CA VAL A 5 -5.76 -5.06 -2.91
C VAL A 5 -6.87 -4.58 -1.96
N PRO A 6 -6.62 -4.45 -0.64
CA PRO A 6 -7.63 -4.11 0.34
C PRO A 6 -7.85 -2.59 0.43
N PRO A 7 -9.02 -2.12 0.90
CA PRO A 7 -9.27 -0.70 1.12
C PRO A 7 -8.28 -0.11 2.15
N GLY A 8 -7.75 -0.94 3.04
CA GLY A 8 -6.61 -0.60 3.90
C GLY A 8 -5.45 0.06 3.13
N PHE A 9 -5.17 -0.38 1.90
CA PHE A 9 -4.18 0.27 1.05
C PHE A 9 -4.59 1.72 0.73
N THR A 10 -5.83 1.91 0.24
CA THR A 10 -6.37 3.24 -0.03
C THR A 10 -6.32 4.15 1.21
N ALA A 11 -6.72 3.63 2.37
CA ALA A 11 -6.66 4.35 3.64
C ALA A 11 -5.21 4.68 4.06
N LEU A 12 -4.28 3.73 3.91
CA LEU A 12 -2.85 3.98 4.07
C LEU A 12 -2.37 5.11 3.14
N ILE A 13 -2.69 5.04 1.85
CA ILE A 13 -2.36 6.10 0.90
C ILE A 13 -2.92 7.45 1.34
N LYS A 14 -4.22 7.52 1.68
CA LYS A 14 -4.86 8.74 2.16
C LYS A 14 -4.10 9.33 3.36
N THR A 15 -3.91 8.52 4.42
CA THR A 15 -3.17 8.96 5.60
C THR A 15 -1.72 9.35 5.29
N LEU A 16 -1.01 8.57 4.46
CA LEU A 16 0.32 8.90 3.95
C LEU A 16 0.34 10.28 3.28
N ARG A 17 -0.60 10.56 2.38
CA ARG A 17 -0.72 11.87 1.76
C ARG A 17 -1.01 12.97 2.78
N LYS A 18 -1.96 12.77 3.71
CA LYS A 18 -2.20 13.72 4.78
C LYS A 18 -0.94 14.00 5.63
N CYS A 19 -0.18 12.95 5.96
CA CYS A 19 1.08 13.04 6.69
C CYS A 19 2.16 13.82 5.92
N LYS A 20 2.48 13.35 4.70
CA LYS A 20 3.63 13.81 3.93
C LYS A 20 3.33 15.04 3.06
N ILE A 21 2.05 15.34 2.78
CA ILE A 21 1.56 16.42 1.92
C ILE A 21 1.88 16.15 0.44
N ILE A 22 3.17 16.01 0.10
CA ILE A 22 3.62 15.60 -1.23
C ILE A 22 3.12 14.19 -1.56
N ASN B 1 3.18 -17.93 1.56
CA ASN B 1 2.61 -16.57 1.56
C ASN B 1 1.18 -16.54 2.13
N LEU B 2 0.25 -17.30 1.55
CA LEU B 2 -1.09 -17.51 2.12
C LEU B 2 -1.02 -17.91 3.60
N VAL B 3 -1.85 -17.28 4.44
CA VAL B 3 -1.79 -17.28 5.91
C VAL B 3 -0.41 -16.89 6.49
N SER B 4 0.58 -17.75 6.32
CA SER B 4 1.99 -17.60 6.67
C SER B 4 2.53 -16.16 6.54
N GLY B 5 2.68 -15.69 5.31
CA GLY B 5 3.06 -14.31 5.02
C GLY B 5 1.93 -13.34 5.33
N LEU B 6 0.71 -13.67 4.87
CA LEU B 6 -0.50 -12.87 5.01
C LEU B 6 -0.65 -12.20 6.39
N ILE B 7 -0.58 -12.97 7.48
CA ILE B 7 -0.67 -12.37 8.82
C ILE B 7 0.41 -11.30 9.07
N GLU B 8 1.66 -11.58 8.67
CA GLU B 8 2.75 -10.62 8.80
C GLU B 8 2.53 -9.41 7.88
N ALA B 9 2.06 -9.63 6.65
CA ALA B 9 1.68 -8.56 5.73
C ALA B 9 0.59 -7.65 6.34
N ARG B 10 -0.43 -8.24 6.97
CA ARG B 10 -1.42 -7.50 7.76
C ARG B 10 -0.77 -6.71 8.91
N LYS B 11 0.07 -7.34 9.74
CA LYS B 11 0.79 -6.62 10.80
C LYS B 11 1.57 -5.43 10.24
N TYR B 12 2.45 -5.66 9.26
CA TYR B 12 3.20 -4.65 8.51
C TYR B 12 2.29 -3.51 8.03
N LEU B 13 1.25 -3.83 7.26
CA LEU B 13 0.22 -2.88 6.82
C LEU B 13 -0.33 -2.04 7.98
N GLU B 14 -0.81 -2.68 9.05
CA GLU B 14 -1.39 -2.01 10.20
C GLU B 14 -0.38 -1.07 10.88
N GLN B 15 0.82 -1.57 11.17
CA GLN B 15 1.94 -0.79 11.71
C GLN B 15 2.15 0.48 10.88
N LEU B 16 2.46 0.33 9.59
CA LEU B 16 2.65 1.45 8.67
C LEU B 16 1.45 2.40 8.71
N HIS B 17 0.25 1.88 8.47
CA HIS B 17 -0.97 2.67 8.41
C HIS B 17 -1.20 3.49 9.68
N ARG B 18 -1.07 2.90 10.87
CA ARG B 18 -1.29 3.65 12.11
C ARG B 18 -0.22 4.71 12.35
N LYS B 19 1.05 4.46 12.02
CA LYS B 19 2.06 5.52 12.04
C LYS B 19 1.69 6.65 11.07
N LEU B 20 1.44 6.31 9.80
CA LEU B 20 1.07 7.26 8.76
C LEU B 20 -0.20 8.04 9.10
N LYS B 21 -1.15 7.43 9.82
CA LYS B 21 -2.27 8.12 10.45
C LYS B 21 -1.77 9.09 11.53
N ASN B 22 -1.29 8.54 12.65
CA ASN B 22 -0.93 9.26 13.88
C ASN B 22 0.03 10.43 13.62
N CYS B 23 0.89 10.33 12.60
CA CYS B 23 1.68 11.42 12.05
C CYS B 23 0.96 12.78 12.05
N LYS B 24 -0.30 12.80 11.59
CA LYS B 24 -1.12 14.03 11.55
C LYS B 24 -2.63 13.77 11.76
N VAL B 25 -3.17 12.67 11.24
CA VAL B 25 -4.60 12.36 11.28
C VAL B 25 -4.98 11.78 12.65
N GLU C 1 0.14 -12.10 -5.72
CA GLU C 1 -0.36 -13.46 -5.50
C GLU C 1 -1.13 -13.60 -4.17
N ASN C 2 -0.52 -13.20 -3.06
CA ASN C 2 -1.11 -13.38 -1.72
C ASN C 2 -2.52 -12.75 -1.59
N ARG C 3 -3.42 -13.44 -0.91
CA ARG C 3 -4.76 -12.94 -0.61
C ARG C 3 -4.72 -11.86 0.48
N GLU C 4 -5.75 -11.01 0.54
CA GLU C 4 -5.99 -9.98 1.56
C GLU C 4 -4.99 -8.81 1.53
N VAL C 5 -3.69 -9.08 1.58
CA VAL C 5 -2.61 -8.09 1.44
C VAL C 5 -1.59 -8.60 0.39
N PRO C 6 -1.71 -8.16 -0.87
CA PRO C 6 -0.92 -8.72 -1.97
C PRO C 6 0.48 -8.08 -2.03
N PRO C 7 1.50 -8.83 -2.48
CA PRO C 7 2.90 -8.42 -2.44
C PRO C 7 3.17 -7.11 -3.18
N GLY C 8 2.37 -6.78 -4.21
CA GLY C 8 2.37 -5.47 -4.85
C GLY C 8 2.40 -4.29 -3.85
N PHE C 9 1.69 -4.41 -2.72
CA PHE C 9 1.75 -3.41 -1.66
C PHE C 9 3.18 -3.25 -1.10
N THR C 10 3.75 -4.36 -0.61
CA THR C 10 5.12 -4.41 -0.13
C THR C 10 6.11 -3.87 -1.19
N ALA C 11 5.97 -4.33 -2.43
CA ALA C 11 6.77 -3.86 -3.57
C ALA C 11 6.66 -2.34 -3.75
N LEU C 12 5.44 -1.78 -3.74
CA LEU C 12 5.24 -0.34 -3.74
C LEU C 12 5.99 0.34 -2.58
N ILE C 13 5.79 -0.12 -1.34
CA ILE C 13 6.47 0.47 -0.18
C ILE C 13 8.01 0.41 -0.34
N LYS C 14 8.57 -0.73 -0.72
CA LYS C 14 9.99 -0.86 -1.00
C LYS C 14 10.43 0.12 -2.09
N THR C 15 9.69 0.21 -3.20
CA THR C 15 9.99 1.16 -4.28
C THR C 15 9.97 2.62 -3.78
N LEU C 16 8.94 2.98 -2.99
CA LEU C 16 8.84 4.27 -2.33
C LEU C 16 10.09 4.55 -1.49
N ARG C 17 10.42 3.66 -0.56
CA ARG C 17 11.63 3.73 0.26
C ARG C 17 12.88 3.95 -0.61
N LYS C 18 13.06 3.11 -1.65
CA LYS C 18 14.19 3.21 -2.57
C LYS C 18 14.26 4.57 -3.30
N CYS C 19 13.15 5.08 -3.82
CA CYS C 19 13.12 6.39 -4.49
C CYS C 19 13.35 7.54 -3.49
N LYS C 20 12.55 7.59 -2.42
CA LYS C 20 12.53 8.71 -1.48
C LYS C 20 13.68 8.65 -0.45
N ILE C 21 14.36 7.52 -0.32
CA ILE C 21 15.43 7.24 0.65
C ILE C 21 14.85 7.08 2.05
N ILE C 22 14.18 8.12 2.57
CA ILE C 22 13.48 8.07 3.85
C ILE C 22 12.31 7.07 3.83
N ASN D 1 -12.76 -5.94 -0.44
CA ASN D 1 -12.89 -4.66 -1.19
C ASN D 1 -14.16 -4.65 -2.08
N LEU D 2 -14.68 -3.47 -2.40
CA LEU D 2 -15.81 -3.33 -3.32
C LEU D 2 -15.39 -3.67 -4.76
N VAL D 3 -16.33 -3.97 -5.65
CA VAL D 3 -16.00 -4.27 -7.05
C VAL D 3 -15.27 -3.08 -7.71
N SER D 4 -15.86 -1.89 -7.62
CA SER D 4 -15.25 -0.63 -8.03
C SER D 4 -13.93 -0.40 -7.29
N GLY D 5 -14.01 -0.27 -5.96
CA GLY D 5 -12.88 -0.10 -5.06
C GLY D 5 -11.66 -0.97 -5.42
N LEU D 6 -11.88 -2.27 -5.63
CA LEU D 6 -10.89 -3.25 -6.08
C LEU D 6 -10.19 -2.80 -7.37
N ILE D 7 -10.93 -2.66 -8.47
CA ILE D 7 -10.32 -2.32 -9.76
C ILE D 7 -9.65 -0.93 -9.72
N GLU D 8 -10.31 0.07 -9.13
CA GLU D 8 -9.73 1.40 -8.97
C GLU D 8 -8.44 1.38 -8.14
N ALA D 9 -8.47 0.73 -6.97
CA ALA D 9 -7.30 0.56 -6.12
C ALA D 9 -6.18 -0.20 -6.84
N ARG D 10 -6.50 -1.26 -7.59
CA ARG D 10 -5.52 -2.00 -8.41
C ARG D 10 -4.87 -1.10 -9.47
N LYS D 11 -5.68 -0.39 -10.27
CA LYS D 11 -5.16 0.57 -11.25
C LYS D 11 -4.29 1.64 -10.58
N TYR D 12 -4.77 2.24 -9.49
CA TYR D 12 -4.00 3.22 -8.73
C TYR D 12 -2.69 2.65 -8.18
N LEU D 13 -2.73 1.45 -7.57
CA LEU D 13 -1.55 0.71 -7.12
C LEU D 13 -0.55 0.55 -8.26
N GLU D 14 -1.00 0.06 -9.42
CA GLU D 14 -0.16 -0.07 -10.61
C GLU D 14 0.46 1.28 -11.00
N GLN D 15 -0.38 2.28 -11.30
CA GLN D 15 0.04 3.64 -11.64
C GLN D 15 1.10 4.17 -10.67
N LEU D 16 0.78 4.21 -9.38
CA LEU D 16 1.67 4.75 -8.37
C LEU D 16 2.96 3.93 -8.26
N HIS D 17 2.89 2.60 -8.24
CA HIS D 17 4.08 1.76 -8.21
C HIS D 17 4.99 2.03 -9.43
N ARG D 18 4.42 2.14 -10.63
CA ARG D 18 5.17 2.50 -11.84
C ARG D 18 5.78 3.91 -11.71
N LYS D 19 5.01 4.91 -11.29
CA LYS D 19 5.50 6.26 -11.05
C LYS D 19 6.68 6.27 -10.06
N LEU D 20 6.55 5.58 -8.93
CA LEU D 20 7.61 5.44 -7.96
C LEU D 20 8.83 4.72 -8.55
N LYS D 21 8.63 3.62 -9.28
CA LYS D 21 9.71 2.96 -10.01
C LYS D 21 10.42 3.94 -10.95
N ASN D 22 9.67 4.76 -11.69
CA ASN D 22 10.23 5.82 -12.53
C ASN D 22 11.01 6.86 -11.70
N CYS D 23 10.49 7.27 -10.53
CA CYS D 23 11.21 8.22 -9.67
C CYS D 23 12.48 7.63 -9.05
N LYS D 24 12.54 6.30 -8.85
CA LYS D 24 13.81 5.61 -8.59
C LYS D 24 14.71 5.59 -9.84
N VAL D 25 15.23 6.76 -10.22
CA VAL D 25 16.19 6.91 -11.31
C VAL D 25 17.52 6.21 -11.02
N GLU A 1 -8.42 -18.76 -2.34
CA GLU A 1 -8.75 -17.32 -2.22
C GLU A 1 -8.01 -16.46 -3.25
N ASN A 2 -8.43 -15.18 -3.39
CA ASN A 2 -7.81 -14.23 -4.30
C ASN A 2 -7.22 -13.01 -3.56
N ARG A 3 -6.05 -12.56 -4.01
CA ARG A 3 -5.43 -11.32 -3.57
C ARG A 3 -6.25 -10.09 -3.96
N GLU A 4 -6.26 -9.06 -3.11
CA GLU A 4 -6.96 -7.80 -3.38
C GLU A 4 -6.42 -6.63 -2.54
N VAL A 5 -6.50 -5.41 -3.07
CA VAL A 5 -6.04 -4.20 -2.40
C VAL A 5 -7.10 -3.74 -1.37
N PRO A 6 -6.84 -3.83 -0.06
CA PRO A 6 -7.84 -3.60 0.97
C PRO A 6 -8.06 -2.11 1.23
N PRO A 7 -9.17 -1.72 1.89
CA PRO A 7 -9.40 -0.34 2.34
C PRO A 7 -8.21 0.24 3.10
N GLY A 8 -7.56 -0.59 3.93
CA GLY A 8 -6.32 -0.27 4.63
C GLY A 8 -5.26 0.37 3.74
N PHE A 9 -5.12 -0.06 2.48
CA PHE A 9 -4.18 0.56 1.54
C PHE A 9 -4.60 2.00 1.21
N THR A 10 -5.85 2.19 0.77
CA THR A 10 -6.40 3.52 0.52
C THR A 10 -6.22 4.43 1.74
N ALA A 11 -6.58 3.93 2.92
CA ALA A 11 -6.38 4.61 4.19
C ALA A 11 -4.90 4.95 4.44
N LEU A 12 -3.98 4.00 4.21
CA LEU A 12 -2.54 4.26 4.24
C LEU A 12 -2.18 5.42 3.31
N ILE A 13 -2.55 5.36 2.03
CA ILE A 13 -2.25 6.43 1.07
C ILE A 13 -2.77 7.80 1.57
N LYS A 14 -4.04 7.88 1.97
CA LYS A 14 -4.60 9.12 2.52
C LYS A 14 -3.81 9.61 3.76
N THR A 15 -3.54 8.73 4.72
CA THR A 15 -2.79 9.08 5.92
C THR A 15 -1.30 9.39 5.63
N LEU A 16 -0.72 8.81 4.59
CA LEU A 16 0.61 9.17 4.08
C LEU A 16 0.58 10.61 3.56
N ARG A 17 -0.33 10.90 2.62
CA ARG A 17 -0.59 12.25 2.11
C ARG A 17 -0.78 13.25 3.25
N LYS A 18 -1.58 12.90 4.27
CA LYS A 18 -1.75 13.70 5.47
C LYS A 18 -0.43 13.92 6.23
N CYS A 19 0.22 12.84 6.68
CA CYS A 19 1.46 12.90 7.45
C CYS A 19 2.56 13.70 6.74
N LYS A 20 2.70 13.48 5.43
CA LYS A 20 3.63 14.18 4.55
C LYS A 20 3.14 15.60 4.17
N ILE A 21 2.01 16.06 4.70
CA ILE A 21 1.35 17.34 4.36
C ILE A 21 0.71 17.29 2.97
N ILE A 22 1.49 16.94 1.94
CA ILE A 22 1.01 16.71 0.58
C ILE A 22 1.45 15.33 0.05
N ASN B 1 3.12 -15.04 0.08
CA ASN B 1 2.22 -16.22 0.14
C ASN B 1 0.94 -15.96 0.97
N LEU B 2 -0.03 -16.86 0.80
CA LEU B 2 -1.38 -16.75 1.38
C LEU B 2 -1.42 -16.83 2.91
N VAL B 3 -0.33 -17.18 3.60
CA VAL B 3 -0.30 -17.29 5.06
C VAL B 3 0.73 -16.36 5.71
N SER B 4 2.02 -16.69 5.67
CA SER B 4 3.04 -15.90 6.36
C SER B 4 3.22 -14.54 5.69
N GLY B 5 3.34 -14.54 4.36
CA GLY B 5 3.34 -13.32 3.55
C GLY B 5 2.12 -12.45 3.85
N LEU B 6 0.91 -13.02 3.72
CA LEU B 6 -0.34 -12.36 4.07
C LEU B 6 -0.28 -11.68 5.45
N ILE B 7 -0.09 -12.44 6.54
CA ILE B 7 -0.11 -11.83 7.87
C ILE B 7 1.01 -10.81 8.06
N GLU B 8 2.23 -11.09 7.59
CA GLU B 8 3.35 -10.14 7.65
C GLU B 8 2.99 -8.82 6.95
N ALA B 9 2.60 -8.90 5.67
CA ALA B 9 2.18 -7.75 4.87
C ALA B 9 1.04 -6.98 5.53
N ARG B 10 0.00 -7.68 6.01
CA ARG B 10 -1.14 -7.06 6.68
C ARG B 10 -0.75 -6.36 7.98
N LYS B 11 0.03 -7.03 8.84
CA LYS B 11 0.57 -6.43 10.07
C LYS B 11 1.42 -5.20 9.76
N TYR B 12 2.33 -5.28 8.78
CA TYR B 12 3.14 -4.14 8.35
C TYR B 12 2.25 -2.98 7.86
N LEU B 13 1.34 -3.26 6.91
CA LEU B 13 0.33 -2.33 6.42
C LEU B 13 -0.38 -1.62 7.58
N GLU B 14 -1.01 -2.39 8.47
CA GLU B 14 -1.71 -1.85 9.62
C GLU B 14 -0.80 -0.98 10.50
N GLN B 15 0.34 -1.49 10.97
CA GLN B 15 1.26 -0.70 11.80
C GLN B 15 1.69 0.60 11.12
N LEU B 16 2.12 0.54 9.86
CA LEU B 16 2.53 1.72 9.11
C LEU B 16 1.38 2.72 8.97
N HIS B 17 0.21 2.26 8.49
CA HIS B 17 -1.00 3.07 8.42
C HIS B 17 -1.32 3.73 9.78
N ARG B 18 -1.30 2.96 10.87
CA ARG B 18 -1.57 3.47 12.21
C ARG B 18 -0.59 4.58 12.61
N LYS B 19 0.72 4.40 12.37
CA LYS B 19 1.68 5.50 12.58
C LYS B 19 1.35 6.74 11.73
N LEU B 20 1.15 6.56 10.42
CA LEU B 20 0.72 7.63 9.52
C LEU B 20 -0.58 8.32 9.97
N LYS B 21 -1.53 7.55 10.51
CA LYS B 21 -2.80 8.05 11.05
C LYS B 21 -2.59 8.83 12.36
N ASN B 22 -1.73 8.32 13.25
CA ASN B 22 -1.30 9.03 14.45
C ASN B 22 -0.57 10.35 14.12
N CYS B 23 0.22 10.36 13.05
CA CYS B 23 0.81 11.56 12.45
C CYS B 23 -0.27 12.47 11.81
N LYS B 24 -1.20 12.96 12.63
CA LYS B 24 -2.43 13.59 12.18
C LYS B 24 -2.24 15.08 11.81
N VAL B 25 -1.25 15.36 10.94
CA VAL B 25 -0.89 16.72 10.53
C VAL B 25 -1.47 17.09 9.15
N GLU C 1 -12.89 -10.40 6.21
CA GLU C 1 -12.30 -9.13 5.73
C GLU C 1 -11.50 -9.31 4.42
N ASN C 2 -11.02 -8.21 3.84
CA ASN C 2 -10.20 -8.24 2.63
C ASN C 2 -8.76 -8.71 2.95
N ARG C 3 -8.63 -9.96 3.40
CA ARG C 3 -7.43 -10.54 3.98
C ARG C 3 -6.16 -10.47 3.12
N GLU C 4 -6.23 -10.95 1.88
CA GLU C 4 -5.04 -11.22 1.07
C GLU C 4 -4.47 -9.96 0.40
N VAL C 5 -3.69 -9.21 1.17
CA VAL C 5 -2.84 -8.12 0.69
C VAL C 5 -1.87 -8.63 -0.40
N PRO C 6 -1.84 -8.05 -1.61
CA PRO C 6 -0.99 -8.53 -2.69
C PRO C 6 0.48 -8.14 -2.44
N PRO C 7 1.46 -8.99 -2.83
CA PRO C 7 2.87 -8.62 -2.93
C PRO C 7 3.10 -7.28 -3.64
N GLY C 8 2.24 -6.94 -4.60
CA GLY C 8 2.19 -5.62 -5.23
C GLY C 8 2.27 -4.45 -4.22
N PHE C 9 1.61 -4.57 -3.06
CA PHE C 9 1.74 -3.58 -1.99
C PHE C 9 3.17 -3.51 -1.45
N THR C 10 3.77 -4.67 -1.15
CA THR C 10 5.17 -4.75 -0.73
C THR C 10 6.10 -4.10 -1.75
N ALA C 11 5.92 -4.43 -3.03
CA ALA C 11 6.66 -3.82 -4.14
C ALA C 11 6.44 -2.31 -4.21
N LEU C 12 5.18 -1.85 -4.12
CA LEU C 12 4.84 -0.43 -4.02
C LEU C 12 5.61 0.23 -2.88
N ILE C 13 5.40 -0.19 -1.63
CA ILE C 13 6.02 0.47 -0.49
C ILE C 13 7.55 0.41 -0.53
N LYS C 14 8.14 -0.71 -0.98
CA LYS C 14 9.57 -0.79 -1.23
C LYS C 14 10.03 0.27 -2.23
N THR C 15 9.40 0.33 -3.41
CA THR C 15 9.72 1.37 -4.41
C THR C 15 9.45 2.79 -3.89
N LEU C 16 8.41 3.00 -3.07
CA LEU C 16 8.17 4.27 -2.39
C LEU C 16 9.36 4.64 -1.50
N ARG C 17 9.74 3.74 -0.58
CA ARG C 17 10.92 3.91 0.25
C ARG C 17 12.16 4.26 -0.57
N LYS C 18 12.46 3.48 -1.62
CA LYS C 18 13.62 3.73 -2.46
C LYS C 18 13.54 5.07 -3.22
N CYS C 19 12.39 5.41 -3.80
CA CYS C 19 12.15 6.73 -4.39
C CYS C 19 12.42 7.85 -3.36
N LYS C 20 11.95 7.66 -2.13
CA LYS C 20 12.21 8.54 -0.98
C LYS C 20 13.57 8.25 -0.30
N ILE C 21 14.46 7.45 -0.91
CA ILE C 21 15.69 6.93 -0.34
C ILE C 21 15.44 5.94 0.83
N ILE C 22 14.81 6.42 1.90
CA ILE C 22 14.46 5.66 3.10
C ILE C 22 12.95 5.32 3.15
N ASN D 1 -10.57 -4.75 -2.43
CA ASN D 1 -11.58 -4.24 -1.48
C ASN D 1 -13.01 -4.64 -1.87
N LEU D 2 -13.57 -4.05 -2.93
CA LEU D 2 -14.87 -4.43 -3.50
C LEU D 2 -14.91 -4.06 -4.98
N VAL D 3 -15.19 -5.04 -5.86
CA VAL D 3 -15.27 -4.97 -7.33
C VAL D 3 -14.72 -3.69 -7.99
N SER D 4 -15.52 -2.62 -8.08
CA SER D 4 -15.14 -1.34 -8.67
C SER D 4 -13.92 -0.73 -7.98
N GLY D 5 -14.07 -0.47 -6.68
CA GLY D 5 -12.98 -0.06 -5.78
C GLY D 5 -11.78 -1.01 -5.83
N LEU D 6 -12.01 -2.32 -5.99
CA LEU D 6 -10.95 -3.31 -6.15
C LEU D 6 -10.13 -3.02 -7.41
N ILE D 7 -10.75 -3.07 -8.60
CA ILE D 7 -10.03 -2.81 -9.85
C ILE D 7 -9.41 -1.40 -9.87
N GLU D 8 -10.14 -0.39 -9.39
CA GLU D 8 -9.62 0.97 -9.24
C GLU D 8 -8.35 0.98 -8.38
N ALA D 9 -8.44 0.49 -7.14
CA ALA D 9 -7.30 0.45 -6.22
C ALA D 9 -6.13 -0.35 -6.79
N ARG D 10 -6.40 -1.49 -7.44
CA ARG D 10 -5.39 -2.28 -8.14
C ARG D 10 -4.69 -1.49 -9.26
N LYS D 11 -5.46 -0.85 -10.16
CA LYS D 11 -4.89 0.00 -11.21
C LYS D 11 -4.05 1.14 -10.63
N TYR D 12 -4.61 1.87 -9.66
CA TYR D 12 -3.91 2.94 -8.94
C TYR D 12 -2.61 2.44 -8.32
N LEU D 13 -2.67 1.36 -7.54
CA LEU D 13 -1.51 0.69 -6.95
C LEU D 13 -0.46 0.35 -8.02
N GLU D 14 -0.88 -0.33 -9.09
CA GLU D 14 0.00 -0.69 -10.21
C GLU D 14 0.70 0.54 -10.79
N GLN D 15 -0.05 1.56 -11.21
CA GLN D 15 0.52 2.78 -11.77
C GLN D 15 1.44 3.50 -10.77
N LEU D 16 1.00 3.67 -9.52
CA LEU D 16 1.79 4.33 -8.49
C LEU D 16 3.11 3.57 -8.25
N HIS D 17 3.04 2.26 -8.02
CA HIS D 17 4.22 1.40 -7.95
C HIS D 17 5.13 1.58 -9.17
N ARG D 18 4.59 1.49 -10.39
CA ARG D 18 5.36 1.70 -11.62
C ARG D 18 6.08 3.06 -11.62
N LYS D 19 5.35 4.13 -11.30
CA LYS D 19 5.90 5.48 -11.21
C LYS D 19 7.03 5.56 -10.17
N LEU D 20 6.82 5.02 -8.97
CA LEU D 20 7.84 4.97 -7.92
C LEU D 20 9.04 4.10 -8.32
N LYS D 21 8.82 3.03 -9.08
CA LYS D 21 9.90 2.26 -9.68
C LYS D 21 10.68 3.12 -10.69
N ASN D 22 9.99 3.83 -11.59
CA ASN D 22 10.62 4.80 -12.51
C ASN D 22 11.45 5.85 -11.77
N CYS D 23 10.91 6.41 -10.68
CA CYS D 23 11.61 7.34 -9.78
C CYS D 23 12.96 6.77 -9.31
N LYS D 24 13.03 5.46 -9.03
CA LYS D 24 14.27 4.79 -8.65
C LYS D 24 15.21 4.63 -9.87
N VAL D 25 15.72 5.76 -10.38
CA VAL D 25 16.68 5.80 -11.47
C VAL D 25 18.03 5.15 -11.11
N GLU A 1 -4.77 -7.48 -12.82
CA GLU A 1 -5.63 -7.46 -11.61
C GLU A 1 -5.19 -8.52 -10.59
N ASN A 2 -4.28 -8.14 -9.68
CA ASN A 2 -3.72 -9.01 -8.65
C ASN A 2 -4.73 -9.30 -7.52
N ARG A 3 -5.87 -9.90 -7.87
CA ARG A 3 -6.95 -10.33 -6.97
C ARG A 3 -7.66 -9.19 -6.23
N GLU A 4 -6.95 -8.51 -5.32
CA GLU A 4 -7.54 -7.67 -4.27
C GLU A 4 -6.67 -6.44 -3.95
N VAL A 5 -7.31 -5.44 -3.31
CA VAL A 5 -6.69 -4.28 -2.69
C VAL A 5 -7.56 -3.90 -1.48
N PRO A 6 -7.03 -3.87 -0.24
CA PRO A 6 -7.82 -3.61 0.96
C PRO A 6 -8.11 -2.11 1.11
N PRO A 7 -9.24 -1.72 1.74
CA PRO A 7 -9.52 -0.31 2.05
C PRO A 7 -8.42 0.29 2.93
N GLY A 8 -7.82 -0.56 3.78
CA GLY A 8 -6.58 -0.26 4.50
C GLY A 8 -5.50 0.38 3.62
N PHE A 9 -5.36 -0.04 2.35
CA PHE A 9 -4.40 0.59 1.44
C PHE A 9 -4.79 2.05 1.17
N THR A 10 -6.05 2.30 0.80
CA THR A 10 -6.55 3.66 0.60
C THR A 10 -6.34 4.52 1.87
N ALA A 11 -6.72 4.00 3.03
CA ALA A 11 -6.52 4.66 4.31
C ALA A 11 -5.03 4.95 4.59
N LEU A 12 -4.16 3.96 4.36
CA LEU A 12 -2.71 4.14 4.40
C LEU A 12 -2.27 5.28 3.48
N ILE A 13 -2.63 5.25 2.19
CA ILE A 13 -2.29 6.31 1.24
C ILE A 13 -2.72 7.69 1.75
N LYS A 14 -3.97 7.85 2.18
CA LYS A 14 -4.46 9.11 2.72
C LYS A 14 -3.65 9.57 3.95
N THR A 15 -3.42 8.67 4.91
CA THR A 15 -2.61 8.99 6.10
C THR A 15 -1.12 9.20 5.78
N LEU A 16 -0.58 8.53 4.77
CA LEU A 16 0.77 8.74 4.25
C LEU A 16 0.88 10.15 3.68
N ARG A 17 0.00 10.50 2.75
CA ARG A 17 -0.15 11.86 2.24
C ARG A 17 -0.19 12.87 3.40
N LYS A 18 -1.10 12.68 4.37
CA LYS A 18 -1.22 13.59 5.51
C LYS A 18 0.08 13.71 6.32
N CYS A 19 0.64 12.58 6.77
CA CYS A 19 1.88 12.55 7.57
C CYS A 19 3.09 13.14 6.82
N LYS A 20 3.34 12.65 5.61
CA LYS A 20 4.56 12.90 4.84
C LYS A 20 4.48 14.20 4.02
N ILE A 21 3.27 14.58 3.57
CA ILE A 21 3.00 15.79 2.79
C ILE A 21 3.54 15.69 1.35
N ILE A 22 4.87 15.61 1.18
CA ILE A 22 5.51 15.49 -0.13
C ILE A 22 5.72 14.03 -0.55
N ASN B 1 6.35 -17.99 0.82
CA ASN B 1 5.01 -18.60 0.91
C ASN B 1 3.89 -17.52 0.95
N LEU B 2 2.78 -17.77 0.25
CA LEU B 2 1.66 -16.83 0.16
C LEU B 2 1.18 -16.33 1.53
N VAL B 3 0.98 -17.23 2.50
CA VAL B 3 0.50 -16.90 3.83
C VAL B 3 1.58 -16.17 4.65
N SER B 4 2.83 -16.65 4.58
CA SER B 4 3.95 -15.94 5.20
C SER B 4 4.06 -14.49 4.69
N GLY B 5 3.82 -14.29 3.39
CA GLY B 5 3.64 -12.97 2.81
C GLY B 5 2.41 -12.25 3.39
N LEU B 6 1.24 -12.90 3.40
CA LEU B 6 -0.02 -12.35 3.90
C LEU B 6 0.16 -11.68 5.27
N ILE B 7 0.48 -12.45 6.31
CA ILE B 7 0.49 -11.88 7.67
C ILE B 7 1.55 -10.79 7.82
N GLU B 8 2.74 -10.97 7.23
CA GLU B 8 3.78 -9.94 7.22
C GLU B 8 3.29 -8.65 6.55
N ALA B 9 2.80 -8.75 5.31
CA ALA B 9 2.23 -7.63 4.57
C ALA B 9 1.09 -6.95 5.34
N ARG B 10 0.22 -7.73 6.00
CA ARG B 10 -0.86 -7.21 6.82
C ARG B 10 -0.34 -6.45 8.06
N LYS B 11 0.59 -7.03 8.82
CA LYS B 11 1.25 -6.35 9.94
C LYS B 11 1.91 -5.05 9.48
N TYR B 12 2.72 -5.12 8.43
CA TYR B 12 3.35 -3.97 7.77
C TYR B 12 2.31 -2.88 7.43
N LEU B 13 1.28 -3.22 6.64
CA LEU B 13 0.14 -2.37 6.33
C LEU B 13 -0.45 -1.69 7.57
N GLU B 14 -0.90 -2.51 8.53
CA GLU B 14 -1.56 -2.05 9.74
C GLU B 14 -0.66 -1.11 10.56
N GLN B 15 0.58 -1.53 10.85
CA GLN B 15 1.53 -0.75 11.60
C GLN B 15 1.89 0.57 10.91
N LEU B 16 2.18 0.53 9.61
CA LEU B 16 2.40 1.75 8.83
C LEU B 16 1.20 2.69 8.92
N HIS B 17 0.01 2.21 8.54
CA HIS B 17 -1.21 3.02 8.62
C HIS B 17 -1.43 3.61 10.02
N ARG B 18 -1.28 2.80 11.08
CA ARG B 18 -1.31 3.29 12.46
C ARG B 18 -0.31 4.43 12.69
N LYS B 19 0.97 4.24 12.39
CA LYS B 19 1.99 5.28 12.58
C LYS B 19 1.61 6.55 11.81
N LEU B 20 1.39 6.42 10.50
CA LEU B 20 0.96 7.48 9.61
C LEU B 20 -0.26 8.25 10.16
N LYS B 21 -1.29 7.53 10.62
CA LYS B 21 -2.43 8.13 11.29
C LYS B 21 -2.01 8.89 12.55
N ASN B 22 -1.22 8.25 13.43
CA ASN B 22 -0.73 8.85 14.67
C ASN B 22 0.11 10.11 14.44
N CYS B 23 0.75 10.30 13.27
CA CYS B 23 1.34 11.59 12.92
C CYS B 23 0.35 12.76 13.10
N LYS B 24 -0.93 12.52 12.76
CA LYS B 24 -2.05 13.47 12.76
C LYS B 24 -1.89 14.71 11.87
N VAL B 25 -0.84 15.51 12.06
CA VAL B 25 -0.53 16.65 11.20
C VAL B 25 -0.19 16.21 9.76
N GLU C 1 -10.64 -12.37 5.43
CA GLU C 1 -9.81 -11.69 4.42
C GLU C 1 -9.23 -12.70 3.41
N ASN C 2 -9.64 -12.64 2.14
CA ASN C 2 -9.22 -13.56 1.08
C ASN C 2 -7.80 -13.26 0.58
N ARG C 3 -6.81 -13.33 1.49
CA ARG C 3 -5.45 -12.81 1.34
C ARG C 3 -5.48 -11.28 1.34
N GLU C 4 -6.22 -10.70 0.39
CA GLU C 4 -6.65 -9.31 0.34
C GLU C 4 -5.53 -8.30 0.06
N VAL C 5 -4.49 -8.26 0.91
CA VAL C 5 -3.31 -7.43 0.69
C VAL C 5 -2.43 -8.04 -0.42
N PRO C 6 -2.16 -7.34 -1.55
CA PRO C 6 -1.32 -7.87 -2.61
C PRO C 6 0.18 -7.57 -2.32
N PRO C 7 1.12 -8.43 -2.75
CA PRO C 7 2.55 -8.16 -2.60
C PRO C 7 2.95 -6.87 -3.32
N GLY C 8 2.25 -6.55 -4.42
CA GLY C 8 2.34 -5.26 -5.11
C GLY C 8 2.26 -4.06 -4.16
N PHE C 9 1.40 -4.11 -3.12
CA PHE C 9 1.35 -3.06 -2.10
C PHE C 9 2.67 -2.97 -1.32
N THR C 10 3.14 -4.11 -0.80
CA THR C 10 4.40 -4.19 -0.06
C THR C 10 5.55 -3.57 -0.88
N ALA C 11 5.66 -3.99 -2.14
CA ALA C 11 6.62 -3.46 -3.11
C ALA C 11 6.41 -1.97 -3.42
N LEU C 12 5.17 -1.53 -3.62
CA LEU C 12 4.82 -0.12 -3.74
C LEU C 12 5.43 0.67 -2.57
N ILE C 13 5.18 0.25 -1.32
CA ILE C 13 5.78 0.93 -0.17
C ILE C 13 7.31 0.95 -0.19
N LYS C 14 7.98 -0.18 -0.47
CA LYS C 14 9.44 -0.19 -0.60
C LYS C 14 9.93 0.82 -1.65
N THR C 15 9.37 0.75 -2.86
CA THR C 15 9.74 1.64 -3.96
C THR C 15 9.39 3.11 -3.69
N LEU C 16 8.26 3.38 -3.02
CA LEU C 16 7.88 4.70 -2.52
C LEU C 16 8.94 5.22 -1.53
N ARG C 17 9.25 4.43 -0.50
CA ARG C 17 10.27 4.73 0.50
C ARG C 17 11.61 5.11 -0.18
N LYS C 18 12.06 4.31 -1.14
CA LYS C 18 13.20 4.70 -1.98
C LYS C 18 12.97 6.04 -2.69
N CYS C 19 11.96 6.11 -3.56
CA CYS C 19 11.68 7.27 -4.42
C CYS C 19 11.60 8.60 -3.65
N LYS C 20 10.92 8.61 -2.49
CA LYS C 20 10.79 9.79 -1.64
C LYS C 20 11.88 9.90 -0.57
N ILE C 21 12.86 9.00 -0.55
CA ILE C 21 13.89 8.89 0.50
C ILE C 21 13.31 8.44 1.85
N ILE C 22 12.40 9.24 2.43
CA ILE C 22 11.69 8.96 3.66
C ILE C 22 10.36 8.22 3.40
N ASN D 1 -10.05 -1.37 -2.89
CA ASN D 1 -10.73 -1.10 -1.60
C ASN D 1 -11.79 -2.15 -1.23
N LEU D 2 -11.49 -3.43 -1.50
CA LEU D 2 -12.32 -4.63 -1.30
C LEU D 2 -13.64 -4.60 -2.10
N VAL D 3 -14.53 -3.67 -1.75
CA VAL D 3 -15.79 -3.43 -2.46
C VAL D 3 -15.62 -2.31 -3.50
N SER D 4 -16.68 -2.01 -4.26
CA SER D 4 -16.74 -0.89 -5.20
C SER D 4 -15.63 -0.92 -6.27
N GLY D 5 -14.81 0.13 -6.36
CA GLY D 5 -13.81 0.31 -7.41
C GLY D 5 -12.55 -0.53 -7.20
N LEU D 6 -12.71 -1.84 -6.97
CA LEU D 6 -11.61 -2.75 -6.67
C LEU D 6 -10.55 -2.75 -7.77
N ILE D 7 -10.96 -3.02 -9.00
CA ILE D 7 -10.08 -2.99 -10.16
C ILE D 7 -9.44 -1.62 -10.38
N GLU D 8 -10.18 -0.53 -10.12
CA GLU D 8 -9.65 0.83 -10.21
C GLU D 8 -8.54 1.06 -9.18
N ALA D 9 -8.78 0.68 -7.92
CA ALA D 9 -7.77 0.68 -6.87
C ALA D 9 -6.54 -0.14 -7.27
N ARG D 10 -6.75 -1.33 -7.86
CA ARG D 10 -5.66 -2.15 -8.39
C ARG D 10 -4.88 -1.43 -9.51
N LYS D 11 -5.54 -0.87 -10.51
CA LYS D 11 -4.88 -0.06 -11.55
C LYS D 11 -4.11 1.12 -10.97
N TYR D 12 -4.70 1.87 -10.03
CA TYR D 12 -4.04 2.95 -9.31
C TYR D 12 -2.77 2.46 -8.61
N LEU D 13 -2.90 1.45 -7.74
CA LEU D 13 -1.79 0.76 -7.07
C LEU D 13 -0.70 0.35 -8.07
N GLU D 14 -1.08 -0.37 -9.12
CA GLU D 14 -0.18 -0.81 -10.19
C GLU D 14 0.61 0.36 -10.78
N GLN D 15 -0.08 1.36 -11.34
CA GLN D 15 0.57 2.50 -11.98
C GLN D 15 1.49 3.25 -11.02
N LEU D 16 1.04 3.52 -9.79
CA LEU D 16 1.92 4.03 -8.74
C LEU D 16 3.17 3.16 -8.57
N HIS D 17 2.98 1.87 -8.28
CA HIS D 17 4.07 0.90 -8.12
C HIS D 17 5.05 0.93 -9.30
N ARG D 18 4.56 0.91 -10.55
CA ARG D 18 5.40 1.04 -11.74
C ARG D 18 6.22 2.34 -11.73
N LYS D 19 5.58 3.50 -11.56
CA LYS D 19 6.29 4.78 -11.52
C LYS D 19 7.34 4.82 -10.39
N LEU D 20 6.94 4.49 -9.17
CA LEU D 20 7.81 4.41 -8.00
C LEU D 20 8.97 3.44 -8.21
N LYS D 21 8.71 2.26 -8.80
CA LYS D 21 9.73 1.28 -9.15
C LYS D 21 10.69 1.80 -10.23
N ASN D 22 10.18 2.56 -11.22
CA ASN D 22 11.03 3.24 -12.19
C ASN D 22 11.90 4.31 -11.52
N CYS D 23 11.33 5.07 -10.58
CA CYS D 23 12.03 6.11 -9.81
C CYS D 23 13.13 5.53 -8.92
N LYS D 24 12.74 4.74 -7.91
CA LYS D 24 13.57 3.97 -6.97
C LYS D 24 14.84 4.65 -6.42
N VAL D 25 14.88 5.99 -6.35
CA VAL D 25 16.08 6.74 -5.99
C VAL D 25 15.83 7.76 -4.87
N GLU A 1 -3.26 -15.67 -6.03
CA GLU A 1 -4.66 -16.09 -5.78
C GLU A 1 -5.23 -15.46 -4.49
N ASN A 2 -6.54 -15.16 -4.49
CA ASN A 2 -7.27 -14.62 -3.34
C ASN A 2 -6.56 -13.39 -2.74
N ARG A 3 -6.38 -12.36 -3.57
CA ARG A 3 -5.55 -11.18 -3.33
C ARG A 3 -6.21 -9.91 -3.88
N GLU A 4 -7.22 -9.41 -3.17
CA GLU A 4 -8.00 -8.25 -3.60
C GLU A 4 -7.31 -6.95 -3.12
N VAL A 5 -7.99 -6.11 -2.33
CA VAL A 5 -7.40 -4.89 -1.78
C VAL A 5 -8.04 -4.57 -0.41
N PRO A 6 -7.24 -4.33 0.65
CA PRO A 6 -7.76 -3.96 1.96
C PRO A 6 -7.99 -2.43 2.03
N PRO A 7 -9.05 -1.95 2.70
CA PRO A 7 -9.27 -0.52 2.89
C PRO A 7 -8.12 0.13 3.67
N GLY A 8 -7.44 -0.66 4.51
CA GLY A 8 -6.16 -0.31 5.12
C GLY A 8 -5.15 0.27 4.13
N PHE A 9 -5.11 -0.20 2.87
CA PHE A 9 -4.26 0.39 1.84
C PHE A 9 -4.64 1.86 1.60
N THR A 10 -5.91 2.13 1.30
CA THR A 10 -6.42 3.49 1.11
C THR A 10 -6.13 4.37 2.33
N ALA A 11 -6.39 3.85 3.53
CA ALA A 11 -6.05 4.52 4.78
C ALA A 11 -4.55 4.85 4.87
N LEU A 12 -3.69 3.87 4.59
CA LEU A 12 -2.24 4.06 4.49
C LEU A 12 -1.91 5.17 3.49
N ILE A 13 -2.42 5.12 2.27
CA ILE A 13 -2.16 6.18 1.28
C ILE A 13 -2.54 7.57 1.80
N LYS A 14 -3.75 7.75 2.34
CA LYS A 14 -4.16 9.04 2.89
C LYS A 14 -3.24 9.51 4.03
N THR A 15 -3.06 8.66 5.05
CA THR A 15 -2.21 8.99 6.20
C THR A 15 -0.75 9.25 5.79
N LEU A 16 -0.20 8.42 4.90
CA LEU A 16 1.10 8.64 4.26
C LEU A 16 1.17 10.03 3.62
N ARG A 17 0.20 10.36 2.75
CA ARG A 17 0.17 11.67 2.13
C ARG A 17 0.13 12.80 3.17
N LYS A 18 -0.72 12.68 4.18
CA LYS A 18 -0.77 13.66 5.28
C LYS A 18 0.60 13.80 5.99
N CYS A 19 1.24 12.69 6.34
CA CYS A 19 2.55 12.67 6.97
C CYS A 19 3.65 13.30 6.10
N LYS A 20 3.74 12.85 4.84
CA LYS A 20 4.83 13.20 3.92
C LYS A 20 4.63 14.55 3.21
N ILE A 21 3.38 14.95 2.95
CA ILE A 21 2.99 16.12 2.16
C ILE A 21 3.31 15.95 0.67
N ILE A 22 4.57 15.65 0.34
CA ILE A 22 5.03 15.31 -1.00
C ILE A 22 4.63 13.87 -1.38
N ASN B 1 -4.63 -15.67 -0.61
CA ASN B 1 -4.92 -16.78 0.33
C ASN B 1 -5.25 -16.27 1.75
N LEU B 2 -5.78 -17.16 2.58
CA LEU B 2 -6.06 -16.87 3.99
C LEU B 2 -4.81 -17.07 4.86
N VAL B 3 -4.76 -16.37 5.99
CA VAL B 3 -3.79 -16.54 7.10
C VAL B 3 -2.32 -16.33 6.72
N SER B 4 -1.74 -17.31 6.01
CA SER B 4 -0.32 -17.36 5.68
C SER B 4 0.10 -16.13 4.86
N GLY B 5 1.09 -15.37 5.31
CA GLY B 5 1.42 -14.08 4.68
C GLY B 5 0.42 -12.99 5.07
N LEU B 6 -0.90 -13.27 4.98
CA LEU B 6 -1.97 -12.37 5.41
C LEU B 6 -1.68 -11.74 6.77
N ILE B 7 -1.50 -12.54 7.83
CA ILE B 7 -1.31 -11.97 9.16
C ILE B 7 -0.08 -11.03 9.24
N GLU B 8 1.05 -11.44 8.66
CA GLU B 8 2.26 -10.63 8.59
C GLU B 8 1.99 -9.31 7.84
N ALA B 9 1.44 -9.41 6.63
CA ALA B 9 1.09 -8.26 5.79
C ALA B 9 0.12 -7.31 6.49
N ARG B 10 -0.92 -7.86 7.14
CA ARG B 10 -1.88 -7.11 7.93
C ARG B 10 -1.21 -6.35 9.08
N LYS B 11 -0.40 -7.04 9.89
CA LYS B 11 0.38 -6.43 10.97
C LYS B 11 1.26 -5.29 10.44
N TYR B 12 2.06 -5.57 9.40
CA TYR B 12 2.91 -4.57 8.75
C TYR B 12 2.09 -3.35 8.25
N LEU B 13 1.09 -3.60 7.41
CA LEU B 13 0.16 -2.60 6.90
C LEU B 13 -0.40 -1.73 8.03
N GLU B 14 -0.99 -2.36 9.05
CA GLU B 14 -1.56 -1.67 10.21
C GLU B 14 -0.50 -0.86 10.97
N GLN B 15 0.70 -1.42 11.19
CA GLN B 15 1.81 -0.72 11.82
C GLN B 15 2.17 0.56 11.04
N LEU B 16 2.46 0.43 9.74
CA LEU B 16 2.77 1.57 8.88
C LEU B 16 1.64 2.60 8.92
N HIS B 17 0.41 2.17 8.62
CA HIS B 17 -0.80 3.00 8.72
C HIS B 17 -0.84 3.76 10.06
N ARG B 18 -0.76 3.05 11.18
CA ARG B 18 -0.77 3.64 12.52
C ARG B 18 0.33 4.69 12.69
N LYS B 19 1.58 4.35 12.40
CA LYS B 19 2.70 5.29 12.48
C LYS B 19 2.43 6.56 11.65
N LEU B 20 2.06 6.37 10.39
CA LEU B 20 1.75 7.47 9.46
C LEU B 20 0.52 8.28 9.93
N LYS B 21 -0.47 7.65 10.55
CA LYS B 21 -1.61 8.31 11.18
C LYS B 21 -1.18 9.15 12.40
N ASN B 22 -0.30 8.59 13.24
CA ASN B 22 0.30 9.32 14.36
C ASN B 22 1.14 10.52 13.87
N CYS B 23 1.84 10.37 12.74
CA CYS B 23 2.49 11.46 12.00
C CYS B 23 1.45 12.43 11.38
N LYS B 24 0.64 13.07 12.23
CA LYS B 24 -0.50 13.89 11.84
C LYS B 24 -0.09 15.30 11.36
N VAL B 25 0.86 15.38 10.42
CA VAL B 25 1.40 16.65 9.92
C VAL B 25 0.34 17.46 9.16
N GLU C 1 -8.46 -9.75 6.54
CA GLU C 1 -9.41 -10.87 6.43
C GLU C 1 -9.79 -11.16 4.96
N ASN C 2 -10.36 -12.35 4.71
CA ASN C 2 -10.95 -12.76 3.44
C ASN C 2 -9.96 -13.00 2.28
N ARG C 3 -8.84 -12.27 2.25
CA ARG C 3 -7.88 -12.27 1.15
C ARG C 3 -6.51 -11.75 1.61
N GLU C 4 -5.47 -12.03 0.83
CA GLU C 4 -4.12 -11.52 1.06
C GLU C 4 -3.95 -10.10 0.50
N VAL C 5 -2.91 -9.42 0.97
CA VAL C 5 -2.48 -8.14 0.44
C VAL C 5 -1.68 -8.39 -0.85
N PRO C 6 -2.01 -7.75 -1.98
CA PRO C 6 -1.36 -8.03 -3.25
C PRO C 6 0.12 -7.57 -3.23
N PRO C 7 1.08 -8.39 -3.69
CA PRO C 7 2.50 -8.03 -3.77
C PRO C 7 2.80 -6.63 -4.32
N GLY C 8 1.98 -6.15 -5.27
CA GLY C 8 2.02 -4.77 -5.76
C GLY C 8 2.08 -3.73 -4.64
N PHE C 9 1.38 -3.95 -3.52
CA PHE C 9 1.49 -3.14 -2.32
C PHE C 9 2.93 -3.11 -1.79
N THR C 10 3.52 -4.28 -1.53
CA THR C 10 4.90 -4.39 -1.05
C THR C 10 5.87 -3.66 -1.98
N ALA C 11 5.74 -3.91 -3.30
CA ALA C 11 6.52 -3.21 -4.32
C ALA C 11 6.32 -1.69 -4.25
N LEU C 12 5.07 -1.22 -4.22
CA LEU C 12 4.72 0.18 -4.02
C LEU C 12 5.42 0.75 -2.80
N ILE C 13 5.26 0.16 -1.62
CA ILE C 13 5.93 0.63 -0.40
C ILE C 13 7.45 0.70 -0.58
N LYS C 14 8.09 -0.37 -1.04
CA LYS C 14 9.54 -0.36 -1.28
C LYS C 14 9.97 0.78 -2.23
N THR C 15 9.37 0.85 -3.42
CA THR C 15 9.66 1.89 -4.40
C THR C 15 9.36 3.30 -3.87
N LEU C 16 8.29 3.47 -3.11
CA LEU C 16 7.95 4.73 -2.44
C LEU C 16 9.03 5.13 -1.45
N ARG C 17 9.37 4.26 -0.50
CA ARG C 17 10.44 4.50 0.46
C ARG C 17 11.76 4.86 -0.26
N LYS C 18 12.12 4.10 -1.29
CA LYS C 18 13.26 4.44 -2.15
C LYS C 18 13.14 5.86 -2.74
N CYS C 19 12.06 6.16 -3.46
CA CYS C 19 11.78 7.49 -4.02
C CYS C 19 11.90 8.61 -2.97
N LYS C 20 11.35 8.41 -1.79
CA LYS C 20 11.43 9.36 -0.67
C LYS C 20 12.75 9.30 0.10
N ILE C 21 13.69 8.43 -0.28
CA ILE C 21 14.97 8.18 0.38
C ILE C 21 14.81 7.51 1.76
N ILE C 22 14.07 8.15 2.66
CA ILE C 22 13.82 7.66 4.02
C ILE C 22 13.16 6.28 4.07
N ASN D 1 -17.64 -10.68 -6.08
CA ASN D 1 -16.42 -9.84 -6.22
C ASN D 1 -16.76 -8.43 -6.76
N LEU D 2 -15.90 -7.44 -6.47
CA LEU D 2 -16.04 -6.08 -6.99
C LEU D 2 -15.96 -6.03 -8.52
N VAL D 3 -15.02 -6.79 -9.10
CA VAL D 3 -14.69 -6.83 -10.53
C VAL D 3 -14.22 -5.45 -11.03
N SER D 4 -15.16 -4.52 -11.18
CA SER D 4 -14.93 -3.09 -11.41
C SER D 4 -13.87 -2.53 -10.44
N GLY D 5 -14.23 -2.41 -9.17
CA GLY D 5 -13.34 -1.99 -8.09
C GLY D 5 -12.01 -2.74 -8.10
N LEU D 6 -12.03 -4.05 -8.35
CA LEU D 6 -10.81 -4.84 -8.47
C LEU D 6 -9.91 -4.32 -9.60
N ILE D 7 -10.37 -4.30 -10.85
CA ILE D 7 -9.54 -3.82 -11.96
C ILE D 7 -9.07 -2.38 -11.75
N GLU D 8 -9.95 -1.50 -11.26
CA GLU D 8 -9.54 -0.14 -10.90
C GLU D 8 -8.45 -0.13 -9.82
N ALA D 9 -8.58 -0.97 -8.78
CA ALA D 9 -7.52 -1.16 -7.79
C ALA D 9 -6.21 -1.63 -8.42
N ARG D 10 -6.24 -2.65 -9.30
CA ARG D 10 -5.05 -3.08 -10.05
C ARG D 10 -4.41 -1.90 -10.79
N LYS D 11 -5.20 -1.20 -11.61
CA LYS D 11 -4.73 -0.03 -12.38
C LYS D 11 -4.08 1.02 -11.46
N TYR D 12 -4.80 1.46 -10.43
CA TYR D 12 -4.32 2.44 -9.46
C TYR D 12 -3.02 1.97 -8.76
N LEU D 13 -3.06 0.79 -8.15
CA LEU D 13 -1.93 0.17 -7.47
C LEU D 13 -0.69 0.13 -8.39
N GLU D 14 -0.86 -0.41 -9.60
CA GLU D 14 0.21 -0.45 -10.59
C GLU D 14 0.69 0.95 -10.98
N GLN D 15 -0.21 1.89 -11.26
CA GLN D 15 0.14 3.26 -11.60
C GLN D 15 0.98 3.93 -10.50
N LEU D 16 0.58 3.81 -9.24
CA LEU D 16 1.40 4.27 -8.12
C LEU D 16 2.76 3.56 -8.12
N HIS D 17 2.76 2.22 -8.04
CA HIS D 17 3.99 1.42 -8.07
C HIS D 17 4.97 1.87 -9.17
N ARG D 18 4.55 1.82 -10.44
CA ARG D 18 5.40 2.23 -11.54
C ARG D 18 5.82 3.69 -11.47
N LYS D 19 4.95 4.61 -11.02
CA LYS D 19 5.34 6.01 -10.80
C LYS D 19 6.47 6.13 -9.76
N LEU D 20 6.31 5.53 -8.57
CA LEU D 20 7.36 5.56 -7.55
C LEU D 20 8.65 4.84 -8.02
N LYS D 21 8.51 3.71 -8.73
CA LYS D 21 9.63 3.03 -9.37
C LYS D 21 10.34 3.93 -10.39
N ASN D 22 9.57 4.68 -11.19
CA ASN D 22 10.09 5.64 -12.18
C ASN D 22 10.77 6.82 -11.50
N CYS D 23 10.25 7.32 -10.37
CA CYS D 23 10.92 8.31 -9.54
C CYS D 23 12.34 7.85 -9.16
N LYS D 24 12.44 6.75 -8.40
CA LYS D 24 13.69 6.12 -7.96
C LYS D 24 14.61 7.02 -7.11
N VAL D 25 15.21 8.05 -7.71
CA VAL D 25 16.27 8.89 -7.15
C VAL D 25 17.32 8.11 -6.33
N GLU A 1 -4.25 -16.60 -8.83
CA GLU A 1 -5.12 -16.63 -7.63
C GLU A 1 -6.19 -15.52 -7.67
N ASN A 2 -7.32 -15.76 -7.00
CA ASN A 2 -8.46 -14.84 -6.87
C ASN A 2 -8.15 -13.63 -5.96
N ARG A 3 -7.14 -12.84 -6.35
CA ARG A 3 -6.51 -11.78 -5.56
C ARG A 3 -7.20 -10.42 -5.70
N GLU A 4 -7.56 -9.80 -4.56
CA GLU A 4 -8.12 -8.46 -4.47
C GLU A 4 -7.32 -7.54 -3.54
N VAL A 5 -7.25 -6.25 -3.89
CA VAL A 5 -6.55 -5.22 -3.12
C VAL A 5 -7.40 -4.74 -1.94
N PRO A 6 -6.94 -4.82 -0.68
CA PRO A 6 -7.72 -4.43 0.47
C PRO A 6 -7.87 -2.90 0.57
N PRO A 7 -9.07 -2.36 0.89
CA PRO A 7 -9.28 -0.95 1.23
C PRO A 7 -8.25 -0.38 2.22
N GLY A 8 -7.73 -1.22 3.13
CA GLY A 8 -6.60 -0.90 3.99
C GLY A 8 -5.44 -0.23 3.24
N PHE A 9 -5.13 -0.67 2.01
CA PHE A 9 -4.17 -0.01 1.15
C PHE A 9 -4.55 1.45 0.88
N THR A 10 -5.79 1.68 0.41
CA THR A 10 -6.33 3.01 0.17
C THR A 10 -6.26 3.89 1.42
N ALA A 11 -6.67 3.33 2.57
CA ALA A 11 -6.60 4.02 3.87
C ALA A 11 -5.15 4.39 4.23
N LEU A 12 -4.21 3.44 4.09
CA LEU A 12 -2.78 3.68 4.24
C LEU A 12 -2.33 4.83 3.34
N ILE A 13 -2.58 4.75 2.03
CA ILE A 13 -2.27 5.80 1.07
C ILE A 13 -2.83 7.16 1.52
N LYS A 14 -4.10 7.22 1.91
CA LYS A 14 -4.69 8.46 2.44
C LYS A 14 -3.87 9.02 3.61
N THR A 15 -3.59 8.19 4.63
CA THR A 15 -2.76 8.62 5.76
C THR A 15 -1.31 8.98 5.36
N LEU A 16 -0.74 8.29 4.37
CA LEU A 16 0.59 8.60 3.84
C LEU A 16 0.59 9.98 3.19
N ARG A 17 -0.36 10.20 2.27
CA ARG A 17 -0.59 11.48 1.61
C ARG A 17 -0.79 12.60 2.64
N LYS A 18 -1.62 12.38 3.67
CA LYS A 18 -1.73 13.31 4.79
C LYS A 18 -0.37 13.58 5.44
N CYS A 19 0.28 12.54 5.99
CA CYS A 19 1.57 12.64 6.67
C CYS A 19 2.63 13.40 5.86
N LYS A 20 2.73 13.11 4.57
CA LYS A 20 3.71 13.73 3.66
C LYS A 20 3.15 14.97 2.93
N ILE A 21 1.92 15.40 3.24
CA ILE A 21 1.19 16.48 2.56
C ILE A 21 0.79 16.11 1.11
N ILE A 22 1.77 15.77 0.27
CA ILE A 22 1.59 15.30 -1.11
C ILE A 22 1.50 13.77 -1.19
N ASN B 1 -4.50 -18.24 -0.75
CA ASN B 1 -4.07 -17.24 0.24
C ASN B 1 -2.70 -17.59 0.85
N LEU B 2 -1.75 -16.64 0.82
CA LEU B 2 -0.40 -16.85 1.33
C LEU B 2 -0.39 -16.68 2.86
N VAL B 3 -1.08 -17.58 3.59
CA VAL B 3 -1.30 -17.51 5.03
C VAL B 3 -0.08 -17.07 5.83
N SER B 4 1.07 -17.73 5.62
CA SER B 4 2.35 -17.39 6.27
C SER B 4 2.75 -15.92 6.10
N GLY B 5 2.43 -15.32 4.95
CA GLY B 5 2.63 -13.89 4.67
C GLY B 5 1.49 -13.04 5.26
N LEU B 6 0.24 -13.43 5.01
CA LEU B 6 -0.99 -12.72 5.40
C LEU B 6 -0.85 -11.96 6.73
N ILE B 7 -0.67 -12.68 7.84
CA ILE B 7 -0.64 -12.07 9.16
C ILE B 7 0.46 -11.00 9.29
N GLU B 8 1.68 -11.29 8.83
CA GLU B 8 2.80 -10.36 8.88
C GLU B 8 2.52 -9.12 8.01
N ALA B 9 2.08 -9.34 6.77
CA ALA B 9 1.75 -8.25 5.85
C ALA B 9 0.63 -7.35 6.40
N ARG B 10 -0.46 -7.95 6.90
CA ARG B 10 -1.52 -7.26 7.62
C ARG B 10 -0.98 -6.44 8.80
N LYS B 11 -0.22 -7.06 9.70
CA LYS B 11 0.39 -6.37 10.84
C LYS B 11 1.27 -5.20 10.41
N TYR B 12 2.14 -5.41 9.41
CA TYR B 12 3.00 -4.35 8.88
C TYR B 12 2.17 -3.19 8.31
N LEU B 13 1.24 -3.49 7.39
CA LEU B 13 0.32 -2.52 6.81
C LEU B 13 -0.42 -1.73 7.92
N GLU B 14 -1.02 -2.45 8.88
CA GLU B 14 -1.71 -1.88 10.02
C GLU B 14 -0.81 -0.91 10.82
N GLN B 15 0.36 -1.37 11.25
CA GLN B 15 1.31 -0.54 12.00
C GLN B 15 1.72 0.70 11.18
N LEU B 16 2.11 0.53 9.93
CA LEU B 16 2.50 1.64 9.06
C LEU B 16 1.35 2.65 8.90
N HIS B 17 0.16 2.18 8.50
CA HIS B 17 -1.05 2.99 8.45
C HIS B 17 -1.31 3.74 9.77
N ARG B 18 -1.23 3.04 10.91
CA ARG B 18 -1.40 3.65 12.23
C ARG B 18 -0.37 4.75 12.50
N LYS B 19 0.93 4.50 12.25
CA LYS B 19 1.96 5.51 12.36
C LYS B 19 1.65 6.73 11.48
N LEU B 20 1.32 6.50 10.21
CA LEU B 20 0.95 7.56 9.28
C LEU B 20 -0.31 8.31 9.73
N LYS B 21 -1.29 7.63 10.33
CA LYS B 21 -2.44 8.26 10.97
C LYS B 21 -1.99 9.15 12.15
N ASN B 22 -1.09 8.63 13.00
CA ASN B 22 -0.51 9.38 14.12
C ASN B 22 0.27 10.61 13.63
N CYS B 23 0.93 10.52 12.48
CA CYS B 23 1.54 11.65 11.77
C CYS B 23 0.47 12.63 11.23
N LYS B 24 -0.33 13.20 12.12
CA LYS B 24 -1.52 13.99 11.77
C LYS B 24 -1.15 15.43 11.39
N VAL B 25 -0.30 15.59 10.37
CA VAL B 25 0.15 16.88 9.85
C VAL B 25 -0.53 17.25 8.52
N GLU C 1 -11.60 -12.65 -4.54
CA GLU C 1 -12.12 -13.29 -3.31
C GLU C 1 -11.16 -13.13 -2.14
N ASN C 2 -9.88 -13.47 -2.35
CA ASN C 2 -8.84 -13.27 -1.35
C ASN C 2 -8.50 -11.78 -1.25
N ARG C 3 -8.83 -11.12 -0.13
CA ARG C 3 -8.53 -9.71 0.10
C ARG C 3 -7.18 -9.47 0.82
N GLU C 4 -6.25 -10.42 0.74
CA GLU C 4 -4.90 -10.33 1.33
C GLU C 4 -4.06 -9.16 0.78
N VAL C 5 -3.14 -8.65 1.60
CA VAL C 5 -2.17 -7.65 1.18
C VAL C 5 -1.30 -8.19 0.03
N PRO C 6 -1.34 -7.60 -1.19
CA PRO C 6 -0.64 -8.15 -2.35
C PRO C 6 0.86 -7.82 -2.30
N PRO C 7 1.73 -8.70 -2.84
CA PRO C 7 3.14 -8.40 -3.08
C PRO C 7 3.36 -7.03 -3.74
N GLY C 8 2.47 -6.63 -4.65
CA GLY C 8 2.42 -5.30 -5.24
C GLY C 8 2.52 -4.17 -4.22
N PHE C 9 1.88 -4.30 -3.04
CA PHE C 9 2.02 -3.34 -1.95
C PHE C 9 3.44 -3.30 -1.41
N THR C 10 4.02 -4.47 -1.08
CA THR C 10 5.41 -4.57 -0.64
C THR C 10 6.36 -3.93 -1.67
N ALA C 11 6.16 -4.23 -2.95
CA ALA C 11 6.91 -3.65 -4.05
C ALA C 11 6.70 -2.13 -4.16
N LEU C 12 5.47 -1.63 -4.00
CA LEU C 12 5.18 -0.22 -3.86
C LEU C 12 6.01 0.40 -2.73
N ILE C 13 5.91 -0.12 -1.51
CA ILE C 13 6.70 0.37 -0.37
C ILE C 13 8.20 0.36 -0.67
N LYS C 14 8.74 -0.75 -1.18
CA LYS C 14 10.14 -0.84 -1.58
C LYS C 14 10.52 0.27 -2.58
N THR C 15 9.75 0.41 -3.67
CA THR C 15 9.98 1.47 -4.66
C THR C 15 9.76 2.88 -4.09
N LEU C 16 8.88 3.05 -3.10
CA LEU C 16 8.73 4.29 -2.34
C LEU C 16 10.02 4.61 -1.60
N ARG C 17 10.52 3.68 -0.77
CA ARG C 17 11.80 3.85 -0.08
C ARG C 17 12.94 4.14 -1.05
N LYS C 18 13.03 3.39 -2.16
CA LYS C 18 13.97 3.69 -3.24
C LYS C 18 13.84 5.14 -3.73
N CYS C 19 12.65 5.54 -4.22
CA CYS C 19 12.39 6.90 -4.70
C CYS C 19 12.79 7.96 -3.65
N LYS C 20 12.43 7.73 -2.39
CA LYS C 20 12.74 8.56 -1.24
C LYS C 20 14.21 8.47 -0.78
N ILE C 21 15.00 7.53 -1.33
CA ILE C 21 16.33 7.15 -0.87
C ILE C 21 16.29 6.42 0.48
N ILE C 22 15.70 7.06 1.50
CA ILE C 22 15.53 6.50 2.83
C ILE C 22 14.49 5.35 2.82
N ASN D 1 -19.88 -0.38 -4.42
CA ASN D 1 -19.51 -1.10 -5.66
C ASN D 1 -18.09 -1.69 -5.57
N LEU D 2 -17.99 -2.90 -5.02
CA LEU D 2 -16.74 -3.62 -4.82
C LEU D 2 -15.93 -3.79 -6.12
N VAL D 3 -16.60 -4.01 -7.26
CA VAL D 3 -15.94 -4.15 -8.55
C VAL D 3 -15.21 -2.85 -8.93
N SER D 4 -15.92 -1.72 -8.90
CA SER D 4 -15.31 -0.41 -9.14
C SER D 4 -14.15 -0.16 -8.17
N GLY D 5 -14.39 -0.34 -6.87
CA GLY D 5 -13.35 -0.23 -5.84
C GLY D 5 -12.11 -1.05 -6.18
N LEU D 6 -12.31 -2.35 -6.49
CA LEU D 6 -11.26 -3.27 -6.90
C LEU D 6 -10.46 -2.74 -8.09
N ILE D 7 -11.11 -2.49 -9.24
CA ILE D 7 -10.37 -2.05 -10.43
C ILE D 7 -9.65 -0.71 -10.20
N GLU D 8 -10.32 0.26 -9.56
CA GLU D 8 -9.67 1.53 -9.22
C GLU D 8 -8.46 1.31 -8.29
N ALA D 9 -8.61 0.51 -7.24
CA ALA D 9 -7.51 0.15 -6.34
C ALA D 9 -6.34 -0.50 -7.10
N ARG D 10 -6.61 -1.50 -7.94
CA ARG D 10 -5.60 -2.13 -8.80
C ARG D 10 -4.89 -1.10 -9.69
N LYS D 11 -5.64 -0.30 -10.46
CA LYS D 11 -5.08 0.73 -11.33
C LYS D 11 -4.23 1.73 -10.55
N TYR D 12 -4.74 2.25 -9.42
CA TYR D 12 -3.98 3.17 -8.57
C TYR D 12 -2.71 2.52 -8.03
N LEU D 13 -2.81 1.33 -7.42
CA LEU D 13 -1.67 0.54 -6.96
C LEU D 13 -0.59 0.44 -8.05
N GLU D 14 -0.98 -0.07 -9.23
CA GLU D 14 -0.12 -0.16 -10.40
C GLU D 14 0.53 1.19 -10.74
N GLN D 15 -0.28 2.22 -11.01
CA GLN D 15 0.19 3.54 -11.40
C GLN D 15 1.17 4.14 -10.38
N LEU D 16 0.82 4.09 -9.09
CA LEU D 16 1.60 4.67 -8.01
C LEU D 16 2.93 3.92 -7.86
N HIS D 17 2.88 2.59 -7.75
CA HIS D 17 4.07 1.73 -7.76
C HIS D 17 4.96 2.02 -8.98
N ARG D 18 4.37 2.08 -10.18
CA ARG D 18 5.08 2.41 -11.41
C ARG D 18 5.76 3.78 -11.32
N LYS D 19 5.02 4.83 -10.93
CA LYS D 19 5.58 6.16 -10.75
C LYS D 19 6.80 6.15 -9.82
N LEU D 20 6.67 5.50 -8.66
CA LEU D 20 7.79 5.30 -7.73
C LEU D 20 8.96 4.57 -8.39
N LYS D 21 8.72 3.40 -9.02
CA LYS D 21 9.75 2.70 -9.79
C LYS D 21 10.45 3.63 -10.79
N ASN D 22 9.67 4.45 -11.52
CA ASN D 22 10.17 5.41 -12.50
C ASN D 22 11.07 6.51 -11.89
N CYS D 23 11.10 6.69 -10.57
CA CYS D 23 12.13 7.53 -9.94
C CYS D 23 13.54 6.99 -10.24
N LYS D 24 13.69 5.67 -10.39
CA LYS D 24 14.92 4.97 -10.73
C LYS D 24 15.99 5.02 -9.62
N VAL D 25 16.43 6.21 -9.22
CA VAL D 25 17.30 6.41 -8.06
C VAL D 25 16.57 6.03 -6.75
N GLU A 1 -2.14 -9.04 -12.99
CA GLU A 1 -2.85 -10.19 -12.39
C GLU A 1 -3.87 -9.74 -11.33
N ASN A 2 -4.81 -10.62 -10.98
CA ASN A 2 -5.95 -10.40 -10.09
C ASN A 2 -5.54 -10.21 -8.61
N ARG A 3 -4.79 -9.13 -8.35
CA ARG A 3 -4.39 -8.68 -7.02
C ARG A 3 -5.58 -8.08 -6.24
N GLU A 4 -5.91 -8.64 -5.08
CA GLU A 4 -6.80 -7.96 -4.15
C GLU A 4 -6.09 -6.74 -3.52
N VAL A 5 -6.86 -5.77 -3.02
CA VAL A 5 -6.33 -4.53 -2.46
C VAL A 5 -7.38 -3.88 -1.55
N PRO A 6 -7.16 -3.84 -0.22
CA PRO A 6 -8.17 -3.42 0.73
C PRO A 6 -8.19 -1.89 0.91
N PRO A 7 -9.33 -1.29 1.33
CA PRO A 7 -9.42 0.13 1.69
C PRO A 7 -8.26 0.63 2.56
N GLY A 8 -7.83 -0.19 3.53
CA GLY A 8 -6.64 0.04 4.34
C GLY A 8 -5.40 0.51 3.55
N PHE A 9 -5.18 -0.02 2.35
CA PHE A 9 -4.12 0.46 1.46
C PHE A 9 -4.33 1.93 1.07
N THR A 10 -5.49 2.25 0.48
CA THR A 10 -5.84 3.61 0.09
C THR A 10 -5.73 4.57 1.28
N ALA A 11 -6.25 4.16 2.45
CA ALA A 11 -6.16 4.92 3.68
C ALA A 11 -4.71 5.09 4.17
N LEU A 12 -3.87 4.05 4.07
CA LEU A 12 -2.43 4.19 4.25
C LEU A 12 -1.88 5.26 3.30
N ILE A 13 -2.11 5.15 1.99
CA ILE A 13 -1.62 6.14 1.02
C ILE A 13 -2.05 7.57 1.40
N LYS A 14 -3.33 7.78 1.73
CA LYS A 14 -3.82 9.07 2.20
C LYS A 14 -3.04 9.56 3.44
N THR A 15 -3.03 8.78 4.51
CA THR A 15 -2.34 9.16 5.75
C THR A 15 -0.82 9.36 5.55
N LEU A 16 -0.18 8.55 4.71
CA LEU A 16 1.20 8.73 4.28
C LEU A 16 1.38 10.07 3.57
N ARG A 17 0.59 10.32 2.52
CA ARG A 17 0.59 11.56 1.76
C ARG A 17 0.45 12.79 2.67
N LYS A 18 -0.44 12.74 3.66
CA LYS A 18 -0.49 13.76 4.70
C LYS A 18 0.82 13.81 5.50
N CYS A 19 1.16 12.72 6.20
CA CYS A 19 2.31 12.65 7.11
C CYS A 19 3.62 13.16 6.51
N LYS A 20 3.93 12.73 5.28
CA LYS A 20 5.14 13.12 4.58
C LYS A 20 5.07 14.52 3.93
N ILE A 21 3.96 15.24 4.08
CA ILE A 21 3.73 16.59 3.54
C ILE A 21 3.56 16.60 2.02
N ILE A 22 4.46 15.96 1.27
CA ILE A 22 4.30 15.68 -0.16
C ILE A 22 3.46 14.43 -0.39
N ASN B 1 -0.34 -20.27 3.27
CA ASN B 1 -1.63 -19.54 3.19
C ASN B 1 -1.97 -19.19 1.73
N LEU B 2 -2.66 -18.06 1.48
CA LEU B 2 -2.87 -17.52 0.15
C LEU B 2 -1.56 -17.04 -0.50
N VAL B 3 -0.72 -16.30 0.25
CA VAL B 3 0.50 -15.70 -0.30
C VAL B 3 1.60 -15.46 0.75
N SER B 4 2.86 -15.48 0.28
CA SER B 4 4.10 -15.33 1.03
C SER B 4 4.04 -14.32 2.19
N GLY B 5 3.84 -14.81 3.41
CA GLY B 5 3.82 -13.99 4.62
C GLY B 5 2.69 -12.96 4.66
N LEU B 6 1.53 -13.29 4.08
CA LEU B 6 0.34 -12.43 4.09
C LEU B 6 0.08 -11.78 5.46
N ILE B 7 0.01 -12.58 6.52
CA ILE B 7 -0.22 -12.07 7.87
C ILE B 7 0.86 -11.07 8.33
N GLU B 8 2.14 -11.34 8.07
CA GLU B 8 3.21 -10.37 8.35
C GLU B 8 2.99 -9.07 7.56
N ALA B 9 2.76 -9.18 6.25
CA ALA B 9 2.44 -8.03 5.41
C ALA B 9 1.23 -7.24 5.93
N ARG B 10 0.18 -7.94 6.36
CA ARG B 10 -1.02 -7.34 6.95
C ARG B 10 -0.71 -6.60 8.25
N LYS B 11 -0.01 -7.24 9.19
CA LYS B 11 0.45 -6.58 10.42
C LYS B 11 1.27 -5.33 10.10
N TYR B 12 2.31 -5.48 9.27
CA TYR B 12 3.12 -4.35 8.77
C TYR B 12 2.25 -3.21 8.23
N LEU B 13 1.40 -3.50 7.23
CA LEU B 13 0.41 -2.57 6.68
C LEU B 13 -0.38 -1.86 7.79
N GLU B 14 -1.02 -2.64 8.66
CA GLU B 14 -1.86 -2.12 9.74
C GLU B 14 -1.08 -1.18 10.69
N GLN B 15 0.01 -1.67 11.26
CA GLN B 15 0.85 -0.91 12.18
C GLN B 15 1.42 0.34 11.51
N LEU B 16 1.97 0.22 10.31
CA LEU B 16 2.46 1.36 9.53
C LEU B 16 1.34 2.39 9.30
N HIS B 17 0.18 1.95 8.78
CA HIS B 17 -0.98 2.82 8.60
C HIS B 17 -1.38 3.52 9.91
N ARG B 18 -1.49 2.77 11.01
CA ARG B 18 -1.79 3.33 12.33
C ARG B 18 -0.77 4.41 12.73
N LYS B 19 0.52 4.15 12.59
CA LYS B 19 1.56 5.15 12.82
C LYS B 19 1.36 6.40 11.94
N LEU B 20 1.20 6.22 10.63
CA LEU B 20 0.99 7.31 9.68
C LEU B 20 -0.33 8.06 9.93
N LYS B 21 -1.37 7.39 10.46
CA LYS B 21 -2.57 8.06 10.95
C LYS B 21 -2.23 8.90 12.19
N ASN B 22 -1.60 8.31 13.21
CA ASN B 22 -1.17 9.00 14.43
C ASN B 22 -0.28 10.22 14.13
N CYS B 23 0.57 10.14 13.10
CA CYS B 23 1.35 11.26 12.58
C CYS B 23 0.48 12.51 12.30
N LYS B 24 -0.77 12.30 11.86
CA LYS B 24 -1.87 13.27 11.74
C LYS B 24 -1.68 14.46 10.78
N VAL B 25 -0.57 15.19 10.87
CA VAL B 25 -0.26 16.32 9.99
C VAL B 25 -0.32 15.92 8.50
N GLU C 1 -10.69 -5.37 9.74
CA GLU C 1 -10.72 -5.24 8.28
C GLU C 1 -10.04 -6.42 7.57
N ASN C 2 -10.68 -6.98 6.54
CA ASN C 2 -10.18 -8.11 5.75
C ASN C 2 -9.01 -7.72 4.82
N ARG C 3 -7.90 -7.26 5.39
CA ARG C 3 -6.76 -6.73 4.65
C ARG C 3 -5.94 -7.81 3.92
N GLU C 4 -6.51 -8.38 2.86
CA GLU C 4 -5.83 -9.32 1.95
C GLU C 4 -4.79 -8.57 1.09
N VAL C 5 -3.71 -8.11 1.74
CA VAL C 5 -2.67 -7.28 1.13
C VAL C 5 -1.74 -8.09 0.21
N PRO C 6 -1.53 -7.67 -1.06
CA PRO C 6 -0.71 -8.41 -2.00
C PRO C 6 0.77 -8.01 -1.90
N PRO C 7 1.72 -8.87 -2.31
CA PRO C 7 3.13 -8.51 -2.49
C PRO C 7 3.34 -7.21 -3.29
N GLY C 8 2.45 -6.92 -4.23
CA GLY C 8 2.38 -5.64 -4.93
C GLY C 8 2.45 -4.44 -3.99
N PHE C 9 1.78 -4.49 -2.84
CA PHE C 9 1.90 -3.44 -1.82
C PHE C 9 3.34 -3.37 -1.27
N THR C 10 3.92 -4.50 -0.89
CA THR C 10 5.31 -4.57 -0.42
C THR C 10 6.27 -3.91 -1.44
N ALA C 11 6.14 -4.28 -2.70
CA ALA C 11 6.89 -3.65 -3.80
C ALA C 11 6.61 -2.14 -3.89
N LEU C 12 5.33 -1.74 -3.84
CA LEU C 12 4.92 -0.35 -3.81
C LEU C 12 5.61 0.42 -2.67
N ILE C 13 5.38 0.05 -1.41
CA ILE C 13 5.94 0.78 -0.26
C ILE C 13 7.47 0.84 -0.30
N LYS C 14 8.15 -0.25 -0.69
CA LYS C 14 9.59 -0.22 -0.93
C LYS C 14 9.97 0.83 -1.99
N THR C 15 9.36 0.78 -3.17
CA THR C 15 9.60 1.78 -4.21
C THR C 15 9.19 3.21 -3.79
N LEU C 16 8.17 3.35 -2.94
CA LEU C 16 7.78 4.62 -2.33
C LEU C 16 8.90 5.16 -1.46
N ARG C 17 9.41 4.34 -0.53
CA ARG C 17 10.58 4.67 0.28
C ARG C 17 11.75 5.10 -0.61
N LYS C 18 12.10 4.32 -1.63
CA LYS C 18 13.14 4.68 -2.59
C LYS C 18 12.85 6.02 -3.29
N CYS C 19 11.60 6.27 -3.71
CA CYS C 19 11.24 7.53 -4.37
C CYS C 19 11.35 8.75 -3.43
N LYS C 20 10.66 8.72 -2.29
CA LYS C 20 10.57 9.86 -1.38
C LYS C 20 11.79 10.02 -0.45
N ILE C 21 12.43 8.91 -0.05
CA ILE C 21 13.45 8.84 0.99
C ILE C 21 12.84 9.13 2.38
N ILE C 22 12.26 10.31 2.58
CA ILE C 22 11.58 10.70 3.82
C ILE C 22 10.36 9.82 4.12
N ASN D 1 -15.64 -7.44 -10.09
CA ASN D 1 -15.24 -6.43 -9.10
C ASN D 1 -15.78 -6.75 -7.69
N LEU D 2 -15.00 -7.46 -6.87
CA LEU D 2 -15.42 -7.84 -5.52
C LEU D 2 -15.37 -6.65 -4.55
N VAL D 3 -14.17 -6.17 -4.23
CA VAL D 3 -13.96 -5.07 -3.27
C VAL D 3 -14.43 -3.72 -3.85
N SER D 4 -14.79 -2.78 -2.98
CA SER D 4 -15.18 -1.41 -3.32
C SER D 4 -14.26 -0.76 -4.37
N GLY D 5 -14.70 -0.75 -5.64
CA GLY D 5 -13.90 -0.24 -6.75
C GLY D 5 -12.59 -0.99 -6.99
N LEU D 6 -12.56 -2.31 -6.71
CA LEU D 6 -11.42 -3.20 -6.92
C LEU D 6 -10.66 -2.91 -8.22
N ILE D 7 -11.34 -2.85 -9.36
CA ILE D 7 -10.68 -2.56 -10.64
C ILE D 7 -9.89 -1.23 -10.63
N GLU D 8 -10.48 -0.18 -10.06
CA GLU D 8 -9.84 1.12 -9.93
C GLU D 8 -8.66 1.03 -8.95
N ALA D 9 -8.89 0.41 -7.78
CA ALA D 9 -7.84 0.18 -6.79
C ALA D 9 -6.64 -0.58 -7.37
N ARG D 10 -6.88 -1.67 -8.11
CA ARG D 10 -5.87 -2.43 -8.85
C ARG D 10 -5.06 -1.54 -9.79
N LYS D 11 -5.76 -0.79 -10.66
CA LYS D 11 -5.10 0.14 -11.58
C LYS D 11 -4.25 1.17 -10.84
N TYR D 12 -4.81 1.81 -9.81
CA TYR D 12 -4.12 2.78 -8.98
C TYR D 12 -2.87 2.19 -8.31
N LEU D 13 -3.02 1.07 -7.59
CA LEU D 13 -1.94 0.27 -7.00
C LEU D 13 -0.80 0.09 -8.01
N GLU D 14 -1.10 -0.56 -9.14
CA GLU D 14 -0.13 -0.85 -10.19
C GLU D 14 0.56 0.42 -10.70
N GLN D 15 -0.21 1.40 -11.19
CA GLN D 15 0.36 2.61 -11.79
C GLN D 15 1.16 3.43 -10.77
N LEU D 16 0.66 3.58 -9.54
CA LEU D 16 1.41 4.23 -8.46
C LEU D 16 2.75 3.51 -8.23
N HIS D 17 2.72 2.18 -8.00
CA HIS D 17 3.95 1.40 -7.91
C HIS D 17 4.87 1.62 -9.11
N ARG D 18 4.33 1.57 -10.34
CA ARG D 18 5.09 1.82 -11.56
C ARG D 18 5.81 3.17 -11.53
N LYS D 19 5.07 4.26 -11.26
CA LYS D 19 5.66 5.60 -11.14
C LYS D 19 6.77 5.64 -10.08
N LEU D 20 6.50 5.14 -8.87
CA LEU D 20 7.49 5.11 -7.79
C LEU D 20 8.73 4.26 -8.17
N LYS D 21 8.50 3.13 -8.83
CA LYS D 21 9.53 2.24 -9.37
C LYS D 21 10.36 2.88 -10.49
N ASN D 22 9.76 3.78 -11.28
CA ASN D 22 10.53 4.64 -12.19
C ASN D 22 11.32 5.71 -11.42
N CYS D 23 10.68 6.38 -10.45
CA CYS D 23 11.27 7.43 -9.62
C CYS D 23 12.54 7.00 -8.87
N LYS D 24 12.43 5.99 -7.99
CA LYS D 24 13.51 5.38 -7.20
C LYS D 24 14.79 6.24 -6.99
N VAL D 25 14.76 7.19 -6.05
CA VAL D 25 15.90 8.06 -5.77
C VAL D 25 17.02 7.30 -5.03
#